data_2QU8
# 
_entry.id   2QU8 
# 
_audit_conform.dict_name       mmcif_pdbx.dic 
_audit_conform.dict_version    5.387 
_audit_conform.dict_location   http://mmcif.pdb.org/dictionaries/ascii/mmcif_pdbx.dic 
# 
loop_
_database_2.database_id 
_database_2.database_code 
_database_2.pdbx_database_accession 
_database_2.pdbx_DOI 
PDB   2QU8         pdb_00002qu8 10.2210/pdb2qu8/pdb 
RCSB  RCSB044061   ?            ?                   
WWPDB D_1000044061 ?            ?                   
# 
loop_
_pdbx_audit_revision_history.ordinal 
_pdbx_audit_revision_history.data_content_type 
_pdbx_audit_revision_history.major_revision 
_pdbx_audit_revision_history.minor_revision 
_pdbx_audit_revision_history.revision_date 
1 'Structure model' 1 0 2007-08-28 
2 'Structure model' 1 1 2011-07-13 
3 'Structure model' 1 2 2017-10-25 
4 'Structure model' 1 3 2024-02-21 
# 
_pdbx_audit_revision_details.ordinal             1 
_pdbx_audit_revision_details.revision_ordinal    1 
_pdbx_audit_revision_details.data_content_type   'Structure model' 
_pdbx_audit_revision_details.provider            repository 
_pdbx_audit_revision_details.type                'Initial release' 
_pdbx_audit_revision_details.description         ? 
_pdbx_audit_revision_details.details             ? 
# 
loop_
_pdbx_audit_revision_group.ordinal 
_pdbx_audit_revision_group.revision_ordinal 
_pdbx_audit_revision_group.data_content_type 
_pdbx_audit_revision_group.group 
1 2 'Structure model' 'Source and taxonomy'       
2 2 'Structure model' 'Version format compliance' 
3 3 'Structure model' 'Refinement description'    
4 4 'Structure model' 'Data collection'           
5 4 'Structure model' 'Database references'       
6 4 'Structure model' 'Derived calculations'      
# 
loop_
_pdbx_audit_revision_category.ordinal 
_pdbx_audit_revision_category.revision_ordinal 
_pdbx_audit_revision_category.data_content_type 
_pdbx_audit_revision_category.category 
1 3 'Structure model' software           
2 4 'Structure model' chem_comp_atom     
3 4 'Structure model' chem_comp_bond     
4 4 'Structure model' database_2         
5 4 'Structure model' struct_ref_seq_dif 
6 4 'Structure model' struct_site        
# 
loop_
_pdbx_audit_revision_item.ordinal 
_pdbx_audit_revision_item.revision_ordinal 
_pdbx_audit_revision_item.data_content_type 
_pdbx_audit_revision_item.item 
1 4 'Structure model' '_database_2.pdbx_DOI'                
2 4 'Structure model' '_database_2.pdbx_database_accession' 
3 4 'Structure model' '_struct_ref_seq_dif.details'         
4 4 'Structure model' '_struct_site.pdbx_auth_asym_id'      
5 4 'Structure model' '_struct_site.pdbx_auth_comp_id'      
6 4 'Structure model' '_struct_site.pdbx_auth_seq_id'       
# 
_pdbx_database_status.entry_id                        2QU8 
_pdbx_database_status.deposit_site                    RCSB 
_pdbx_database_status.process_site                    RCSB 
_pdbx_database_status.recvd_initial_deposition_date   2007-08-03 
_pdbx_database_status.status_code                     REL 
_pdbx_database_status.status_code_sf                  REL 
_pdbx_database_status.status_code_mr                  ? 
_pdbx_database_status.SG_entry                        Y 
_pdbx_database_status.pdb_format_compatible           Y 
_pdbx_database_status.status_code_cs                  ? 
_pdbx_database_status.methods_development_category    ? 
_pdbx_database_status.status_code_nmr_data            ? 
# 
loop_
_audit_author.name 
_audit_author.pdbx_ordinal 
'Wernimont, A.K.'                      1  
'Lew, J.'                              2  
'Lin, Y.H.'                            3  
'Kozieradzki, I.'                      4  
'Zhao, Y.'                             5  
'Ravichandran, M.'                     6  
'Shapiro, M.'                          7  
'Bochkarev, A.'                        8  
'Edwards, A.M.'                        9  
'Arrowsmith, C.H.'                     10 
'Weigelt, J.'                          11 
'Sundstrom, M.'                        12 
'Hui, R.'                              13 
'Qiu, W.'                              14 
'Sukumar, D.'                          15 
'Hassanali, A.'                        16 
'Structural Genomics Consortium (SGC)' 17 
# 
_citation.id                        primary 
_citation.title                     
'Crystal structure of putative nucleolar GTP-binding protein 1 PFF0625w from Plasmodium falciparum.' 
_citation.journal_abbrev            'To be Published' 
_citation.journal_volume            ? 
_citation.page_first                ? 
_citation.page_last                 ? 
_citation.year                      ? 
_citation.journal_id_ASTM           ? 
_citation.country                   ? 
_citation.journal_id_ISSN           ? 
_citation.journal_id_CSD            0353 
_citation.book_publisher            ? 
_citation.pdbx_database_id_PubMed   ? 
_citation.pdbx_database_id_DOI      ? 
# 
loop_
_citation_author.citation_id 
_citation_author.name 
_citation_author.ordinal 
_citation_author.identifier_ORCID 
primary 'Wernimont, A.K.'  1  ? 
primary 'Lew, J.'          2  ? 
primary 'Lin, Y.H.'        3  ? 
primary 'Zhao, Y.'         4  ? 
primary 'Kozieradzki, I.'  5  ? 
primary 'Ravichandran, M.' 6  ? 
primary 'Shapiro, M.'      7  ? 
primary 'Bochkarev, A.'    8  ? 
primary 'Edwards, A.M.'    9  ? 
primary 'Arrowsmith, C.H.' 10 ? 
primary 'Weigelt, J.'      11 ? 
primary 'Sundstrom, M.'    12 ? 
primary 'Hui, R.'          13 ? 
primary 'Qiu, W.'          14 ? 
primary 'Sukumar, D.'      15 ? 
primary 'Hassanali, A.'    16 ? 
# 
loop_
_entity.id 
_entity.type 
_entity.src_method 
_entity.pdbx_description 
_entity.formula_weight 
_entity.pdbx_number_of_molecules 
_entity.pdbx_ec 
_entity.pdbx_mutation 
_entity.pdbx_fragment 
_entity.details 
1 polymer     man 'Putative nucleolar GTP-binding protein 1' 25521.195 1  ? ? 'Residues 166-370' ? 
2 non-polymer syn "GUANOSINE-5'-DIPHOSPHATE"                 443.201   1  ? ? ?                  ? 
3 water       nat water                                      18.015    72 ? ? ?                  ? 
# 
_entity_poly.entity_id                      1 
_entity_poly.type                           'polypeptide(L)' 
_entity_poly.nstd_linkage                   no 
_entity_poly.nstd_monomer                   no 
_entity_poly.pdbx_seq_one_letter_code       
;MGSSHHHHHHSSGRENLYFQGLPSINPHKKTIILSGAPNVGKSSFMNIVSRANVDVQSYSFTTKNLYVGHFDHKLNKYQI
IDTPGLLDRAFENRNTIEMTTITALAHINGVILFIIDISEQCGLTIKEQINLFYSIKSVFSNKSIVIGFNKIDKCNMDSL
SIDNKLLIKQILDNVKNPIKFSSFSTLTGVGVEQAKITACELLKNDQAESILLDQEQLLNTKLGETKN
;
_entity_poly.pdbx_seq_one_letter_code_can   
;MGSSHHHHHHSSGRENLYFQGLPSINPHKKTIILSGAPNVGKSSFMNIVSRANVDVQSYSFTTKNLYVGHFDHKLNKYQI
IDTPGLLDRAFENRNTIEMTTITALAHINGVILFIIDISEQCGLTIKEQINLFYSIKSVFSNKSIVIGFNKIDKCNMDSL
SIDNKLLIKQILDNVKNPIKFSSFSTLTGVGVEQAKITACELLKNDQAESILLDQEQLLNTKLGETKN
;
_entity_poly.pdbx_strand_id                 A 
_entity_poly.pdbx_target_identifier         ? 
# 
loop_
_pdbx_entity_nonpoly.entity_id 
_pdbx_entity_nonpoly.name 
_pdbx_entity_nonpoly.comp_id 
2 "GUANOSINE-5'-DIPHOSPHATE" GDP 
3 water                      HOH 
# 
loop_
_entity_poly_seq.entity_id 
_entity_poly_seq.num 
_entity_poly_seq.mon_id 
_entity_poly_seq.hetero 
1 1   MET n 
1 2   GLY n 
1 3   SER n 
1 4   SER n 
1 5   HIS n 
1 6   HIS n 
1 7   HIS n 
1 8   HIS n 
1 9   HIS n 
1 10  HIS n 
1 11  SER n 
1 12  SER n 
1 13  GLY n 
1 14  ARG n 
1 15  GLU n 
1 16  ASN n 
1 17  LEU n 
1 18  TYR n 
1 19  PHE n 
1 20  GLN n 
1 21  GLY n 
1 22  LEU n 
1 23  PRO n 
1 24  SER n 
1 25  ILE n 
1 26  ASN n 
1 27  PRO n 
1 28  HIS n 
1 29  LYS n 
1 30  LYS n 
1 31  THR n 
1 32  ILE n 
1 33  ILE n 
1 34  LEU n 
1 35  SER n 
1 36  GLY n 
1 37  ALA n 
1 38  PRO n 
1 39  ASN n 
1 40  VAL n 
1 41  GLY n 
1 42  LYS n 
1 43  SER n 
1 44  SER n 
1 45  PHE n 
1 46  MET n 
1 47  ASN n 
1 48  ILE n 
1 49  VAL n 
1 50  SER n 
1 51  ARG n 
1 52  ALA n 
1 53  ASN n 
1 54  VAL n 
1 55  ASP n 
1 56  VAL n 
1 57  GLN n 
1 58  SER n 
1 59  TYR n 
1 60  SER n 
1 61  PHE n 
1 62  THR n 
1 63  THR n 
1 64  LYS n 
1 65  ASN n 
1 66  LEU n 
1 67  TYR n 
1 68  VAL n 
1 69  GLY n 
1 70  HIS n 
1 71  PHE n 
1 72  ASP n 
1 73  HIS n 
1 74  LYS n 
1 75  LEU n 
1 76  ASN n 
1 77  LYS n 
1 78  TYR n 
1 79  GLN n 
1 80  ILE n 
1 81  ILE n 
1 82  ASP n 
1 83  THR n 
1 84  PRO n 
1 85  GLY n 
1 86  LEU n 
1 87  LEU n 
1 88  ASP n 
1 89  ARG n 
1 90  ALA n 
1 91  PHE n 
1 92  GLU n 
1 93  ASN n 
1 94  ARG n 
1 95  ASN n 
1 96  THR n 
1 97  ILE n 
1 98  GLU n 
1 99  MET n 
1 100 THR n 
1 101 THR n 
1 102 ILE n 
1 103 THR n 
1 104 ALA n 
1 105 LEU n 
1 106 ALA n 
1 107 HIS n 
1 108 ILE n 
1 109 ASN n 
1 110 GLY n 
1 111 VAL n 
1 112 ILE n 
1 113 LEU n 
1 114 PHE n 
1 115 ILE n 
1 116 ILE n 
1 117 ASP n 
1 118 ILE n 
1 119 SER n 
1 120 GLU n 
1 121 GLN n 
1 122 CYS n 
1 123 GLY n 
1 124 LEU n 
1 125 THR n 
1 126 ILE n 
1 127 LYS n 
1 128 GLU n 
1 129 GLN n 
1 130 ILE n 
1 131 ASN n 
1 132 LEU n 
1 133 PHE n 
1 134 TYR n 
1 135 SER n 
1 136 ILE n 
1 137 LYS n 
1 138 SER n 
1 139 VAL n 
1 140 PHE n 
1 141 SER n 
1 142 ASN n 
1 143 LYS n 
1 144 SER n 
1 145 ILE n 
1 146 VAL n 
1 147 ILE n 
1 148 GLY n 
1 149 PHE n 
1 150 ASN n 
1 151 LYS n 
1 152 ILE n 
1 153 ASP n 
1 154 LYS n 
1 155 CYS n 
1 156 ASN n 
1 157 MET n 
1 158 ASP n 
1 159 SER n 
1 160 LEU n 
1 161 SER n 
1 162 ILE n 
1 163 ASP n 
1 164 ASN n 
1 165 LYS n 
1 166 LEU n 
1 167 LEU n 
1 168 ILE n 
1 169 LYS n 
1 170 GLN n 
1 171 ILE n 
1 172 LEU n 
1 173 ASP n 
1 174 ASN n 
1 175 VAL n 
1 176 LYS n 
1 177 ASN n 
1 178 PRO n 
1 179 ILE n 
1 180 LYS n 
1 181 PHE n 
1 182 SER n 
1 183 SER n 
1 184 PHE n 
1 185 SER n 
1 186 THR n 
1 187 LEU n 
1 188 THR n 
1 189 GLY n 
1 190 VAL n 
1 191 GLY n 
1 192 VAL n 
1 193 GLU n 
1 194 GLN n 
1 195 ALA n 
1 196 LYS n 
1 197 ILE n 
1 198 THR n 
1 199 ALA n 
1 200 CYS n 
1 201 GLU n 
1 202 LEU n 
1 203 LEU n 
1 204 LYS n 
1 205 ASN n 
1 206 ASP n 
1 207 GLN n 
1 208 ALA n 
1 209 GLU n 
1 210 SER n 
1 211 ILE n 
1 212 LEU n 
1 213 LEU n 
1 214 ASP n 
1 215 GLN n 
1 216 GLU n 
1 217 GLN n 
1 218 LEU n 
1 219 LEU n 
1 220 ASN n 
1 221 THR n 
1 222 LYS n 
1 223 LEU n 
1 224 GLY n 
1 225 GLU n 
1 226 THR n 
1 227 LYS n 
1 228 ASN n 
# 
_entity_src_gen.entity_id                          1 
_entity_src_gen.pdbx_src_id                        1 
_entity_src_gen.pdbx_alt_source_flag               sample 
_entity_src_gen.pdbx_seq_type                      ? 
_entity_src_gen.pdbx_beg_seq_num                   ? 
_entity_src_gen.pdbx_end_seq_num                   ? 
_entity_src_gen.gene_src_common_name               ? 
_entity_src_gen.gene_src_genus                     Plasmodium 
_entity_src_gen.pdbx_gene_src_gene                 PFF0625w 
_entity_src_gen.gene_src_species                   'Plasmodium falciparum' 
_entity_src_gen.gene_src_strain                    3D7 
_entity_src_gen.gene_src_tissue                    ? 
_entity_src_gen.gene_src_tissue_fraction           ? 
_entity_src_gen.gene_src_details                   ? 
_entity_src_gen.pdbx_gene_src_fragment             ? 
_entity_src_gen.pdbx_gene_src_scientific_name      'Plasmodium falciparum' 
_entity_src_gen.pdbx_gene_src_ncbi_taxonomy_id     36329 
_entity_src_gen.pdbx_gene_src_variant              ? 
_entity_src_gen.pdbx_gene_src_cell_line            ? 
_entity_src_gen.pdbx_gene_src_atcc                 ? 
_entity_src_gen.pdbx_gene_src_organ                ? 
_entity_src_gen.pdbx_gene_src_organelle            ? 
_entity_src_gen.pdbx_gene_src_cell                 ? 
_entity_src_gen.pdbx_gene_src_cellular_location    ? 
_entity_src_gen.host_org_common_name               ? 
_entity_src_gen.pdbx_host_org_scientific_name      'Escherichia coli' 
_entity_src_gen.pdbx_host_org_ncbi_taxonomy_id     562 
_entity_src_gen.host_org_genus                     Escherichia 
_entity_src_gen.pdbx_host_org_gene                 ? 
_entity_src_gen.pdbx_host_org_organ                ? 
_entity_src_gen.host_org_species                   ? 
_entity_src_gen.pdbx_host_org_tissue               ? 
_entity_src_gen.pdbx_host_org_tissue_fraction      ? 
_entity_src_gen.pdbx_host_org_strain               dh5a 
_entity_src_gen.pdbx_host_org_variant              ? 
_entity_src_gen.pdbx_host_org_cell_line            ? 
_entity_src_gen.pdbx_host_org_atcc                 ? 
_entity_src_gen.pdbx_host_org_culture_collection   ? 
_entity_src_gen.pdbx_host_org_cell                 ? 
_entity_src_gen.pdbx_host_org_organelle            ? 
_entity_src_gen.pdbx_host_org_cellular_location    ? 
_entity_src_gen.pdbx_host_org_vector_type          Plasmid 
_entity_src_gen.pdbx_host_org_vector               ? 
_entity_src_gen.host_org_details                   ? 
_entity_src_gen.expression_system_id               ? 
_entity_src_gen.plasmid_name                       p15-TEV-LIC 
_entity_src_gen.plasmid_details                    ? 
_entity_src_gen.pdbx_description                   ? 
# 
loop_
_chem_comp.id 
_chem_comp.type 
_chem_comp.mon_nstd_flag 
_chem_comp.name 
_chem_comp.pdbx_synonyms 
_chem_comp.formula 
_chem_comp.formula_weight 
ALA 'L-peptide linking' y ALANINE                    ? 'C3 H7 N O2'        89.093  
ARG 'L-peptide linking' y ARGININE                   ? 'C6 H15 N4 O2 1'    175.209 
ASN 'L-peptide linking' y ASPARAGINE                 ? 'C4 H8 N2 O3'       132.118 
ASP 'L-peptide linking' y 'ASPARTIC ACID'            ? 'C4 H7 N O4'        133.103 
CYS 'L-peptide linking' y CYSTEINE                   ? 'C3 H7 N O2 S'      121.158 
GDP 'RNA linking'       n "GUANOSINE-5'-DIPHOSPHATE" ? 'C10 H15 N5 O11 P2' 443.201 
GLN 'L-peptide linking' y GLUTAMINE                  ? 'C5 H10 N2 O3'      146.144 
GLU 'L-peptide linking' y 'GLUTAMIC ACID'            ? 'C5 H9 N O4'        147.129 
GLY 'peptide linking'   y GLYCINE                    ? 'C2 H5 N O2'        75.067  
HIS 'L-peptide linking' y HISTIDINE                  ? 'C6 H10 N3 O2 1'    156.162 
HOH non-polymer         . WATER                      ? 'H2 O'              18.015  
ILE 'L-peptide linking' y ISOLEUCINE                 ? 'C6 H13 N O2'       131.173 
LEU 'L-peptide linking' y LEUCINE                    ? 'C6 H13 N O2'       131.173 
LYS 'L-peptide linking' y LYSINE                     ? 'C6 H15 N2 O2 1'    147.195 
MET 'L-peptide linking' y METHIONINE                 ? 'C5 H11 N O2 S'     149.211 
PHE 'L-peptide linking' y PHENYLALANINE              ? 'C9 H11 N O2'       165.189 
PRO 'L-peptide linking' y PROLINE                    ? 'C5 H9 N O2'        115.130 
SER 'L-peptide linking' y SERINE                     ? 'C3 H7 N O3'        105.093 
THR 'L-peptide linking' y THREONINE                  ? 'C4 H9 N O3'        119.119 
TYR 'L-peptide linking' y TYROSINE                   ? 'C9 H11 N O3'       181.189 
VAL 'L-peptide linking' y VALINE                     ? 'C5 H11 N O2'       117.146 
# 
loop_
_pdbx_poly_seq_scheme.asym_id 
_pdbx_poly_seq_scheme.entity_id 
_pdbx_poly_seq_scheme.seq_id 
_pdbx_poly_seq_scheme.mon_id 
_pdbx_poly_seq_scheme.ndb_seq_num 
_pdbx_poly_seq_scheme.pdb_seq_num 
_pdbx_poly_seq_scheme.auth_seq_num 
_pdbx_poly_seq_scheme.pdb_mon_id 
_pdbx_poly_seq_scheme.auth_mon_id 
_pdbx_poly_seq_scheme.pdb_strand_id 
_pdbx_poly_seq_scheme.pdb_ins_code 
_pdbx_poly_seq_scheme.hetero 
A 1 1   MET 1   1   ?   ?   ?   A . n 
A 1 2   GLY 2   2   ?   ?   ?   A . n 
A 1 3   SER 3   3   ?   ?   ?   A . n 
A 1 4   SER 4   4   ?   ?   ?   A . n 
A 1 5   HIS 5   5   ?   ?   ?   A . n 
A 1 6   HIS 6   6   ?   ?   ?   A . n 
A 1 7   HIS 7   7   ?   ?   ?   A . n 
A 1 8   HIS 8   8   ?   ?   ?   A . n 
A 1 9   HIS 9   9   ?   ?   ?   A . n 
A 1 10  HIS 10  10  ?   ?   ?   A . n 
A 1 11  SER 11  11  ?   ?   ?   A . n 
A 1 12  SER 12  12  ?   ?   ?   A . n 
A 1 13  GLY 13  13  ?   ?   ?   A . n 
A 1 14  ARG 14  14  ?   ?   ?   A . n 
A 1 15  GLU 15  15  ?   ?   ?   A . n 
A 1 16  ASN 16  16  ?   ?   ?   A . n 
A 1 17  LEU 17  17  ?   ?   ?   A . n 
A 1 18  TYR 18  18  ?   ?   ?   A . n 
A 1 19  PHE 19  19  ?   ?   ?   A . n 
A 1 20  GLN 20  20  ?   ?   ?   A . n 
A 1 21  GLY 21  21  ?   ?   ?   A . n 
A 1 22  LEU 22  22  22  LEU LEU A . n 
A 1 23  PRO 23  23  23  PRO PRO A . n 
A 1 24  SER 24  24  24  SER SER A . n 
A 1 25  ILE 25  25  25  ILE ILE A . n 
A 1 26  ASN 26  26  26  ASN ASN A . n 
A 1 27  PRO 27  27  27  PRO PRO A . n 
A 1 28  HIS 28  28  28  HIS HIS A . n 
A 1 29  LYS 29  29  29  LYS LYS A . n 
A 1 30  LYS 30  30  30  LYS LYS A . n 
A 1 31  THR 31  31  31  THR THR A . n 
A 1 32  ILE 32  32  32  ILE ILE A . n 
A 1 33  ILE 33  33  33  ILE ILE A . n 
A 1 34  LEU 34  34  34  LEU LEU A . n 
A 1 35  SER 35  35  35  SER SER A . n 
A 1 36  GLY 36  36  36  GLY GLY A . n 
A 1 37  ALA 37  37  37  ALA ALA A . n 
A 1 38  PRO 38  38  38  PRO PRO A . n 
A 1 39  ASN 39  39  39  ASN ASN A . n 
A 1 40  VAL 40  40  40  VAL VAL A . n 
A 1 41  GLY 41  41  41  GLY GLY A . n 
A 1 42  LYS 42  42  42  LYS LYS A . n 
A 1 43  SER 43  43  43  SER SER A . n 
A 1 44  SER 44  44  44  SER SER A . n 
A 1 45  PHE 45  45  45  PHE PHE A . n 
A 1 46  MET 46  46  46  MET MET A . n 
A 1 47  ASN 47  47  47  ASN ASN A . n 
A 1 48  ILE 48  48  48  ILE ILE A . n 
A 1 49  VAL 49  49  49  VAL VAL A . n 
A 1 50  SER 50  50  50  SER SER A . n 
A 1 51  ARG 51  51  51  ARG ARG A . n 
A 1 52  ALA 52  52  52  ALA ALA A . n 
A 1 53  ASN 53  53  53  ASN ASN A . n 
A 1 54  VAL 54  54  54  VAL VAL A . n 
A 1 55  ASP 55  55  55  ASP ASP A . n 
A 1 56  VAL 56  56  56  VAL VAL A . n 
A 1 57  GLN 57  57  57  GLN GLN A . n 
A 1 58  SER 58  58  58  SER SER A . n 
A 1 59  TYR 59  59  59  TYR TYR A . n 
A 1 60  SER 60  60  ?   ?   ?   A . n 
A 1 61  PHE 61  61  ?   ?   ?   A . n 
A 1 62  THR 62  62  ?   ?   ?   A . n 
A 1 63  THR 63  63  ?   ?   ?   A . n 
A 1 64  LYS 64  64  ?   ?   ?   A . n 
A 1 65  ASN 65  65  65  ASN ASN A . n 
A 1 66  LEU 66  66  66  LEU LEU A . n 
A 1 67  TYR 67  67  67  TYR TYR A . n 
A 1 68  VAL 68  68  68  VAL VAL A . n 
A 1 69  GLY 69  69  69  GLY GLY A . n 
A 1 70  HIS 70  70  70  HIS HIS A . n 
A 1 71  PHE 71  71  71  PHE PHE A . n 
A 1 72  ASP 72  72  72  ASP ASP A . n 
A 1 73  HIS 73  73  73  HIS HIS A . n 
A 1 74  LYS 74  74  74  LYS LYS A . n 
A 1 75  LEU 75  75  75  LEU LEU A . n 
A 1 76  ASN 76  76  76  ASN ASN A . n 
A 1 77  LYS 77  77  77  LYS LYS A . n 
A 1 78  TYR 78  78  78  TYR TYR A . n 
A 1 79  GLN 79  79  79  GLN GLN A . n 
A 1 80  ILE 80  80  80  ILE ILE A . n 
A 1 81  ILE 81  81  81  ILE ILE A . n 
A 1 82  ASP 82  82  82  ASP ASP A . n 
A 1 83  THR 83  83  83  THR THR A . n 
A 1 84  PRO 84  84  84  PRO PRO A . n 
A 1 85  GLY 85  85  85  GLY GLY A . n 
A 1 86  LEU 86  86  86  LEU LEU A . n 
A 1 87  LEU 87  87  87  LEU LEU A . n 
A 1 88  ASP 88  88  88  ASP ASP A . n 
A 1 89  ARG 89  89  89  ARG ARG A . n 
A 1 90  ALA 90  90  90  ALA ALA A . n 
A 1 91  PHE 91  91  91  PHE PHE A . n 
A 1 92  GLU 92  92  92  GLU GLU A . n 
A 1 93  ASN 93  93  93  ASN ASN A . n 
A 1 94  ARG 94  94  94  ARG ARG A . n 
A 1 95  ASN 95  95  95  ASN ASN A . n 
A 1 96  THR 96  96  96  THR THR A . n 
A 1 97  ILE 97  97  97  ILE ILE A . n 
A 1 98  GLU 98  98  98  GLU GLU A . n 
A 1 99  MET 99  99  99  MET MET A . n 
A 1 100 THR 100 100 100 THR THR A . n 
A 1 101 THR 101 101 101 THR THR A . n 
A 1 102 ILE 102 102 102 ILE ILE A . n 
A 1 103 THR 103 103 103 THR THR A . n 
A 1 104 ALA 104 104 104 ALA ALA A . n 
A 1 105 LEU 105 105 105 LEU LEU A . n 
A 1 106 ALA 106 106 106 ALA ALA A . n 
A 1 107 HIS 107 107 107 HIS HIS A . n 
A 1 108 ILE 108 108 108 ILE ILE A . n 
A 1 109 ASN 109 109 109 ASN ASN A . n 
A 1 110 GLY 110 110 110 GLY GLY A . n 
A 1 111 VAL 111 111 111 VAL VAL A . n 
A 1 112 ILE 112 112 112 ILE ILE A . n 
A 1 113 LEU 113 113 113 LEU LEU A . n 
A 1 114 PHE 114 114 114 PHE PHE A . n 
A 1 115 ILE 115 115 115 ILE ILE A . n 
A 1 116 ILE 116 116 116 ILE ILE A . n 
A 1 117 ASP 117 117 117 ASP ASP A . n 
A 1 118 ILE 118 118 118 ILE ILE A . n 
A 1 119 SER 119 119 119 SER SER A . n 
A 1 120 GLU 120 120 120 GLU GLU A . n 
A 1 121 GLN 121 121 121 GLN GLN A . n 
A 1 122 CYS 122 122 122 CYS CYS A . n 
A 1 123 GLY 123 123 123 GLY GLY A . n 
A 1 124 LEU 124 124 124 LEU LEU A . n 
A 1 125 THR 125 125 125 THR THR A . n 
A 1 126 ILE 126 126 126 ILE ILE A . n 
A 1 127 LYS 127 127 127 LYS LYS A . n 
A 1 128 GLU 128 128 128 GLU GLU A . n 
A 1 129 GLN 129 129 129 GLN GLN A . n 
A 1 130 ILE 130 130 130 ILE ILE A . n 
A 1 131 ASN 131 131 131 ASN ASN A . n 
A 1 132 LEU 132 132 132 LEU LEU A . n 
A 1 133 PHE 133 133 133 PHE PHE A . n 
A 1 134 TYR 134 134 134 TYR TYR A . n 
A 1 135 SER 135 135 135 SER SER A . n 
A 1 136 ILE 136 136 136 ILE ILE A . n 
A 1 137 LYS 137 137 137 LYS LYS A . n 
A 1 138 SER 138 138 138 SER SER A . n 
A 1 139 VAL 139 139 139 VAL VAL A . n 
A 1 140 PHE 140 140 140 PHE PHE A . n 
A 1 141 SER 141 141 ?   ?   ?   A . n 
A 1 142 ASN 142 142 142 ASN ASN A . n 
A 1 143 LYS 143 143 143 LYS LYS A . n 
A 1 144 SER 144 144 144 SER SER A . n 
A 1 145 ILE 145 145 145 ILE ILE A . n 
A 1 146 VAL 146 146 146 VAL VAL A . n 
A 1 147 ILE 147 147 147 ILE ILE A . n 
A 1 148 GLY 148 148 148 GLY GLY A . n 
A 1 149 PHE 149 149 149 PHE PHE A . n 
A 1 150 ASN 150 150 150 ASN ASN A . n 
A 1 151 LYS 151 151 151 LYS LYS A . n 
A 1 152 ILE 152 152 152 ILE ILE A . n 
A 1 153 ASP 153 153 153 ASP ASP A . n 
A 1 154 LYS 154 154 154 LYS LYS A . n 
A 1 155 CYS 155 155 155 CYS CYS A . n 
A 1 156 ASN 156 156 156 ASN ASN A . n 
A 1 157 MET 157 157 ?   ?   ?   A . n 
A 1 158 ASP 158 158 ?   ?   ?   A . n 
A 1 159 SER 159 159 159 SER SER A . n 
A 1 160 LEU 160 160 160 LEU LEU A . n 
A 1 161 SER 161 161 161 SER SER A . n 
A 1 162 ILE 162 162 162 ILE ILE A . n 
A 1 163 ASP 163 163 163 ASP ASP A . n 
A 1 164 ASN 164 164 164 ASN ASN A . n 
A 1 165 LYS 165 165 165 LYS LYS A . n 
A 1 166 LEU 166 166 166 LEU LEU A . n 
A 1 167 LEU 167 167 167 LEU LEU A . n 
A 1 168 ILE 168 168 168 ILE ILE A . n 
A 1 169 LYS 169 169 169 LYS LYS A . n 
A 1 170 GLN 170 170 170 GLN GLN A . n 
A 1 171 ILE 171 171 171 ILE ILE A . n 
A 1 172 LEU 172 172 172 LEU LEU A . n 
A 1 173 ASP 173 173 173 ASP ASP A . n 
A 1 174 ASN 174 174 174 ASN ASN A . n 
A 1 175 VAL 175 175 175 VAL VAL A . n 
A 1 176 LYS 176 176 176 LYS LYS A . n 
A 1 177 ASN 177 177 177 ASN ASN A . n 
A 1 178 PRO 178 178 178 PRO PRO A . n 
A 1 179 ILE 179 179 179 ILE ILE A . n 
A 1 180 LYS 180 180 180 LYS LYS A . n 
A 1 181 PHE 181 181 181 PHE PHE A . n 
A 1 182 SER 182 182 182 SER SER A . n 
A 1 183 SER 183 183 183 SER SER A . n 
A 1 184 PHE 184 184 184 PHE PHE A . n 
A 1 185 SER 185 185 185 SER SER A . n 
A 1 186 THR 186 186 186 THR THR A . n 
A 1 187 LEU 187 187 187 LEU LEU A . n 
A 1 188 THR 188 188 188 THR THR A . n 
A 1 189 GLY 189 189 189 GLY GLY A . n 
A 1 190 VAL 190 190 190 VAL VAL A . n 
A 1 191 GLY 191 191 191 GLY GLY A . n 
A 1 192 VAL 192 192 192 VAL VAL A . n 
A 1 193 GLU 193 193 193 GLU GLU A . n 
A 1 194 GLN 194 194 194 GLN GLN A . n 
A 1 195 ALA 195 195 195 ALA ALA A . n 
A 1 196 LYS 196 196 196 LYS LYS A . n 
A 1 197 ILE 197 197 197 ILE ILE A . n 
A 1 198 THR 198 198 198 THR THR A . n 
A 1 199 ALA 199 199 199 ALA ALA A . n 
A 1 200 CYS 200 200 200 CYS CYS A . n 
A 1 201 GLU 201 201 201 GLU GLU A . n 
A 1 202 LEU 202 202 202 LEU LEU A . n 
A 1 203 LEU 203 203 203 LEU LEU A . n 
A 1 204 LYS 204 204 204 LYS LYS A . n 
A 1 205 ASN 205 205 205 ASN ASN A . n 
A 1 206 ASP 206 206 206 ASP ASP A . n 
A 1 207 GLN 207 207 207 GLN GLN A . n 
A 1 208 ALA 208 208 208 ALA ALA A . n 
A 1 209 GLU 209 209 209 GLU GLU A . n 
A 1 210 SER 210 210 210 SER SER A . n 
A 1 211 ILE 211 211 211 ILE ILE A . n 
A 1 212 LEU 212 212 212 LEU LEU A . n 
A 1 213 LEU 213 213 213 LEU LEU A . n 
A 1 214 ASP 214 214 214 ASP ASP A . n 
A 1 215 GLN 215 215 215 GLN GLN A . n 
A 1 216 GLU 216 216 216 GLU GLU A . n 
A 1 217 GLN 217 217 217 GLN GLN A . n 
A 1 218 LEU 218 218 218 LEU LEU A . n 
A 1 219 LEU 219 219 219 LEU LEU A . n 
A 1 220 ASN 220 220 220 ASN ASN A . n 
A 1 221 THR 221 221 221 THR THR A . n 
A 1 222 LYS 222 222 222 LYS LYS A . n 
A 1 223 LEU 223 223 223 LEU LEU A . n 
A 1 224 GLY 224 224 ?   ?   ?   A . n 
A 1 225 GLU 225 225 ?   ?   ?   A . n 
A 1 226 THR 226 226 ?   ?   ?   A . n 
A 1 227 LYS 227 227 ?   ?   ?   A . n 
A 1 228 ASN 228 228 ?   ?   ?   A . n 
# 
loop_
_pdbx_nonpoly_scheme.asym_id 
_pdbx_nonpoly_scheme.entity_id 
_pdbx_nonpoly_scheme.mon_id 
_pdbx_nonpoly_scheme.ndb_seq_num 
_pdbx_nonpoly_scheme.pdb_seq_num 
_pdbx_nonpoly_scheme.auth_seq_num 
_pdbx_nonpoly_scheme.pdb_mon_id 
_pdbx_nonpoly_scheme.auth_mon_id 
_pdbx_nonpoly_scheme.pdb_strand_id 
_pdbx_nonpoly_scheme.pdb_ins_code 
B 2 GDP 1  229 1   GDP GDP A . 
C 3 HOH 1  230 5   HOH HOH A . 
C 3 HOH 2  231 6   HOH HOH A . 
C 3 HOH 3  232 16  HOH HOH A . 
C 3 HOH 4  233 22  HOH HOH A . 
C 3 HOH 5  234 23  HOH HOH A . 
C 3 HOH 6  235 26  HOH HOH A . 
C 3 HOH 7  236 28  HOH HOH A . 
C 3 HOH 8  237 29  HOH HOH A . 
C 3 HOH 9  238 30  HOH HOH A . 
C 3 HOH 10 239 33  HOH HOH A . 
C 3 HOH 11 240 43  HOH HOH A . 
C 3 HOH 12 241 45  HOH HOH A . 
C 3 HOH 13 242 46  HOH HOH A . 
C 3 HOH 14 243 50  HOH HOH A . 
C 3 HOH 15 244 51  HOH HOH A . 
C 3 HOH 16 245 54  HOH HOH A . 
C 3 HOH 17 246 55  HOH HOH A . 
C 3 HOH 18 247 61  HOH HOH A . 
C 3 HOH 19 248 62  HOH HOH A . 
C 3 HOH 20 249 65  HOH HOH A . 
C 3 HOH 21 250 66  HOH HOH A . 
C 3 HOH 22 251 75  HOH HOH A . 
C 3 HOH 23 252 77  HOH HOH A . 
C 3 HOH 24 253 78  HOH HOH A . 
C 3 HOH 25 254 81  HOH HOH A . 
C 3 HOH 26 255 86  HOH HOH A . 
C 3 HOH 27 256 87  HOH HOH A . 
C 3 HOH 28 257 89  HOH HOH A . 
C 3 HOH 29 258 96  HOH HOH A . 
C 3 HOH 30 259 97  HOH HOH A . 
C 3 HOH 31 260 104 HOH HOH A . 
C 3 HOH 32 261 105 HOH HOH A . 
C 3 HOH 33 262 106 HOH HOH A . 
C 3 HOH 34 263 1   HOH HOH A . 
C 3 HOH 35 264 2   HOH HOH A . 
C 3 HOH 36 265 3   HOH HOH A . 
C 3 HOH 37 266 4   HOH HOH A . 
C 3 HOH 38 267 5   HOH HOH A . 
C 3 HOH 39 268 6   HOH HOH A . 
C 3 HOH 40 269 7   HOH HOH A . 
C 3 HOH 41 270 11  HOH HOH A . 
C 3 HOH 42 271 12  HOH HOH A . 
C 3 HOH 43 272 13  HOH HOH A . 
C 3 HOH 44 273 14  HOH HOH A . 
C 3 HOH 45 274 15  HOH HOH A . 
C 3 HOH 46 275 17  HOH HOH A . 
C 3 HOH 47 276 18  HOH HOH A . 
C 3 HOH 48 277 2   HOH HOH A . 
C 3 HOH 49 278 6   HOH HOH A . 
C 3 HOH 50 279 7   HOH HOH A . 
C 3 HOH 51 280 8   HOH HOH A . 
C 3 HOH 52 281 9   HOH HOH A . 
C 3 HOH 53 282 15  HOH HOH A . 
C 3 HOH 54 283 16  HOH HOH A . 
C 3 HOH 55 284 22  HOH HOH A . 
C 3 HOH 56 285 23  HOH HOH A . 
C 3 HOH 57 286 29  HOH HOH A . 
C 3 HOH 58 287 31  HOH HOH A . 
C 3 HOH 59 288 32  HOH HOH A . 
C 3 HOH 60 289 35  HOH HOH A . 
C 3 HOH 61 290 38  HOH HOH A . 
C 3 HOH 62 291 42  HOH HOH A . 
C 3 HOH 63 292 50  HOH HOH A . 
C 3 HOH 64 293 52  HOH HOH A . 
C 3 HOH 65 294 73  HOH HOH A . 
C 3 HOH 66 295 2   HOH HOH A . 
C 3 HOH 67 296 3   HOH HOH A . 
C 3 HOH 68 297 4   HOH HOH A . 
C 3 HOH 69 298 5   HOH HOH A . 
C 3 HOH 70 299 11  HOH HOH A . 
C 3 HOH 71 300 16  HOH HOH A . 
C 3 HOH 72 301 30  HOH HOH A . 
# 
loop_
_pdbx_unobs_or_zero_occ_atoms.id 
_pdbx_unobs_or_zero_occ_atoms.PDB_model_num 
_pdbx_unobs_or_zero_occ_atoms.polymer_flag 
_pdbx_unobs_or_zero_occ_atoms.occupancy_flag 
_pdbx_unobs_or_zero_occ_atoms.auth_asym_id 
_pdbx_unobs_or_zero_occ_atoms.auth_comp_id 
_pdbx_unobs_or_zero_occ_atoms.auth_seq_id 
_pdbx_unobs_or_zero_occ_atoms.PDB_ins_code 
_pdbx_unobs_or_zero_occ_atoms.auth_atom_id 
_pdbx_unobs_or_zero_occ_atoms.label_alt_id 
_pdbx_unobs_or_zero_occ_atoms.label_asym_id 
_pdbx_unobs_or_zero_occ_atoms.label_comp_id 
_pdbx_unobs_or_zero_occ_atoms.label_seq_id 
_pdbx_unobs_or_zero_occ_atoms.label_atom_id 
1 1 Y 1 A SER 24  ? OG  ? A SER 24  OG  
2 1 Y 1 A SER 161 ? OG  ? A SER 161 OG  
3 1 Y 1 A GLN 217 ? CG  ? A GLN 217 CG  
4 1 Y 1 A GLN 217 ? CD  ? A GLN 217 CD  
5 1 Y 1 A GLN 217 ? OE1 ? A GLN 217 OE1 
6 1 Y 1 A GLN 217 ? NE2 ? A GLN 217 NE2 
7 1 Y 1 A LYS 222 ? CD  ? A LYS 222 CD  
8 1 Y 1 A LYS 222 ? CE  ? A LYS 222 CE  
9 1 Y 1 A LYS 222 ? NZ  ? A LYS 222 NZ  
# 
loop_
_software.name 
_software.version 
_software.date 
_software.type 
_software.contact_author 
_software.contact_author_email 
_software.classification 
_software.location 
_software.language 
_software.citation_id 
_software.pdbx_ordinal 
DENZO       .     ?              package 'Zbyszek Otwinowski' zbyszek@mix.swmed.edu        'data reduction'  
http://www.lnls.br/infra/linhasluz/denzo-hkl.htm ?          ? 1 
SCALEPACK   .     ?              package 'Zbyszek Otwinowski' zbyszek@mix.swmed.edu        'data scaling'    
http://www.lnls.br/infra/linhasluz/denzo-hkl.htm ?          ? 2 
SHELX       .     ?              package 'George Sheldrick'   gsheldr@shelx.uni-ac.gwdg.de phasing           
http://shelx.uni-ac.gwdg.de/SHELX/               Fortran_77 ? 3 
REFMAC      .     ?              program 'Murshudov, G.N.'    ccp4@dl.ac.uk                refinement        
http://www.ccp4.ac.uk/main.html                  Fortran_77 ? 4 
PDB_EXTRACT 3.000 'July 2, 2007' package PDB                  sw-help@rcsb.rutgers.edu     'data extraction' 
http://pdb.rutgers.edu/software/                 C++        ? 5 
HKL-2000    .     ?              ?       ?                    ?                            'data collection' ? ?          ? 6 
SHELXD      .     ?              ?       ?                    ?                            phasing           ? ?          ? 7 
# 
_cell.length_a           56.377 
_cell.length_b           77.162 
_cell.length_c           40.196 
_cell.angle_alpha        90.000 
_cell.angle_beta         90.000 
_cell.angle_gamma        90.000 
_cell.entry_id           2QU8 
_cell.pdbx_unique_axis   ? 
_cell.Z_PDB              4 
_cell.length_a_esd       ? 
_cell.length_b_esd       ? 
_cell.length_c_esd       ? 
_cell.angle_alpha_esd    ? 
_cell.angle_beta_esd     ? 
_cell.angle_gamma_esd    ? 
# 
_symmetry.space_group_name_H-M             'P 21 21 2' 
_symmetry.entry_id                         2QU8 
_symmetry.Int_Tables_number                18 
_symmetry.pdbx_full_space_group_name_H-M   ? 
_symmetry.cell_setting                     ? 
_symmetry.space_group_name_Hall            ? 
# 
_exptl.crystals_number   1 
_exptl.entry_id          2QU8 
_exptl.method            'X-RAY DIFFRACTION' 
# 
loop_
_exptl_crystal.id 
_exptl_crystal.density_Matthews 
_exptl_crystal.density_meas 
_exptl_crystal.density_percent_sol 
_exptl_crystal.description 
_exptl_crystal.F_000 
_exptl_crystal.preparation 
1 ? ? ? ? ? ? 
2 ? ? ? ? ? ? 
# 
loop_
_exptl_crystal_grow.crystal_id 
_exptl_crystal_grow.method 
_exptl_crystal_grow.pH 
_exptl_crystal_grow.temp 
_exptl_crystal_grow.temp_details 
_exptl_crystal_grow.pdbx_details 
_exptl_crystal_grow.pdbx_pH_range 
1 'VAPOR DIFFUSION, HANGING DROP' 6.5 298 ? 
'28% PEG 2000 MME, 0.1 M Bis-Tris pH 6.5, 1 mM GDP, 2 mM MgCl2, VAPOR DIFFUSION, HANGING DROP, temperature 298K'              . 
2 'VAPOR DIFFUSION, HANGING DROP' 5.2 298 ? 
'28% PEG 3350, 0.2 M NaCl, 0.1 M Na Cacodylate pH 5.2, 1 mM GDP, 2 mM MgCl2, VAPOR DIFFUSION, HANGING DROP, temperature 298K' . 
# 
loop_
_diffrn.id 
_diffrn.ambient_temp 
_diffrn.ambient_temp_details 
_diffrn.crystal_id 
1   100 ? 1 
2   100 ? 1 
1,2 ?   ? 1 
# 
loop_
_diffrn_detector.diffrn_id 
_diffrn_detector.detector 
_diffrn_detector.type 
_diffrn_detector.pdbx_collection_date 
_diffrn_detector.details 
1 CCD           'ADSC QUANTUM 315' 2007-06-10 ? 
2 'IMAGE PLATE' 'RIGAKU RAXIS IV'  2007-05-03 ? 
# 
loop_
_diffrn_radiation.diffrn_id 
_diffrn_radiation.wavelength_id 
_diffrn_radiation.pdbx_diffrn_protocol 
_diffrn_radiation.monochromator 
_diffrn_radiation.pdbx_monochromatic_or_laue_m_l 
_diffrn_radiation.pdbx_scattering_type 
1 1 'SINGLE WAVELENGTH' ? M x-ray 
2 1 'SINGLE WAVELENGTH' ? M x-ray 
# 
loop_
_diffrn_radiation_wavelength.id 
_diffrn_radiation_wavelength.wavelength 
_diffrn_radiation_wavelength.wt 
1 0.97937 1.0 
2 1.5418  1.0 
# 
loop_
_diffrn_source.diffrn_id 
_diffrn_source.source 
_diffrn_source.type 
_diffrn_source.pdbx_wavelength 
_diffrn_source.pdbx_wavelength_list 
_diffrn_source.pdbx_synchrotron_site 
_diffrn_source.pdbx_synchrotron_beamline 
1 SYNCHROTRON      'APS BEAMLINE 19-ID' ? 0.97937 APS 19-ID 
2 'ROTATING ANODE' 'RIGAKU FR-E+ DW'    ? 1.5418  ?   ?     
# 
_reflns.entry_id                     2QU8 
_reflns.d_resolution_high            2.010 
_reflns.d_resolution_low             50.000 
_reflns.number_obs                   12175 
_reflns.pdbx_Rmerge_I_obs            0.076 
_reflns.pdbx_netI_over_sigmaI        11.900 
_reflns.pdbx_chi_squared             1.221 
_reflns.pdbx_redundancy              6.900 
_reflns.percent_possible_obs         100.000 
_reflns.observed_criterion_sigma_F   0 
_reflns.observed_criterion_sigma_I   0 
_reflns.number_all                   12175 
_reflns.pdbx_Rsym_value              0.041 
_reflns.B_iso_Wilson_estimate        ? 
_reflns.R_free_details               ? 
_reflns.limit_h_max                  ? 
_reflns.limit_h_min                  ? 
_reflns.limit_k_max                  ? 
_reflns.limit_k_min                  ? 
_reflns.limit_l_max                  ? 
_reflns.limit_l_min                  ? 
_reflns.observed_criterion_F_max     ? 
_reflns.observed_criterion_F_min     ? 
_reflns.pdbx_scaling_rejects         ? 
_reflns.pdbx_ordinal                 1 
_reflns.pdbx_diffrn_id               1,2 
# 
_reflns_shell.d_res_high             2.01 
_reflns_shell.d_res_low              2.08 
_reflns_shell.number_measured_obs    ? 
_reflns_shell.number_measured_all    ? 
_reflns_shell.number_unique_obs      ? 
_reflns_shell.Rmerge_I_obs           0.441 
_reflns_shell.meanI_over_sigI_obs    3.25 
_reflns_shell.pdbx_Rsym_value        0.301 
_reflns_shell.pdbx_chi_squared       0.816 
_reflns_shell.pdbx_redundancy        6.50 
_reflns_shell.percent_possible_obs   ? 
_reflns_shell.number_unique_all      1181 
_reflns_shell.percent_possible_all   100.00 
_reflns_shell.pdbx_ordinal           1 
_reflns_shell.pdbx_diffrn_id         1,2 
# 
_refine.entry_id                                 2QU8 
_refine.ls_d_res_high                            2.010 
_refine.ls_d_res_low                             32.720 
_refine.pdbx_ls_sigma_F                          0.00 
_refine.ls_percent_reflns_obs                    99.990 
_refine.ls_number_reflns_obs                     12139 
_refine.pdbx_ls_cross_valid_method               THROUGHOUT 
_refine.pdbx_R_Free_selection_details            RANDOM 
_refine.details                                  'HYDROGENS HAVE BEEN ADDED IN THE RIDING POSITIONS' 
_refine.ls_R_factor_obs                          0.225 
_refine.ls_R_factor_R_work                       0.223 
_refine.ls_R_factor_R_free                       0.264 
_refine.ls_percent_reflns_R_free                 4.800 
_refine.ls_number_reflns_R_free                  580 
_refine.B_iso_mean                               37.034 
_refine.aniso_B[1][1]                            -0.020 
_refine.aniso_B[2][2]                            -0.580 
_refine.aniso_B[3][3]                            0.600 
_refine.aniso_B[1][2]                            0.000 
_refine.aniso_B[1][3]                            0.000 
_refine.aniso_B[2][3]                            0.000 
_refine.correlation_coeff_Fo_to_Fc               0.945 
_refine.correlation_coeff_Fo_to_Fc_free          0.920 
_refine.pdbx_overall_ESU_R                       0.256 
_refine.pdbx_overall_ESU_R_Free                  0.201 
_refine.overall_SU_ML                            0.158 
_refine.overall_SU_B                             5.668 
_refine.solvent_model_details                    MASK 
_refine.pdbx_solvent_vdw_probe_radii             1.400 
_refine.pdbx_solvent_ion_probe_radii             0.800 
_refine.pdbx_solvent_shrinkage_radii             0.800 
_refine.pdbx_method_to_determine_struct          SAD 
_refine.pdbx_stereochemistry_target_values       'MAXIMUM LIKELIHOOD' 
_refine.pdbx_ls_sigma_I                          ? 
_refine.ls_number_reflns_all                     12151 
_refine.ls_R_factor_all                          0.225 
_refine.ls_redundancy_reflns_obs                 ? 
_refine.pdbx_data_cutoff_high_absF               ? 
_refine.pdbx_data_cutoff_low_absF                ? 
_refine.ls_number_parameters                     ? 
_refine.ls_number_restraints                     ? 
_refine.ls_R_factor_R_free_error                 ? 
_refine.ls_R_factor_R_free_error_details         ? 
_refine.pdbx_starting_model                      ? 
_refine.pdbx_stereochem_target_val_spec_case     ? 
_refine.solvent_model_param_bsol                 ? 
_refine.solvent_model_param_ksol                 ? 
_refine.occupancy_max                            ? 
_refine.occupancy_min                            ? 
_refine.pdbx_isotropic_thermal_model             ? 
_refine.B_iso_min                                ? 
_refine.B_iso_max                                ? 
_refine.overall_SU_R_Cruickshank_DPI             ? 
_refine.overall_SU_R_free                        ? 
_refine.pdbx_data_cutoff_high_rms_absF           ? 
_refine.ls_wR_factor_R_free                      ? 
_refine.ls_wR_factor_R_work                      ? 
_refine.overall_FOM_free_R_set                   ? 
_refine.overall_FOM_work_R_set                   ? 
_refine.pdbx_refine_id                           'X-RAY DIFFRACTION' 
_refine.pdbx_overall_phase_error                 ? 
_refine.pdbx_diffrn_id                           1 
_refine.pdbx_TLS_residual_ADP_flag               ? 
_refine.pdbx_overall_SU_R_free_Cruickshank_DPI   ? 
_refine.pdbx_overall_SU_R_Blow_DPI               ? 
_refine.pdbx_overall_SU_R_free_Blow_DPI          ? 
# 
_refine_hist.pdbx_refine_id                   'X-RAY DIFFRACTION' 
_refine_hist.cycle_id                         LAST 
_refine_hist.pdbx_number_atoms_protein        1512 
_refine_hist.pdbx_number_atoms_nucleic_acid   0 
_refine_hist.pdbx_number_atoms_ligand         28 
_refine_hist.number_atoms_solvent             72 
_refine_hist.number_atoms_total               1612 
_refine_hist.d_res_high                       2.010 
_refine_hist.d_res_low                        32.720 
# 
loop_
_refine_ls_restr.type 
_refine_ls_restr.number 
_refine_ls_restr.dev_ideal 
_refine_ls_restr.dev_ideal_target 
_refine_ls_restr.weight 
_refine_ls_restr.pdbx_refine_id 
_refine_ls_restr.pdbx_restraint_function 
r_bond_refined_d         1560 0.008  0.022  ? 'X-RAY DIFFRACTION' ? 
r_angle_refined_deg      2112 1.187  1.992  ? 'X-RAY DIFFRACTION' ? 
r_dihedral_angle_1_deg   190  5.640  5.000  ? 'X-RAY DIFFRACTION' ? 
r_dihedral_angle_2_deg   64   38.189 26.406 ? 'X-RAY DIFFRACTION' ? 
r_dihedral_angle_3_deg   290  15.968 15.000 ? 'X-RAY DIFFRACTION' ? 
r_dihedral_angle_4_deg   3    27.388 15.000 ? 'X-RAY DIFFRACTION' ? 
r_chiral_restr           258  0.073  0.200  ? 'X-RAY DIFFRACTION' ? 
r_gen_planes_refined     1102 0.003  0.020  ? 'X-RAY DIFFRACTION' ? 
r_nbd_refined            732  0.193  0.200  ? 'X-RAY DIFFRACTION' ? 
r_nbtor_refined          1083 0.302  0.200  ? 'X-RAY DIFFRACTION' ? 
r_xyhbond_nbd_refined    96   0.139  0.200  ? 'X-RAY DIFFRACTION' ? 
r_symmetry_vdw_refined   46   0.223  0.200  ? 'X-RAY DIFFRACTION' ? 
r_symmetry_hbond_refined 8    0.122  0.200  ? 'X-RAY DIFFRACTION' ? 
r_mcbond_it              994  0.578  1.500  ? 'X-RAY DIFFRACTION' ? 
r_mcangle_it             1564 1.025  2.000  ? 'X-RAY DIFFRACTION' ? 
r_scbond_it              637  1.122  3.000  ? 'X-RAY DIFFRACTION' ? 
r_scangle_it             548  1.803  4.500  ? 'X-RAY DIFFRACTION' ? 
# 
_refine_ls_shell.d_res_high                       2.010 
_refine_ls_shell.d_res_low                        2.065 
_refine_ls_shell.pdbx_total_number_of_bins_used   20 
_refine_ls_shell.percent_reflns_obs               100.000 
_refine_ls_shell.number_reflns_R_work             818 
_refine_ls_shell.R_factor_all                     ? 
_refine_ls_shell.R_factor_R_work                  0.273 
_refine_ls_shell.R_factor_R_free                  0.439 
_refine_ls_shell.percent_reflns_R_free            ? 
_refine_ls_shell.number_reflns_R_free             43 
_refine_ls_shell.R_factor_R_free_error            ? 
_refine_ls_shell.number_reflns_all                861 
_refine_ls_shell.number_reflns_obs                614 
_refine_ls_shell.redundancy_reflns_obs            ? 
_refine_ls_shell.pdbx_refine_id                   'X-RAY DIFFRACTION' 
# 
_struct.entry_id                  2QU8 
_struct.title                     
'Crystal structure of putative nucleolar GTP-binding protein 1 PFF0625w from Plasmodium falciparum' 
_struct.pdbx_model_details        ? 
_struct.pdbx_CASP_flag            N 
_struct.pdbx_model_type_details   ? 
# 
_struct_keywords.entry_id        2QU8 
_struct_keywords.pdbx_keywords   'STRUCTURAL GENOMICS, UNKNOWN FUNCTION' 
_struct_keywords.text            
'GTPase, malaria, plasmodium falciparum, Structural Genomics, Structural Genomics Consortium, SGC, UNKNOWN FUNCTION' 
# 
loop_
_struct_asym.id 
_struct_asym.pdbx_blank_PDB_chainid_flag 
_struct_asym.pdbx_modified 
_struct_asym.entity_id 
_struct_asym.details 
A N N 1 ? 
B N N 2 ? 
C N N 3 ? 
# 
_struct_ref.id                         1 
_struct_ref.db_name                    UNP 
_struct_ref.db_code                    Q6LFE0_PLAF7 
_struct_ref.pdbx_db_accession          Q6LFE0 
_struct_ref.entity_id                  1 
_struct_ref.pdbx_seq_one_letter_code   
;LPSINPHKKTIILSGAPNVGKSSFMNIVSRANVDVQSYSFTTKNLYVGHFDHKLNKYQIIDTPGLLDRAFENRNTIEMTT
ITALAHINGVILFIIDISEQCGLTIKEQINLFYSIKSVFSNKSIVIGFNKIDKCNMDSLSIDNKLLIKQILDNVKNPIKF
SSFSTLTGVGVEQAKITACELLKNDQAESILLDQEQLLNTKLGETKN
;
_struct_ref.pdbx_align_begin           166 
_struct_ref.pdbx_db_isoform            ? 
# 
_struct_ref_seq.align_id                      1 
_struct_ref_seq.ref_id                        1 
_struct_ref_seq.pdbx_PDB_id_code              2QU8 
_struct_ref_seq.pdbx_strand_id                A 
_struct_ref_seq.seq_align_beg                 22 
_struct_ref_seq.pdbx_seq_align_beg_ins_code   ? 
_struct_ref_seq.seq_align_end                 228 
_struct_ref_seq.pdbx_seq_align_end_ins_code   ? 
_struct_ref_seq.pdbx_db_accession             Q6LFE0 
_struct_ref_seq.db_align_beg                  166 
_struct_ref_seq.pdbx_db_align_beg_ins_code    ? 
_struct_ref_seq.db_align_end                  372 
_struct_ref_seq.pdbx_db_align_end_ins_code    ? 
_struct_ref_seq.pdbx_auth_seq_align_beg       22 
_struct_ref_seq.pdbx_auth_seq_align_end       228 
# 
loop_
_struct_ref_seq_dif.align_id 
_struct_ref_seq_dif.pdbx_pdb_id_code 
_struct_ref_seq_dif.mon_id 
_struct_ref_seq_dif.pdbx_pdb_strand_id 
_struct_ref_seq_dif.seq_num 
_struct_ref_seq_dif.pdbx_pdb_ins_code 
_struct_ref_seq_dif.pdbx_seq_db_name 
_struct_ref_seq_dif.pdbx_seq_db_accession_code 
_struct_ref_seq_dif.db_mon_id 
_struct_ref_seq_dif.pdbx_seq_db_seq_num 
_struct_ref_seq_dif.details 
_struct_ref_seq_dif.pdbx_auth_seq_num 
_struct_ref_seq_dif.pdbx_ordinal 
1 2QU8 MET A 1  ? UNP Q6LFE0 ? ? 'expression tag' 1  1  
1 2QU8 GLY A 2  ? UNP Q6LFE0 ? ? 'expression tag' 2  2  
1 2QU8 SER A 3  ? UNP Q6LFE0 ? ? 'expression tag' 3  3  
1 2QU8 SER A 4  ? UNP Q6LFE0 ? ? 'expression tag' 4  4  
1 2QU8 HIS A 5  ? UNP Q6LFE0 ? ? 'expression tag' 5  5  
1 2QU8 HIS A 6  ? UNP Q6LFE0 ? ? 'expression tag' 6  6  
1 2QU8 HIS A 7  ? UNP Q6LFE0 ? ? 'expression tag' 7  7  
1 2QU8 HIS A 8  ? UNP Q6LFE0 ? ? 'expression tag' 8  8  
1 2QU8 HIS A 9  ? UNP Q6LFE0 ? ? 'expression tag' 9  9  
1 2QU8 HIS A 10 ? UNP Q6LFE0 ? ? 'expression tag' 10 10 
1 2QU8 SER A 11 ? UNP Q6LFE0 ? ? 'expression tag' 11 11 
1 2QU8 SER A 12 ? UNP Q6LFE0 ? ? 'expression tag' 12 12 
1 2QU8 GLY A 13 ? UNP Q6LFE0 ? ? 'expression tag' 13 13 
1 2QU8 ARG A 14 ? UNP Q6LFE0 ? ? 'expression tag' 14 14 
1 2QU8 GLU A 15 ? UNP Q6LFE0 ? ? 'expression tag' 15 15 
1 2QU8 ASN A 16 ? UNP Q6LFE0 ? ? 'expression tag' 16 16 
1 2QU8 LEU A 17 ? UNP Q6LFE0 ? ? 'expression tag' 17 17 
1 2QU8 TYR A 18 ? UNP Q6LFE0 ? ? 'expression tag' 18 18 
1 2QU8 PHE A 19 ? UNP Q6LFE0 ? ? 'expression tag' 19 19 
1 2QU8 GLN A 20 ? UNP Q6LFE0 ? ? 'expression tag' 20 20 
1 2QU8 GLY A 21 ? UNP Q6LFE0 ? ? 'expression tag' 21 21 
# 
_pdbx_struct_assembly.id                   1 
_pdbx_struct_assembly.details              software_defined_assembly 
_pdbx_struct_assembly.method_details       PISA 
_pdbx_struct_assembly.oligomeric_details   monomeric 
_pdbx_struct_assembly.oligomeric_count     1 
# 
_pdbx_struct_assembly_gen.assembly_id       1 
_pdbx_struct_assembly_gen.oper_expression   1 
_pdbx_struct_assembly_gen.asym_id_list      A,B,C 
# 
_pdbx_struct_oper_list.id                   1 
_pdbx_struct_oper_list.type                 'identity operation' 
_pdbx_struct_oper_list.name                 1_555 
_pdbx_struct_oper_list.symmetry_operation   x,y,z 
_pdbx_struct_oper_list.matrix[1][1]         1.0000000000 
_pdbx_struct_oper_list.matrix[1][2]         0.0000000000 
_pdbx_struct_oper_list.matrix[1][3]         0.0000000000 
_pdbx_struct_oper_list.vector[1]            0.0000000000 
_pdbx_struct_oper_list.matrix[2][1]         0.0000000000 
_pdbx_struct_oper_list.matrix[2][2]         1.0000000000 
_pdbx_struct_oper_list.matrix[2][3]         0.0000000000 
_pdbx_struct_oper_list.vector[2]            0.0000000000 
_pdbx_struct_oper_list.matrix[3][1]         0.0000000000 
_pdbx_struct_oper_list.matrix[3][2]         0.0000000000 
_pdbx_struct_oper_list.matrix[3][3]         1.0000000000 
_pdbx_struct_oper_list.vector[3]            0.0000000000 
# 
_struct_biol.id        1 
_struct_biol.details   ? 
# 
loop_
_struct_conf.conf_type_id 
_struct_conf.id 
_struct_conf.pdbx_PDB_helix_id 
_struct_conf.beg_label_comp_id 
_struct_conf.beg_label_asym_id 
_struct_conf.beg_label_seq_id 
_struct_conf.pdbx_beg_PDB_ins_code 
_struct_conf.end_label_comp_id 
_struct_conf.end_label_asym_id 
_struct_conf.end_label_seq_id 
_struct_conf.pdbx_end_PDB_ins_code 
_struct_conf.beg_auth_comp_id 
_struct_conf.beg_auth_asym_id 
_struct_conf.beg_auth_seq_id 
_struct_conf.end_auth_comp_id 
_struct_conf.end_auth_asym_id 
_struct_conf.end_auth_seq_id 
_struct_conf.pdbx_PDB_helix_class 
_struct_conf.details 
_struct_conf.pdbx_PDB_helix_length 
HELX_P HELX_P1 1 GLY A 41  ? SER A 50  ? GLY A 41  SER A 50  1 ? 10 
HELX_P HELX_P2 2 ALA A 90  ? ARG A 94  ? ALA A 90  ARG A 94  5 ? 5  
HELX_P HELX_P3 3 ASN A 95  ? HIS A 107 ? ASN A 95  HIS A 107 1 ? 13 
HELX_P HELX_P4 4 THR A 125 ? SER A 138 ? THR A 125 SER A 138 1 ? 14 
HELX_P HELX_P5 5 LYS A 151 ? CYS A 155 ? LYS A 151 CYS A 155 5 ? 5  
HELX_P HELX_P6 6 SER A 161 ? VAL A 175 ? SER A 161 VAL A 175 1 ? 15 
HELX_P HELX_P7 7 GLY A 191 ? LEU A 223 ? GLY A 191 LEU A 223 1 ? 33 
# 
_struct_conf_type.id          HELX_P 
_struct_conf_type.criteria    ? 
_struct_conf_type.reference   ? 
# 
_struct_sheet.id               A 
_struct_sheet.type             ? 
_struct_sheet.number_strands   7 
_struct_sheet.details          ? 
# 
loop_
_struct_sheet_order.sheet_id 
_struct_sheet_order.range_id_1 
_struct_sheet_order.range_id_2 
_struct_sheet_order.offset 
_struct_sheet_order.sense 
A 1 2 ? anti-parallel 
A 2 3 ? anti-parallel 
A 3 4 ? parallel      
A 4 5 ? parallel      
A 5 6 ? parallel      
A 6 7 ? parallel      
# 
loop_
_struct_sheet_range.sheet_id 
_struct_sheet_range.id 
_struct_sheet_range.beg_label_comp_id 
_struct_sheet_range.beg_label_asym_id 
_struct_sheet_range.beg_label_seq_id 
_struct_sheet_range.pdbx_beg_PDB_ins_code 
_struct_sheet_range.end_label_comp_id 
_struct_sheet_range.end_label_asym_id 
_struct_sheet_range.end_label_seq_id 
_struct_sheet_range.pdbx_end_PDB_ins_code 
_struct_sheet_range.beg_auth_comp_id 
_struct_sheet_range.beg_auth_asym_id 
_struct_sheet_range.beg_auth_seq_id 
_struct_sheet_range.end_auth_comp_id 
_struct_sheet_range.end_auth_asym_id 
_struct_sheet_range.end_auth_seq_id 
A 1 VAL A 54  ? GLN A 57  ? VAL A 54  GLN A 57  
A 2 LEU A 66  ? HIS A 73  ? LEU A 66  HIS A 73  
A 3 ASN A 76  ? ASP A 82  ? ASN A 76  ASP A 82  
A 4 LYS A 30  ? SER A 35  ? LYS A 30  SER A 35  
A 5 GLY A 110 ? ASP A 117 ? GLY A 110 ASP A 117 
A 6 ILE A 145 ? ASN A 150 ? ILE A 145 ASN A 150 
A 7 ILE A 179 ? SER A 183 ? ILE A 179 SER A 183 
# 
loop_
_pdbx_struct_sheet_hbond.sheet_id 
_pdbx_struct_sheet_hbond.range_id_1 
_pdbx_struct_sheet_hbond.range_id_2 
_pdbx_struct_sheet_hbond.range_1_label_atom_id 
_pdbx_struct_sheet_hbond.range_1_label_comp_id 
_pdbx_struct_sheet_hbond.range_1_label_asym_id 
_pdbx_struct_sheet_hbond.range_1_label_seq_id 
_pdbx_struct_sheet_hbond.range_1_PDB_ins_code 
_pdbx_struct_sheet_hbond.range_1_auth_atom_id 
_pdbx_struct_sheet_hbond.range_1_auth_comp_id 
_pdbx_struct_sheet_hbond.range_1_auth_asym_id 
_pdbx_struct_sheet_hbond.range_1_auth_seq_id 
_pdbx_struct_sheet_hbond.range_2_label_atom_id 
_pdbx_struct_sheet_hbond.range_2_label_comp_id 
_pdbx_struct_sheet_hbond.range_2_label_asym_id 
_pdbx_struct_sheet_hbond.range_2_label_seq_id 
_pdbx_struct_sheet_hbond.range_2_PDB_ins_code 
_pdbx_struct_sheet_hbond.range_2_auth_atom_id 
_pdbx_struct_sheet_hbond.range_2_auth_comp_id 
_pdbx_struct_sheet_hbond.range_2_auth_asym_id 
_pdbx_struct_sheet_hbond.range_2_auth_seq_id 
A 1 2 N GLN A 57  ? N GLN A 57  O LEU A 66  ? O LEU A 66  
A 2 3 N PHE A 71  ? N PHE A 71  O TYR A 78  ? O TYR A 78  
A 3 4 O ILE A 81  ? O ILE A 81  N LEU A 34  ? N LEU A 34  
A 4 5 N ILE A 33  ? N ILE A 33  O LEU A 113 ? O LEU A 113 
A 5 6 N ILE A 116 ? N ILE A 116 O GLY A 148 ? O GLY A 148 
A 6 7 N PHE A 149 ? N PHE A 149 O SER A 182 ? O SER A 182 
# 
_struct_site.id                   AC1 
_struct_site.pdbx_evidence_code   Software 
_struct_site.pdbx_auth_asym_id    A 
_struct_site.pdbx_auth_comp_id    GDP 
_struct_site.pdbx_auth_seq_id     229 
_struct_site.pdbx_auth_ins_code   ? 
_struct_site.pdbx_num_residues    21 
_struct_site.details              'BINDING SITE FOR RESIDUE GDP A 229' 
# 
loop_
_struct_site_gen.id 
_struct_site_gen.site_id 
_struct_site_gen.pdbx_num_res 
_struct_site_gen.label_comp_id 
_struct_site_gen.label_asym_id 
_struct_site_gen.label_seq_id 
_struct_site_gen.pdbx_auth_ins_code 
_struct_site_gen.auth_comp_id 
_struct_site_gen.auth_asym_id 
_struct_site_gen.auth_seq_id 
_struct_site_gen.label_atom_id 
_struct_site_gen.label_alt_id 
_struct_site_gen.symmetry 
_struct_site_gen.details 
1  AC1 21 ASN A 39  ? ASN A 39  . ? 1_555 ? 
2  AC1 21 VAL A 40  ? VAL A 40  . ? 1_555 ? 
3  AC1 21 GLY A 41  ? GLY A 41  . ? 1_555 ? 
4  AC1 21 LYS A 42  ? LYS A 42  . ? 1_555 ? 
5  AC1 21 SER A 43  ? SER A 43  . ? 1_555 ? 
6  AC1 21 SER A 44  ? SER A 44  . ? 1_555 ? 
7  AC1 21 HIS A 107 ? HIS A 107 . ? 4_455 ? 
8  AC1 21 ASN A 150 ? ASN A 150 . ? 1_555 ? 
9  AC1 21 LYS A 151 ? LYS A 151 . ? 1_555 ? 
10 AC1 21 ASP A 153 ? ASP A 153 . ? 1_555 ? 
11 AC1 21 LYS A 154 ? LYS A 154 . ? 1_555 ? 
12 AC1 21 SER A 185 ? SER A 185 . ? 1_555 ? 
13 AC1 21 THR A 186 ? THR A 186 . ? 1_555 ? 
14 AC1 21 LEU A 187 ? LEU A 187 . ? 1_555 ? 
15 AC1 21 HOH C .   ? HOH A 241 . ? 1_555 ? 
16 AC1 21 HOH C .   ? HOH A 248 . ? 1_555 ? 
17 AC1 21 HOH C .   ? HOH A 254 . ? 1_555 ? 
18 AC1 21 HOH C .   ? HOH A 263 . ? 1_555 ? 
19 AC1 21 HOH C .   ? HOH A 272 . ? 1_555 ? 
20 AC1 21 HOH C .   ? HOH A 279 . ? 1_555 ? 
21 AC1 21 HOH C .   ? HOH A 299 . ? 1_555 ? 
# 
_pdbx_validate_close_contact.id               1 
_pdbx_validate_close_contact.PDB_model_num    1 
_pdbx_validate_close_contact.auth_atom_id_1   OG 
_pdbx_validate_close_contact.auth_asym_id_1   A 
_pdbx_validate_close_contact.auth_comp_id_1   SER 
_pdbx_validate_close_contact.auth_seq_id_1    144 
_pdbx_validate_close_contact.PDB_ins_code_1   ? 
_pdbx_validate_close_contact.label_alt_id_1   ? 
_pdbx_validate_close_contact.auth_atom_id_2   OD1 
_pdbx_validate_close_contact.auth_asym_id_2   A 
_pdbx_validate_close_contact.auth_comp_id_2   ASP 
_pdbx_validate_close_contact.auth_seq_id_2    206 
_pdbx_validate_close_contact.PDB_ins_code_2   ? 
_pdbx_validate_close_contact.label_alt_id_2   ? 
_pdbx_validate_close_contact.dist             2.13 
# 
_pdbx_validate_torsion.id              1 
_pdbx_validate_torsion.PDB_model_num   1 
_pdbx_validate_torsion.auth_comp_id    CYS 
_pdbx_validate_torsion.auth_asym_id    A 
_pdbx_validate_torsion.auth_seq_id     155 
_pdbx_validate_torsion.PDB_ins_code    ? 
_pdbx_validate_torsion.label_alt_id    ? 
_pdbx_validate_torsion.phi             -161.13 
_pdbx_validate_torsion.psi             -157.70 
# 
_pdbx_SG_project.id                    1 
_pdbx_SG_project.project_name          ? 
_pdbx_SG_project.full_name_of_center   'Structural Genomics Consortium' 
_pdbx_SG_project.initial_of_center     SGC 
# 
_diffrn_reflns.diffrn_id                   1 
_diffrn_reflns.pdbx_d_res_high             2.000 
_diffrn_reflns.pdbx_d_res_low              40.000 
_diffrn_reflns.pdbx_number_obs             12457 
_diffrn_reflns.pdbx_Rmerge_I_obs           0.093 
_diffrn_reflns.pdbx_Rsym_value             ? 
_diffrn_reflns.pdbx_chi_squared            1.26 
_diffrn_reflns.av_sigmaI_over_netI         7.40 
_diffrn_reflns.pdbx_redundancy             6.90 
_diffrn_reflns.pdbx_percent_possible_obs   99.90 
_diffrn_reflns.number                      86347 
_diffrn_reflns.pdbx_observed_criterion     ? 
_diffrn_reflns.limit_h_max                 ? 
_diffrn_reflns.limit_h_min                 ? 
_diffrn_reflns.limit_k_max                 ? 
_diffrn_reflns.limit_k_min                 ? 
_diffrn_reflns.limit_l_max                 ? 
_diffrn_reflns.limit_l_min                 ? 
# 
loop_
_pdbx_diffrn_reflns_shell.diffrn_id 
_pdbx_diffrn_reflns_shell.d_res_high 
_pdbx_diffrn_reflns_shell.d_res_low 
_pdbx_diffrn_reflns_shell.number_obs 
_pdbx_diffrn_reflns_shell.rejects 
_pdbx_diffrn_reflns_shell.Rmerge_I_obs 
_pdbx_diffrn_reflns_shell.Rsym_value 
_pdbx_diffrn_reflns_shell.chi_squared 
_pdbx_diffrn_reflns_shell.redundancy 
_pdbx_diffrn_reflns_shell.percent_possible_obs 
1 4.31 40.00 ? ? 0.049 ? 2.238 6.40 99.50  
1 3.42 4.31  ? ? 0.064 ? 2.073 6.90 100.00 
1 2.99 3.42  ? ? 0.077 ? 1.301 7.10 100.00 
1 2.71 2.99  ? ? 0.108 ? 1.122 7.20 100.00 
1 2.52 2.71  ? ? 0.136 ? 1.025 7.20 100.00 
1 2.37 2.52  ? ? 0.169 ? 0.950 7.20 100.00 
1 2.25 2.37  ? ? 0.223 ? 0.932 7.20 100.00 
1 2.15 2.25  ? ? 0.274 ? 1.059 7.10 100.00 
1 2.07 2.15  ? ? 0.345 ? 0.852 6.90 100.00 
1 2.00 2.07  ? ? 0.401 ? 0.982 6.20 99.30  
# 
_phasing.method   SAD 
# 
loop_
_pdbx_unobs_or_zero_occ_residues.id 
_pdbx_unobs_or_zero_occ_residues.PDB_model_num 
_pdbx_unobs_or_zero_occ_residues.polymer_flag 
_pdbx_unobs_or_zero_occ_residues.occupancy_flag 
_pdbx_unobs_or_zero_occ_residues.auth_asym_id 
_pdbx_unobs_or_zero_occ_residues.auth_comp_id 
_pdbx_unobs_or_zero_occ_residues.auth_seq_id 
_pdbx_unobs_or_zero_occ_residues.PDB_ins_code 
_pdbx_unobs_or_zero_occ_residues.label_asym_id 
_pdbx_unobs_or_zero_occ_residues.label_comp_id 
_pdbx_unobs_or_zero_occ_residues.label_seq_id 
1  1 Y 1 A MET 1   ? A MET 1   
2  1 Y 1 A GLY 2   ? A GLY 2   
3  1 Y 1 A SER 3   ? A SER 3   
4  1 Y 1 A SER 4   ? A SER 4   
5  1 Y 1 A HIS 5   ? A HIS 5   
6  1 Y 1 A HIS 6   ? A HIS 6   
7  1 Y 1 A HIS 7   ? A HIS 7   
8  1 Y 1 A HIS 8   ? A HIS 8   
9  1 Y 1 A HIS 9   ? A HIS 9   
10 1 Y 1 A HIS 10  ? A HIS 10  
11 1 Y 1 A SER 11  ? A SER 11  
12 1 Y 1 A SER 12  ? A SER 12  
13 1 Y 1 A GLY 13  ? A GLY 13  
14 1 Y 1 A ARG 14  ? A ARG 14  
15 1 Y 1 A GLU 15  ? A GLU 15  
16 1 Y 1 A ASN 16  ? A ASN 16  
17 1 Y 1 A LEU 17  ? A LEU 17  
18 1 Y 1 A TYR 18  ? A TYR 18  
19 1 Y 1 A PHE 19  ? A PHE 19  
20 1 Y 1 A GLN 20  ? A GLN 20  
21 1 Y 1 A GLY 21  ? A GLY 21  
22 1 Y 1 A SER 60  ? A SER 60  
23 1 Y 1 A PHE 61  ? A PHE 61  
24 1 Y 1 A THR 62  ? A THR 62  
25 1 Y 1 A THR 63  ? A THR 63  
26 1 Y 1 A LYS 64  ? A LYS 64  
27 1 Y 1 A SER 141 ? A SER 141 
28 1 Y 1 A MET 157 ? A MET 157 
29 1 Y 1 A ASP 158 ? A ASP 158 
30 1 Y 1 A GLY 224 ? A GLY 224 
31 1 Y 1 A GLU 225 ? A GLU 225 
32 1 Y 1 A THR 226 ? A THR 226 
33 1 Y 1 A LYS 227 ? A LYS 227 
34 1 Y 1 A ASN 228 ? A ASN 228 
# 
loop_
_chem_comp_atom.comp_id 
_chem_comp_atom.atom_id 
_chem_comp_atom.type_symbol 
_chem_comp_atom.pdbx_aromatic_flag 
_chem_comp_atom.pdbx_stereo_config 
_chem_comp_atom.pdbx_ordinal 
ALA N      N N N 1   
ALA CA     C N S 2   
ALA C      C N N 3   
ALA O      O N N 4   
ALA CB     C N N 5   
ALA OXT    O N N 6   
ALA H      H N N 7   
ALA H2     H N N 8   
ALA HA     H N N 9   
ALA HB1    H N N 10  
ALA HB2    H N N 11  
ALA HB3    H N N 12  
ALA HXT    H N N 13  
ARG N      N N N 14  
ARG CA     C N S 15  
ARG C      C N N 16  
ARG O      O N N 17  
ARG CB     C N N 18  
ARG CG     C N N 19  
ARG CD     C N N 20  
ARG NE     N N N 21  
ARG CZ     C N N 22  
ARG NH1    N N N 23  
ARG NH2    N N N 24  
ARG OXT    O N N 25  
ARG H      H N N 26  
ARG H2     H N N 27  
ARG HA     H N N 28  
ARG HB2    H N N 29  
ARG HB3    H N N 30  
ARG HG2    H N N 31  
ARG HG3    H N N 32  
ARG HD2    H N N 33  
ARG HD3    H N N 34  
ARG HE     H N N 35  
ARG HH11   H N N 36  
ARG HH12   H N N 37  
ARG HH21   H N N 38  
ARG HH22   H N N 39  
ARG HXT    H N N 40  
ASN N      N N N 41  
ASN CA     C N S 42  
ASN C      C N N 43  
ASN O      O N N 44  
ASN CB     C N N 45  
ASN CG     C N N 46  
ASN OD1    O N N 47  
ASN ND2    N N N 48  
ASN OXT    O N N 49  
ASN H      H N N 50  
ASN H2     H N N 51  
ASN HA     H N N 52  
ASN HB2    H N N 53  
ASN HB3    H N N 54  
ASN HD21   H N N 55  
ASN HD22   H N N 56  
ASN HXT    H N N 57  
ASP N      N N N 58  
ASP CA     C N S 59  
ASP C      C N N 60  
ASP O      O N N 61  
ASP CB     C N N 62  
ASP CG     C N N 63  
ASP OD1    O N N 64  
ASP OD2    O N N 65  
ASP OXT    O N N 66  
ASP H      H N N 67  
ASP H2     H N N 68  
ASP HA     H N N 69  
ASP HB2    H N N 70  
ASP HB3    H N N 71  
ASP HD2    H N N 72  
ASP HXT    H N N 73  
CYS N      N N N 74  
CYS CA     C N R 75  
CYS C      C N N 76  
CYS O      O N N 77  
CYS CB     C N N 78  
CYS SG     S N N 79  
CYS OXT    O N N 80  
CYS H      H N N 81  
CYS H2     H N N 82  
CYS HA     H N N 83  
CYS HB2    H N N 84  
CYS HB3    H N N 85  
CYS HG     H N N 86  
CYS HXT    H N N 87  
GDP PB     P N N 88  
GDP O1B    O N N 89  
GDP O2B    O N N 90  
GDP O3B    O N N 91  
GDP O3A    O N N 92  
GDP PA     P N N 93  
GDP O1A    O N N 94  
GDP O2A    O N N 95  
GDP "O5'"  O N N 96  
GDP "C5'"  C N N 97  
GDP "C4'"  C N R 98  
GDP "O4'"  O N N 99  
GDP "C3'"  C N S 100 
GDP "O3'"  O N N 101 
GDP "C2'"  C N R 102 
GDP "O2'"  O N N 103 
GDP "C1'"  C N R 104 
GDP N9     N Y N 105 
GDP C8     C Y N 106 
GDP N7     N Y N 107 
GDP C5     C Y N 108 
GDP C6     C N N 109 
GDP O6     O N N 110 
GDP N1     N N N 111 
GDP C2     C N N 112 
GDP N2     N N N 113 
GDP N3     N N N 114 
GDP C4     C Y N 115 
GDP HOB2   H N N 116 
GDP HOB3   H N N 117 
GDP HOA2   H N N 118 
GDP "H5'"  H N N 119 
GDP "H5''" H N N 120 
GDP "H4'"  H N N 121 
GDP "H3'"  H N N 122 
GDP "HO3'" H N N 123 
GDP "H2'"  H N N 124 
GDP "HO2'" H N N 125 
GDP "H1'"  H N N 126 
GDP H8     H N N 127 
GDP HN1    H N N 128 
GDP HN21   H N N 129 
GDP HN22   H N N 130 
GLN N      N N N 131 
GLN CA     C N S 132 
GLN C      C N N 133 
GLN O      O N N 134 
GLN CB     C N N 135 
GLN CG     C N N 136 
GLN CD     C N N 137 
GLN OE1    O N N 138 
GLN NE2    N N N 139 
GLN OXT    O N N 140 
GLN H      H N N 141 
GLN H2     H N N 142 
GLN HA     H N N 143 
GLN HB2    H N N 144 
GLN HB3    H N N 145 
GLN HG2    H N N 146 
GLN HG3    H N N 147 
GLN HE21   H N N 148 
GLN HE22   H N N 149 
GLN HXT    H N N 150 
GLU N      N N N 151 
GLU CA     C N S 152 
GLU C      C N N 153 
GLU O      O N N 154 
GLU CB     C N N 155 
GLU CG     C N N 156 
GLU CD     C N N 157 
GLU OE1    O N N 158 
GLU OE2    O N N 159 
GLU OXT    O N N 160 
GLU H      H N N 161 
GLU H2     H N N 162 
GLU HA     H N N 163 
GLU HB2    H N N 164 
GLU HB3    H N N 165 
GLU HG2    H N N 166 
GLU HG3    H N N 167 
GLU HE2    H N N 168 
GLU HXT    H N N 169 
GLY N      N N N 170 
GLY CA     C N N 171 
GLY C      C N N 172 
GLY O      O N N 173 
GLY OXT    O N N 174 
GLY H      H N N 175 
GLY H2     H N N 176 
GLY HA2    H N N 177 
GLY HA3    H N N 178 
GLY HXT    H N N 179 
HIS N      N N N 180 
HIS CA     C N S 181 
HIS C      C N N 182 
HIS O      O N N 183 
HIS CB     C N N 184 
HIS CG     C Y N 185 
HIS ND1    N Y N 186 
HIS CD2    C Y N 187 
HIS CE1    C Y N 188 
HIS NE2    N Y N 189 
HIS OXT    O N N 190 
HIS H      H N N 191 
HIS H2     H N N 192 
HIS HA     H N N 193 
HIS HB2    H N N 194 
HIS HB3    H N N 195 
HIS HD1    H N N 196 
HIS HD2    H N N 197 
HIS HE1    H N N 198 
HIS HE2    H N N 199 
HIS HXT    H N N 200 
HOH O      O N N 201 
HOH H1     H N N 202 
HOH H2     H N N 203 
ILE N      N N N 204 
ILE CA     C N S 205 
ILE C      C N N 206 
ILE O      O N N 207 
ILE CB     C N S 208 
ILE CG1    C N N 209 
ILE CG2    C N N 210 
ILE CD1    C N N 211 
ILE OXT    O N N 212 
ILE H      H N N 213 
ILE H2     H N N 214 
ILE HA     H N N 215 
ILE HB     H N N 216 
ILE HG12   H N N 217 
ILE HG13   H N N 218 
ILE HG21   H N N 219 
ILE HG22   H N N 220 
ILE HG23   H N N 221 
ILE HD11   H N N 222 
ILE HD12   H N N 223 
ILE HD13   H N N 224 
ILE HXT    H N N 225 
LEU N      N N N 226 
LEU CA     C N S 227 
LEU C      C N N 228 
LEU O      O N N 229 
LEU CB     C N N 230 
LEU CG     C N N 231 
LEU CD1    C N N 232 
LEU CD2    C N N 233 
LEU OXT    O N N 234 
LEU H      H N N 235 
LEU H2     H N N 236 
LEU HA     H N N 237 
LEU HB2    H N N 238 
LEU HB3    H N N 239 
LEU HG     H N N 240 
LEU HD11   H N N 241 
LEU HD12   H N N 242 
LEU HD13   H N N 243 
LEU HD21   H N N 244 
LEU HD22   H N N 245 
LEU HD23   H N N 246 
LEU HXT    H N N 247 
LYS N      N N N 248 
LYS CA     C N S 249 
LYS C      C N N 250 
LYS O      O N N 251 
LYS CB     C N N 252 
LYS CG     C N N 253 
LYS CD     C N N 254 
LYS CE     C N N 255 
LYS NZ     N N N 256 
LYS OXT    O N N 257 
LYS H      H N N 258 
LYS H2     H N N 259 
LYS HA     H N N 260 
LYS HB2    H N N 261 
LYS HB3    H N N 262 
LYS HG2    H N N 263 
LYS HG3    H N N 264 
LYS HD2    H N N 265 
LYS HD3    H N N 266 
LYS HE2    H N N 267 
LYS HE3    H N N 268 
LYS HZ1    H N N 269 
LYS HZ2    H N N 270 
LYS HZ3    H N N 271 
LYS HXT    H N N 272 
MET N      N N N 273 
MET CA     C N S 274 
MET C      C N N 275 
MET O      O N N 276 
MET CB     C N N 277 
MET CG     C N N 278 
MET SD     S N N 279 
MET CE     C N N 280 
MET OXT    O N N 281 
MET H      H N N 282 
MET H2     H N N 283 
MET HA     H N N 284 
MET HB2    H N N 285 
MET HB3    H N N 286 
MET HG2    H N N 287 
MET HG3    H N N 288 
MET HE1    H N N 289 
MET HE2    H N N 290 
MET HE3    H N N 291 
MET HXT    H N N 292 
PHE N      N N N 293 
PHE CA     C N S 294 
PHE C      C N N 295 
PHE O      O N N 296 
PHE CB     C N N 297 
PHE CG     C Y N 298 
PHE CD1    C Y N 299 
PHE CD2    C Y N 300 
PHE CE1    C Y N 301 
PHE CE2    C Y N 302 
PHE CZ     C Y N 303 
PHE OXT    O N N 304 
PHE H      H N N 305 
PHE H2     H N N 306 
PHE HA     H N N 307 
PHE HB2    H N N 308 
PHE HB3    H N N 309 
PHE HD1    H N N 310 
PHE HD2    H N N 311 
PHE HE1    H N N 312 
PHE HE2    H N N 313 
PHE HZ     H N N 314 
PHE HXT    H N N 315 
PRO N      N N N 316 
PRO CA     C N S 317 
PRO C      C N N 318 
PRO O      O N N 319 
PRO CB     C N N 320 
PRO CG     C N N 321 
PRO CD     C N N 322 
PRO OXT    O N N 323 
PRO H      H N N 324 
PRO HA     H N N 325 
PRO HB2    H N N 326 
PRO HB3    H N N 327 
PRO HG2    H N N 328 
PRO HG3    H N N 329 
PRO HD2    H N N 330 
PRO HD3    H N N 331 
PRO HXT    H N N 332 
SER N      N N N 333 
SER CA     C N S 334 
SER C      C N N 335 
SER O      O N N 336 
SER CB     C N N 337 
SER OG     O N N 338 
SER OXT    O N N 339 
SER H      H N N 340 
SER H2     H N N 341 
SER HA     H N N 342 
SER HB2    H N N 343 
SER HB3    H N N 344 
SER HG     H N N 345 
SER HXT    H N N 346 
THR N      N N N 347 
THR CA     C N S 348 
THR C      C N N 349 
THR O      O N N 350 
THR CB     C N R 351 
THR OG1    O N N 352 
THR CG2    C N N 353 
THR OXT    O N N 354 
THR H      H N N 355 
THR H2     H N N 356 
THR HA     H N N 357 
THR HB     H N N 358 
THR HG1    H N N 359 
THR HG21   H N N 360 
THR HG22   H N N 361 
THR HG23   H N N 362 
THR HXT    H N N 363 
TYR N      N N N 364 
TYR CA     C N S 365 
TYR C      C N N 366 
TYR O      O N N 367 
TYR CB     C N N 368 
TYR CG     C Y N 369 
TYR CD1    C Y N 370 
TYR CD2    C Y N 371 
TYR CE1    C Y N 372 
TYR CE2    C Y N 373 
TYR CZ     C Y N 374 
TYR OH     O N N 375 
TYR OXT    O N N 376 
TYR H      H N N 377 
TYR H2     H N N 378 
TYR HA     H N N 379 
TYR HB2    H N N 380 
TYR HB3    H N N 381 
TYR HD1    H N N 382 
TYR HD2    H N N 383 
TYR HE1    H N N 384 
TYR HE2    H N N 385 
TYR HH     H N N 386 
TYR HXT    H N N 387 
VAL N      N N N 388 
VAL CA     C N S 389 
VAL C      C N N 390 
VAL O      O N N 391 
VAL CB     C N N 392 
VAL CG1    C N N 393 
VAL CG2    C N N 394 
VAL OXT    O N N 395 
VAL H      H N N 396 
VAL H2     H N N 397 
VAL HA     H N N 398 
VAL HB     H N N 399 
VAL HG11   H N N 400 
VAL HG12   H N N 401 
VAL HG13   H N N 402 
VAL HG21   H N N 403 
VAL HG22   H N N 404 
VAL HG23   H N N 405 
VAL HXT    H N N 406 
# 
loop_
_chem_comp_bond.comp_id 
_chem_comp_bond.atom_id_1 
_chem_comp_bond.atom_id_2 
_chem_comp_bond.value_order 
_chem_comp_bond.pdbx_aromatic_flag 
_chem_comp_bond.pdbx_stereo_config 
_chem_comp_bond.pdbx_ordinal 
ALA N     CA     sing N N 1   
ALA N     H      sing N N 2   
ALA N     H2     sing N N 3   
ALA CA    C      sing N N 4   
ALA CA    CB     sing N N 5   
ALA CA    HA     sing N N 6   
ALA C     O      doub N N 7   
ALA C     OXT    sing N N 8   
ALA CB    HB1    sing N N 9   
ALA CB    HB2    sing N N 10  
ALA CB    HB3    sing N N 11  
ALA OXT   HXT    sing N N 12  
ARG N     CA     sing N N 13  
ARG N     H      sing N N 14  
ARG N     H2     sing N N 15  
ARG CA    C      sing N N 16  
ARG CA    CB     sing N N 17  
ARG CA    HA     sing N N 18  
ARG C     O      doub N N 19  
ARG C     OXT    sing N N 20  
ARG CB    CG     sing N N 21  
ARG CB    HB2    sing N N 22  
ARG CB    HB3    sing N N 23  
ARG CG    CD     sing N N 24  
ARG CG    HG2    sing N N 25  
ARG CG    HG3    sing N N 26  
ARG CD    NE     sing N N 27  
ARG CD    HD2    sing N N 28  
ARG CD    HD3    sing N N 29  
ARG NE    CZ     sing N N 30  
ARG NE    HE     sing N N 31  
ARG CZ    NH1    sing N N 32  
ARG CZ    NH2    doub N N 33  
ARG NH1   HH11   sing N N 34  
ARG NH1   HH12   sing N N 35  
ARG NH2   HH21   sing N N 36  
ARG NH2   HH22   sing N N 37  
ARG OXT   HXT    sing N N 38  
ASN N     CA     sing N N 39  
ASN N     H      sing N N 40  
ASN N     H2     sing N N 41  
ASN CA    C      sing N N 42  
ASN CA    CB     sing N N 43  
ASN CA    HA     sing N N 44  
ASN C     O      doub N N 45  
ASN C     OXT    sing N N 46  
ASN CB    CG     sing N N 47  
ASN CB    HB2    sing N N 48  
ASN CB    HB3    sing N N 49  
ASN CG    OD1    doub N N 50  
ASN CG    ND2    sing N N 51  
ASN ND2   HD21   sing N N 52  
ASN ND2   HD22   sing N N 53  
ASN OXT   HXT    sing N N 54  
ASP N     CA     sing N N 55  
ASP N     H      sing N N 56  
ASP N     H2     sing N N 57  
ASP CA    C      sing N N 58  
ASP CA    CB     sing N N 59  
ASP CA    HA     sing N N 60  
ASP C     O      doub N N 61  
ASP C     OXT    sing N N 62  
ASP CB    CG     sing N N 63  
ASP CB    HB2    sing N N 64  
ASP CB    HB3    sing N N 65  
ASP CG    OD1    doub N N 66  
ASP CG    OD2    sing N N 67  
ASP OD2   HD2    sing N N 68  
ASP OXT   HXT    sing N N 69  
CYS N     CA     sing N N 70  
CYS N     H      sing N N 71  
CYS N     H2     sing N N 72  
CYS CA    C      sing N N 73  
CYS CA    CB     sing N N 74  
CYS CA    HA     sing N N 75  
CYS C     O      doub N N 76  
CYS C     OXT    sing N N 77  
CYS CB    SG     sing N N 78  
CYS CB    HB2    sing N N 79  
CYS CB    HB3    sing N N 80  
CYS SG    HG     sing N N 81  
CYS OXT   HXT    sing N N 82  
GDP PB    O1B    doub N N 83  
GDP PB    O2B    sing N N 84  
GDP PB    O3B    sing N N 85  
GDP PB    O3A    sing N N 86  
GDP O2B   HOB2   sing N N 87  
GDP O3B   HOB3   sing N N 88  
GDP O3A   PA     sing N N 89  
GDP PA    O1A    doub N N 90  
GDP PA    O2A    sing N N 91  
GDP PA    "O5'"  sing N N 92  
GDP O2A   HOA2   sing N N 93  
GDP "O5'" "C5'"  sing N N 94  
GDP "C5'" "C4'"  sing N N 95  
GDP "C5'" "H5'"  sing N N 96  
GDP "C5'" "H5''" sing N N 97  
GDP "C4'" "O4'"  sing N N 98  
GDP "C4'" "C3'"  sing N N 99  
GDP "C4'" "H4'"  sing N N 100 
GDP "O4'" "C1'"  sing N N 101 
GDP "C3'" "O3'"  sing N N 102 
GDP "C3'" "C2'"  sing N N 103 
GDP "C3'" "H3'"  sing N N 104 
GDP "O3'" "HO3'" sing N N 105 
GDP "C2'" "O2'"  sing N N 106 
GDP "C2'" "C1'"  sing N N 107 
GDP "C2'" "H2'"  sing N N 108 
GDP "O2'" "HO2'" sing N N 109 
GDP "C1'" N9     sing N N 110 
GDP "C1'" "H1'"  sing N N 111 
GDP N9    C8     sing Y N 112 
GDP N9    C4     sing Y N 113 
GDP C8    N7     doub Y N 114 
GDP C8    H8     sing N N 115 
GDP N7    C5     sing Y N 116 
GDP C5    C6     sing N N 117 
GDP C5    C4     doub Y N 118 
GDP C6    O6     doub N N 119 
GDP C6    N1     sing N N 120 
GDP N1    C2     sing N N 121 
GDP N1    HN1    sing N N 122 
GDP C2    N2     sing N N 123 
GDP C2    N3     doub N N 124 
GDP N2    HN21   sing N N 125 
GDP N2    HN22   sing N N 126 
GDP N3    C4     sing N N 127 
GLN N     CA     sing N N 128 
GLN N     H      sing N N 129 
GLN N     H2     sing N N 130 
GLN CA    C      sing N N 131 
GLN CA    CB     sing N N 132 
GLN CA    HA     sing N N 133 
GLN C     O      doub N N 134 
GLN C     OXT    sing N N 135 
GLN CB    CG     sing N N 136 
GLN CB    HB2    sing N N 137 
GLN CB    HB3    sing N N 138 
GLN CG    CD     sing N N 139 
GLN CG    HG2    sing N N 140 
GLN CG    HG3    sing N N 141 
GLN CD    OE1    doub N N 142 
GLN CD    NE2    sing N N 143 
GLN NE2   HE21   sing N N 144 
GLN NE2   HE22   sing N N 145 
GLN OXT   HXT    sing N N 146 
GLU N     CA     sing N N 147 
GLU N     H      sing N N 148 
GLU N     H2     sing N N 149 
GLU CA    C      sing N N 150 
GLU CA    CB     sing N N 151 
GLU CA    HA     sing N N 152 
GLU C     O      doub N N 153 
GLU C     OXT    sing N N 154 
GLU CB    CG     sing N N 155 
GLU CB    HB2    sing N N 156 
GLU CB    HB3    sing N N 157 
GLU CG    CD     sing N N 158 
GLU CG    HG2    sing N N 159 
GLU CG    HG3    sing N N 160 
GLU CD    OE1    doub N N 161 
GLU CD    OE2    sing N N 162 
GLU OE2   HE2    sing N N 163 
GLU OXT   HXT    sing N N 164 
GLY N     CA     sing N N 165 
GLY N     H      sing N N 166 
GLY N     H2     sing N N 167 
GLY CA    C      sing N N 168 
GLY CA    HA2    sing N N 169 
GLY CA    HA3    sing N N 170 
GLY C     O      doub N N 171 
GLY C     OXT    sing N N 172 
GLY OXT   HXT    sing N N 173 
HIS N     CA     sing N N 174 
HIS N     H      sing N N 175 
HIS N     H2     sing N N 176 
HIS CA    C      sing N N 177 
HIS CA    CB     sing N N 178 
HIS CA    HA     sing N N 179 
HIS C     O      doub N N 180 
HIS C     OXT    sing N N 181 
HIS CB    CG     sing N N 182 
HIS CB    HB2    sing N N 183 
HIS CB    HB3    sing N N 184 
HIS CG    ND1    sing Y N 185 
HIS CG    CD2    doub Y N 186 
HIS ND1   CE1    doub Y N 187 
HIS ND1   HD1    sing N N 188 
HIS CD2   NE2    sing Y N 189 
HIS CD2   HD2    sing N N 190 
HIS CE1   NE2    sing Y N 191 
HIS CE1   HE1    sing N N 192 
HIS NE2   HE2    sing N N 193 
HIS OXT   HXT    sing N N 194 
HOH O     H1     sing N N 195 
HOH O     H2     sing N N 196 
ILE N     CA     sing N N 197 
ILE N     H      sing N N 198 
ILE N     H2     sing N N 199 
ILE CA    C      sing N N 200 
ILE CA    CB     sing N N 201 
ILE CA    HA     sing N N 202 
ILE C     O      doub N N 203 
ILE C     OXT    sing N N 204 
ILE CB    CG1    sing N N 205 
ILE CB    CG2    sing N N 206 
ILE CB    HB     sing N N 207 
ILE CG1   CD1    sing N N 208 
ILE CG1   HG12   sing N N 209 
ILE CG1   HG13   sing N N 210 
ILE CG2   HG21   sing N N 211 
ILE CG2   HG22   sing N N 212 
ILE CG2   HG23   sing N N 213 
ILE CD1   HD11   sing N N 214 
ILE CD1   HD12   sing N N 215 
ILE CD1   HD13   sing N N 216 
ILE OXT   HXT    sing N N 217 
LEU N     CA     sing N N 218 
LEU N     H      sing N N 219 
LEU N     H2     sing N N 220 
LEU CA    C      sing N N 221 
LEU CA    CB     sing N N 222 
LEU CA    HA     sing N N 223 
LEU C     O      doub N N 224 
LEU C     OXT    sing N N 225 
LEU CB    CG     sing N N 226 
LEU CB    HB2    sing N N 227 
LEU CB    HB3    sing N N 228 
LEU CG    CD1    sing N N 229 
LEU CG    CD2    sing N N 230 
LEU CG    HG     sing N N 231 
LEU CD1   HD11   sing N N 232 
LEU CD1   HD12   sing N N 233 
LEU CD1   HD13   sing N N 234 
LEU CD2   HD21   sing N N 235 
LEU CD2   HD22   sing N N 236 
LEU CD2   HD23   sing N N 237 
LEU OXT   HXT    sing N N 238 
LYS N     CA     sing N N 239 
LYS N     H      sing N N 240 
LYS N     H2     sing N N 241 
LYS CA    C      sing N N 242 
LYS CA    CB     sing N N 243 
LYS CA    HA     sing N N 244 
LYS C     O      doub N N 245 
LYS C     OXT    sing N N 246 
LYS CB    CG     sing N N 247 
LYS CB    HB2    sing N N 248 
LYS CB    HB3    sing N N 249 
LYS CG    CD     sing N N 250 
LYS CG    HG2    sing N N 251 
LYS CG    HG3    sing N N 252 
LYS CD    CE     sing N N 253 
LYS CD    HD2    sing N N 254 
LYS CD    HD3    sing N N 255 
LYS CE    NZ     sing N N 256 
LYS CE    HE2    sing N N 257 
LYS CE    HE3    sing N N 258 
LYS NZ    HZ1    sing N N 259 
LYS NZ    HZ2    sing N N 260 
LYS NZ    HZ3    sing N N 261 
LYS OXT   HXT    sing N N 262 
MET N     CA     sing N N 263 
MET N     H      sing N N 264 
MET N     H2     sing N N 265 
MET CA    C      sing N N 266 
MET CA    CB     sing N N 267 
MET CA    HA     sing N N 268 
MET C     O      doub N N 269 
MET C     OXT    sing N N 270 
MET CB    CG     sing N N 271 
MET CB    HB2    sing N N 272 
MET CB    HB3    sing N N 273 
MET CG    SD     sing N N 274 
MET CG    HG2    sing N N 275 
MET CG    HG3    sing N N 276 
MET SD    CE     sing N N 277 
MET CE    HE1    sing N N 278 
MET CE    HE2    sing N N 279 
MET CE    HE3    sing N N 280 
MET OXT   HXT    sing N N 281 
PHE N     CA     sing N N 282 
PHE N     H      sing N N 283 
PHE N     H2     sing N N 284 
PHE CA    C      sing N N 285 
PHE CA    CB     sing N N 286 
PHE CA    HA     sing N N 287 
PHE C     O      doub N N 288 
PHE C     OXT    sing N N 289 
PHE CB    CG     sing N N 290 
PHE CB    HB2    sing N N 291 
PHE CB    HB3    sing N N 292 
PHE CG    CD1    doub Y N 293 
PHE CG    CD2    sing Y N 294 
PHE CD1   CE1    sing Y N 295 
PHE CD1   HD1    sing N N 296 
PHE CD2   CE2    doub Y N 297 
PHE CD2   HD2    sing N N 298 
PHE CE1   CZ     doub Y N 299 
PHE CE1   HE1    sing N N 300 
PHE CE2   CZ     sing Y N 301 
PHE CE2   HE2    sing N N 302 
PHE CZ    HZ     sing N N 303 
PHE OXT   HXT    sing N N 304 
PRO N     CA     sing N N 305 
PRO N     CD     sing N N 306 
PRO N     H      sing N N 307 
PRO CA    C      sing N N 308 
PRO CA    CB     sing N N 309 
PRO CA    HA     sing N N 310 
PRO C     O      doub N N 311 
PRO C     OXT    sing N N 312 
PRO CB    CG     sing N N 313 
PRO CB    HB2    sing N N 314 
PRO CB    HB3    sing N N 315 
PRO CG    CD     sing N N 316 
PRO CG    HG2    sing N N 317 
PRO CG    HG3    sing N N 318 
PRO CD    HD2    sing N N 319 
PRO CD    HD3    sing N N 320 
PRO OXT   HXT    sing N N 321 
SER N     CA     sing N N 322 
SER N     H      sing N N 323 
SER N     H2     sing N N 324 
SER CA    C      sing N N 325 
SER CA    CB     sing N N 326 
SER CA    HA     sing N N 327 
SER C     O      doub N N 328 
SER C     OXT    sing N N 329 
SER CB    OG     sing N N 330 
SER CB    HB2    sing N N 331 
SER CB    HB3    sing N N 332 
SER OG    HG     sing N N 333 
SER OXT   HXT    sing N N 334 
THR N     CA     sing N N 335 
THR N     H      sing N N 336 
THR N     H2     sing N N 337 
THR CA    C      sing N N 338 
THR CA    CB     sing N N 339 
THR CA    HA     sing N N 340 
THR C     O      doub N N 341 
THR C     OXT    sing N N 342 
THR CB    OG1    sing N N 343 
THR CB    CG2    sing N N 344 
THR CB    HB     sing N N 345 
THR OG1   HG1    sing N N 346 
THR CG2   HG21   sing N N 347 
THR CG2   HG22   sing N N 348 
THR CG2   HG23   sing N N 349 
THR OXT   HXT    sing N N 350 
TYR N     CA     sing N N 351 
TYR N     H      sing N N 352 
TYR N     H2     sing N N 353 
TYR CA    C      sing N N 354 
TYR CA    CB     sing N N 355 
TYR CA    HA     sing N N 356 
TYR C     O      doub N N 357 
TYR C     OXT    sing N N 358 
TYR CB    CG     sing N N 359 
TYR CB    HB2    sing N N 360 
TYR CB    HB3    sing N N 361 
TYR CG    CD1    doub Y N 362 
TYR CG    CD2    sing Y N 363 
TYR CD1   CE1    sing Y N 364 
TYR CD1   HD1    sing N N 365 
TYR CD2   CE2    doub Y N 366 
TYR CD2   HD2    sing N N 367 
TYR CE1   CZ     doub Y N 368 
TYR CE1   HE1    sing N N 369 
TYR CE2   CZ     sing Y N 370 
TYR CE2   HE2    sing N N 371 
TYR CZ    OH     sing N N 372 
TYR OH    HH     sing N N 373 
TYR OXT   HXT    sing N N 374 
VAL N     CA     sing N N 375 
VAL N     H      sing N N 376 
VAL N     H2     sing N N 377 
VAL CA    C      sing N N 378 
VAL CA    CB     sing N N 379 
VAL CA    HA     sing N N 380 
VAL C     O      doub N N 381 
VAL C     OXT    sing N N 382 
VAL CB    CG1    sing N N 383 
VAL CB    CG2    sing N N 384 
VAL CB    HB     sing N N 385 
VAL CG1   HG11   sing N N 386 
VAL CG1   HG12   sing N N 387 
VAL CG1   HG13   sing N N 388 
VAL CG2   HG21   sing N N 389 
VAL CG2   HG22   sing N N 390 
VAL CG2   HG23   sing N N 391 
VAL OXT   HXT    sing N N 392 
# 
_atom_sites.entry_id                    2QU8 
_atom_sites.fract_transf_matrix[1][1]   0.00038148 
_atom_sites.fract_transf_matrix[1][2]   -0.01341422 
_atom_sites.fract_transf_matrix[1][3]   0.01159956 
_atom_sites.fract_transf_matrix[2][1]   0.01188327 
_atom_sites.fract_transf_matrix[2][2]   -0.00318546 
_atom_sites.fract_transf_matrix[2][3]   -0.00407460 
_atom_sites.fract_transf_matrix[3][1]   0.00991373 
_atom_sites.fract_transf_matrix[3][2]   0.01508528 
_atom_sites.fract_transf_matrix[3][3]   0.01711921 
_atom_sites.fract_transf_vector[1]      0.785185 
_atom_sites.fract_transf_vector[2]      0.217407 
_atom_sites.fract_transf_vector[3]      0.166127 
# 
loop_
_atom_type.symbol 
C 
N 
O 
P 
S 
# 
loop_
_atom_site.group_PDB 
_atom_site.id 
_atom_site.type_symbol 
_atom_site.label_atom_id 
_atom_site.label_alt_id 
_atom_site.label_comp_id 
_atom_site.label_asym_id 
_atom_site.label_entity_id 
_atom_site.label_seq_id 
_atom_site.pdbx_PDB_ins_code 
_atom_site.Cartn_x 
_atom_site.Cartn_y 
_atom_site.Cartn_z 
_atom_site.occupancy 
_atom_site.B_iso_or_equiv 
_atom_site.pdbx_formal_charge 
_atom_site.auth_seq_id 
_atom_site.auth_comp_id 
_atom_site.auth_asym_id 
_atom_site.auth_atom_id 
_atom_site.pdbx_PDB_model_num 
ATOM   1    N N     . LEU A 1 22  ? 4.574   -11.541 -9.742  1.00 49.86 ? 22  LEU A N     1 
ATOM   2    C CA    . LEU A 1 22  ? 4.748   -12.765 -10.582 1.00 49.53 ? 22  LEU A CA    1 
ATOM   3    C C     . LEU A 1 22  ? 5.260   -12.457 -12.007 1.00 49.01 ? 22  LEU A C     1 
ATOM   4    O O     . LEU A 1 22  ? 6.289   -13.003 -12.413 1.00 49.23 ? 22  LEU A O     1 
ATOM   5    C CB    . LEU A 1 22  ? 3.460   -13.609 -10.602 1.00 49.82 ? 22  LEU A CB    1 
ATOM   6    C CG    . LEU A 1 22  ? 3.570   -15.138 -10.688 1.00 50.38 ? 22  LEU A CG    1 
ATOM   7    C CD1   . LEU A 1 22  ? 2.228   -15.779 -10.351 1.00 50.90 ? 22  LEU A CD1   1 
ATOM   8    C CD2   . LEU A 1 22  ? 4.077   -15.626 -12.057 1.00 51.21 ? 22  LEU A CD2   1 
ATOM   9    N N     . PRO A 1 23  ? 4.552   -11.601 -12.781 1.00 48.39 ? 23  PRO A N     1 
ATOM   10   C CA    . PRO A 1 23  ? 5.157   -11.264 -14.071 1.00 47.74 ? 23  PRO A CA    1 
ATOM   11   C C     . PRO A 1 23  ? 6.318   -10.287 -13.920 1.00 46.98 ? 23  PRO A C     1 
ATOM   12   O O     . PRO A 1 23  ? 6.104   -9.125  -13.577 1.00 47.41 ? 23  PRO A O     1 
ATOM   13   C CB    . PRO A 1 23  ? 4.006   -10.614 -14.846 1.00 47.76 ? 23  PRO A CB    1 
ATOM   14   C CG    . PRO A 1 23  ? 3.108   -10.068 -13.813 1.00 48.11 ? 23  PRO A CG    1 
ATOM   15   C CD    . PRO A 1 23  ? 3.246   -10.937 -12.594 1.00 48.42 ? 23  PRO A CD    1 
ATOM   16   N N     . SER A 1 24  ? 7.535   -10.770 -14.152 1.00 45.72 ? 24  SER A N     1 
ATOM   17   C CA    . SER A 1 24  ? 8.733   -9.925  -14.188 1.00 44.31 ? 24  SER A CA    1 
ATOM   18   C C     . SER A 1 24  ? 8.819   -8.879  -13.061 1.00 43.16 ? 24  SER A C     1 
ATOM   19   O O     . SER A 1 24  ? 9.039   -7.693  -13.317 1.00 43.40 ? 24  SER A O     1 
ATOM   20   C CB    . SER A 1 24  ? 8.870   -9.257  -15.567 1.00 44.45 ? 24  SER A CB    1 
ATOM   21   N N     . ILE A 1 25  ? 8.625   -9.324  -11.823 1.00 41.68 ? 25  ILE A N     1 
ATOM   22   C CA    . ILE A 1 25  ? 8.835   -8.474  -10.657 1.00 40.38 ? 25  ILE A CA    1 
ATOM   23   C C     . ILE A 1 25  ? 10.032  -9.016  -9.881  1.00 39.24 ? 25  ILE A C     1 
ATOM   24   O O     . ILE A 1 25  ? 10.101  -10.210 -9.600  1.00 38.84 ? 25  ILE A O     1 
ATOM   25   C CB    . ILE A 1 25  ? 7.601   -8.438  -9.711  1.00 40.43 ? 25  ILE A CB    1 
ATOM   26   C CG1   . ILE A 1 25  ? 6.373   -7.858  -10.419 1.00 40.63 ? 25  ILE A CG1   1 
ATOM   27   C CG2   . ILE A 1 25  ? 7.921   -7.637  -8.429  1.00 40.81 ? 25  ILE A CG2   1 
ATOM   28   C CD1   . ILE A 1 25  ? 5.093   -7.910  -9.573  1.00 40.66 ? 25  ILE A CD1   1 
ATOM   29   N N     . ASN A 1 26  ? 10.970  -8.141  -9.534  1.00 37.98 ? 26  ASN A N     1 
ATOM   30   C CA    . ASN A 1 26  ? 12.027  -8.532  -8.617  1.00 36.93 ? 26  ASN A CA    1 
ATOM   31   C C     . ASN A 1 26  ? 11.523  -8.511  -7.166  1.00 36.65 ? 26  ASN A C     1 
ATOM   32   O O     . ASN A 1 26  ? 11.212  -7.447  -6.636  1.00 36.08 ? 26  ASN A O     1 
ATOM   33   C CB    . ASN A 1 26  ? 13.259  -7.649  -8.781  1.00 36.67 ? 26  ASN A CB    1 
ATOM   34   C CG    . ASN A 1 26  ? 14.468  -8.213  -8.067  1.00 36.44 ? 26  ASN A CG    1 
ATOM   35   O OD1   . ASN A 1 26  ? 14.436  -8.455  -6.860  1.00 36.89 ? 26  ASN A OD1   1 
ATOM   36   N ND2   . ASN A 1 26  ? 15.541  -8.439  -8.810  1.00 35.98 ? 26  ASN A ND2   1 
ATOM   37   N N     . PRO A 1 27  ? 11.458  -9.689  -6.517  1.00 36.72 ? 27  PRO A N     1 
ATOM   38   C CA    . PRO A 1 27  ? 10.878  -9.799  -5.167  1.00 36.61 ? 27  PRO A CA    1 
ATOM   39   C C     . PRO A 1 27  ? 11.762  -9.222  -4.052  1.00 36.43 ? 27  PRO A C     1 
ATOM   40   O O     . PRO A 1 27  ? 11.287  -9.033  -2.929  1.00 36.95 ? 27  PRO A O     1 
ATOM   41   C CB    . PRO A 1 27  ? 10.716  -11.309 -4.987  1.00 36.55 ? 27  PRO A CB    1 
ATOM   42   C CG    . PRO A 1 27  ? 11.812  -11.890 -5.809  1.00 37.12 ? 27  PRO A CG    1 
ATOM   43   C CD    . PRO A 1 27  ? 11.942  -10.992 -7.012  1.00 36.67 ? 27  PRO A CD    1 
ATOM   44   N N     . HIS A 1 28  ? 13.020  -8.928  -4.372  1.00 35.86 ? 28  HIS A N     1 
ATOM   45   C CA    . HIS A 1 28  ? 13.990  -8.458  -3.381  1.00 35.36 ? 28  HIS A CA    1 
ATOM   46   C C     . HIS A 1 28  ? 14.114  -6.931  -3.315  1.00 34.45 ? 28  HIS A C     1 
ATOM   47   O O     . HIS A 1 28  ? 14.558  -6.385  -2.301  1.00 34.79 ? 28  HIS A O     1 
ATOM   48   C CB    . HIS A 1 28  ? 15.364  -9.086  -3.649  1.00 36.01 ? 28  HIS A CB    1 
ATOM   49   C CG    . HIS A 1 28  ? 15.329  -10.571 -3.856  1.00 37.36 ? 28  HIS A CG    1 
ATOM   50   N ND1   . HIS A 1 28  ? 15.324  -11.471 -2.812  1.00 39.34 ? 28  HIS A ND1   1 
ATOM   51   C CD2   . HIS A 1 28  ? 15.317  -11.315 -4.991  1.00 39.49 ? 28  HIS A CD2   1 
ATOM   52   C CE1   . HIS A 1 28  ? 15.301  -12.703 -3.292  1.00 39.99 ? 28  HIS A CE1   1 
ATOM   53   N NE2   . HIS A 1 28  ? 15.299  -12.635 -4.612  1.00 39.80 ? 28  HIS A NE2   1 
ATOM   54   N N     . LYS A 1 29  ? 13.718  -6.243  -4.384  1.00 32.92 ? 29  LYS A N     1 
ATOM   55   C CA    . LYS A 1 29  ? 13.786  -4.780  -4.424  1.00 31.81 ? 29  LYS A CA    1 
ATOM   56   C C     . LYS A 1 29  ? 12.761  -4.175  -3.465  1.00 30.17 ? 29  LYS A C     1 
ATOM   57   O O     . LYS A 1 29  ? 11.629  -4.640  -3.388  1.00 29.57 ? 29  LYS A O     1 
ATOM   58   C CB    . LYS A 1 29  ? 13.561  -4.254  -5.851  1.00 31.68 ? 29  LYS A CB    1 
ATOM   59   C CG    . LYS A 1 29  ? 14.064  -2.815  -6.097  1.00 33.22 ? 29  LYS A CG    1 
ATOM   60   C CD    . LYS A 1 29  ? 13.667  -2.280  -7.477  1.00 33.03 ? 29  LYS A CD    1 
ATOM   61   C CE    . LYS A 1 29  ? 14.540  -1.104  -7.917  1.00 35.59 ? 29  LYS A CE    1 
ATOM   62   N NZ    . LYS A 1 29  ? 13.982  -0.356  -9.106  1.00 37.25 ? 29  LYS A NZ    1 
ATOM   63   N N     . LYS A 1 30  ? 13.172  -3.142  -2.734  1.00 29.00 ? 30  LYS A N     1 
ATOM   64   C CA    . LYS A 1 30  ? 12.257  -2.376  -1.889  1.00 28.18 ? 30  LYS A CA    1 
ATOM   65   C C     . LYS A 1 30  ? 11.052  -1.905  -2.711  1.00 27.38 ? 30  LYS A C     1 
ATOM   66   O O     . LYS A 1 30  ? 11.210  -1.303  -3.776  1.00 27.04 ? 30  LYS A O     1 
ATOM   67   C CB    . LYS A 1 30  ? 12.978  -1.191  -1.253  1.00 28.36 ? 30  LYS A CB    1 
ATOM   68   C CG    . LYS A 1 30  ? 14.116  -1.591  -0.321  1.00 29.76 ? 30  LYS A CG    1 
ATOM   69   C CD    . LYS A 1 30  ? 14.768  -0.375  0.325   1.00 33.19 ? 30  LYS A CD    1 
ATOM   70   C CE    . LYS A 1 30  ? 15.642  0.387   -0.647  1.00 34.68 ? 30  LYS A CE    1 
ATOM   71   N NZ    . LYS A 1 30  ? 16.756  -0.460  -1.179  1.00 37.50 ? 30  LYS A NZ    1 
ATOM   72   N N     . THR A 1 31  ? 9.854   -2.197  -2.215  1.00 26.33 ? 31  THR A N     1 
ATOM   73   C CA    . THR A 1 31  ? 8.639   -1.993  -2.991  1.00 25.21 ? 31  THR A CA    1 
ATOM   74   C C     . THR A 1 31  ? 7.532   -1.308  -2.202  1.00 24.73 ? 31  THR A C     1 
ATOM   75   O O     . THR A 1 31  ? 7.266   -1.656  -1.049  1.00 24.69 ? 31  THR A O     1 
ATOM   76   C CB    . THR A 1 31  ? 8.089   -3.359  -3.512  1.00 25.33 ? 31  THR A CB    1 
ATOM   77   O OG1   . THR A 1 31  ? 9.095   -4.032  -4.275  1.00 24.78 ? 31  THR A OG1   1 
ATOM   78   C CG2   . THR A 1 31  ? 6.829   -3.176  -4.376  1.00 24.95 ? 31  THR A CG2   1 
ATOM   79   N N     . ILE A 1 32  ? 6.869   -0.348  -2.835  1.00 23.82 ? 32  ILE A N     1 
ATOM   80   C CA    . ILE A 1 32  ? 5.560   0.089   -2.361  1.00 23.24 ? 32  ILE A CA    1 
ATOM   81   C C     . ILE A 1 32  ? 4.477   -0.673  -3.147  1.00 22.80 ? 32  ILE A C     1 
ATOM   82   O O     . ILE A 1 32  ? 4.431   -0.630  -4.376  1.00 23.00 ? 32  ILE A O     1 
ATOM   83   C CB    . ILE A 1 32  ? 5.375   1.623   -2.469  1.00 23.37 ? 32  ILE A CB    1 
ATOM   84   C CG1   . ILE A 1 32  ? 6.434   2.356   -1.625  1.00 23.06 ? 32  ILE A CG1   1 
ATOM   85   C CG2   . ILE A 1 32  ? 3.993   2.035   -2.000  1.00 23.33 ? 32  ILE A CG2   1 
ATOM   86   C CD1   . ILE A 1 32  ? 6.532   3.833   -1.960  1.00 21.07 ? 32  ILE A CD1   1 
ATOM   87   N N     . ILE A 1 33  ? 3.631   -1.393  -2.426  1.00 22.45 ? 33  ILE A N     1 
ATOM   88   C CA    . ILE A 1 33  ? 2.526   -2.124  -3.036  1.00 22.53 ? 33  ILE A CA    1 
ATOM   89   C C     . ILE A 1 33  ? 1.276   -1.278  -2.914  1.00 22.19 ? 33  ILE A C     1 
ATOM   90   O O     . ILE A 1 33  ? 0.796   -1.041  -1.807  1.00 22.43 ? 33  ILE A O     1 
ATOM   91   C CB    . ILE A 1 33  ? 2.314   -3.496  -2.346  1.00 22.63 ? 33  ILE A CB    1 
ATOM   92   C CG1   . ILE A 1 33  ? 3.596   -4.330  -2.450  1.00 22.96 ? 33  ILE A CG1   1 
ATOM   93   C CG2   . ILE A 1 33  ? 1.085   -4.233  -2.949  1.00 22.59 ? 33  ILE A CG2   1 
ATOM   94   C CD1   . ILE A 1 33  ? 3.739   -5.408  -1.366  1.00 24.57 ? 33  ILE A CD1   1 
ATOM   95   N N     . LEU A 1 34  ? 0.759   -0.806  -4.045  1.00 22.60 ? 34  LEU A N     1 
ATOM   96   C CA    . LEU A 1 34  ? -0.448  0.011   -4.021  1.00 22.75 ? 34  LEU A CA    1 
ATOM   97   C C     . LEU A 1 34  ? -1.711  -0.833  -3.945  1.00 22.75 ? 34  LEU A C     1 
ATOM   98   O O     . LEU A 1 34  ? -1.852  -1.836  -4.657  1.00 22.60 ? 34  LEU A O     1 
ATOM   99   C CB    . LEU A 1 34  ? -0.513  0.953   -5.223  1.00 22.57 ? 34  LEU A CB    1 
ATOM   100  C CG    . LEU A 1 34  ? 0.442   2.149   -5.201  1.00 22.53 ? 34  LEU A CG    1 
ATOM   101  C CD1   . LEU A 1 34  ? 0.566   2.709   -6.612  1.00 22.00 ? 34  LEU A CD1   1 
ATOM   102  C CD2   . LEU A 1 34  ? -0.038  3.217   -4.213  1.00 21.55 ? 34  LEU A CD2   1 
ATOM   103  N N     . SER A 1 35  ? -2.632  -0.393  -3.094  1.00 22.72 ? 35  SER A N     1 
ATOM   104  C CA    . SER A 1 35  ? -3.925  -1.048  -2.919  1.00 23.29 ? 35  SER A CA    1 
ATOM   105  C C     . SER A 1 35  ? -4.997  0.001   -2.614  1.00 23.07 ? 35  SER A C     1 
ATOM   106  O O     . SER A 1 35  ? -4.684  1.116   -2.202  1.00 23.28 ? 35  SER A O     1 
ATOM   107  C CB    . SER A 1 35  ? -3.823  -2.094  -1.804  1.00 23.55 ? 35  SER A CB    1 
ATOM   108  O OG    . SER A 1 35  ? -5.056  -2.766  -1.599  1.00 25.87 ? 35  SER A OG    1 
ATOM   109  N N     . GLY A 1 36  ? -6.259  -0.355  -2.824  1.00 23.10 ? 36  GLY A N     1 
ATOM   110  C CA    . GLY A 1 36  ? -7.357  0.588   -2.686  1.00 22.96 ? 36  GLY A CA    1 
ATOM   111  C C     . GLY A 1 36  ? -8.379  0.409   -3.788  1.00 22.86 ? 36  GLY A C     1 
ATOM   112  O O     . GLY A 1 36  ? -8.070  -0.163  -4.838  1.00 23.12 ? 36  GLY A O     1 
ATOM   113  N N     . ALA A 1 37  ? -9.593  0.901   -3.552  1.00 22.75 ? 37  ALA A N     1 
ATOM   114  C CA    . ALA A 1 37  ? -10.707 0.754   -4.495  1.00 22.47 ? 37  ALA A CA    1 
ATOM   115  C C     . ALA A 1 37  ? -10.402 1.363   -5.867  1.00 22.53 ? 37  ALA A C     1 
ATOM   116  O O     . ALA A 1 37  ? -9.477  2.172   -5.993  1.00 21.88 ? 37  ALA A O     1 
ATOM   117  C CB    . ALA A 1 37  ? -11.969 1.356   -3.912  1.00 22.88 ? 37  ALA A CB    1 
ATOM   118  N N     . PRO A 1 38  ? -11.151 0.939   -6.914  1.00 22.76 ? 38  PRO A N     1 
ATOM   119  C CA    . PRO A 1 38  ? -10.997 1.604   -8.200  1.00 22.66 ? 38  PRO A CA    1 
ATOM   120  C C     . PRO A 1 38  ? -11.238 3.110   -8.092  1.00 22.67 ? 38  PRO A C     1 
ATOM   121  O O     . PRO A 1 38  ? -12.130 3.547   -7.366  1.00 22.15 ? 38  PRO A O     1 
ATOM   122  C CB    . PRO A 1 38  ? -12.076 0.948   -9.070  1.00 22.50 ? 38  PRO A CB    1 
ATOM   123  C CG    . PRO A 1 38  ? -12.278 -0.409  -8.449  1.00 22.98 ? 38  PRO A CG    1 
ATOM   124  C CD    . PRO A 1 38  ? -12.151 -0.148  -6.974  1.00 22.49 ? 38  PRO A CD    1 
ATOM   125  N N     . ASN A 1 39  ? -10.410 3.871   -8.806  1.00 23.10 ? 39  ASN A N     1 
ATOM   126  C CA    . ASN A 1 39  ? -10.542 5.326   -8.972  1.00 24.18 ? 39  ASN A CA    1 
ATOM   127  C C     . ASN A 1 39  ? -10.204 6.170   -7.743  1.00 23.41 ? 39  ASN A C     1 
ATOM   128  O O     . ASN A 1 39  ? -10.638 7.318   -7.626  1.00 23.86 ? 39  ASN A O     1 
ATOM   129  C CB    . ASN A 1 39  ? -11.902 5.700   -9.578  1.00 24.75 ? 39  ASN A CB    1 
ATOM   130  C CG    . ASN A 1 39  ? -12.109 5.058   -10.940 1.00 27.76 ? 39  ASN A CG    1 
ATOM   131  O OD1   . ASN A 1 39  ? -12.944 4.174   -11.096 1.00 32.71 ? 39  ASN A OD1   1 
ATOM   132  N ND2   . ASN A 1 39  ? -11.312 5.466   -11.915 1.00 30.15 ? 39  ASN A ND2   1 
ATOM   133  N N     . VAL A 1 40  ? -9.397  5.607   -6.853  1.00 22.79 ? 40  VAL A N     1 
ATOM   134  C CA    . VAL A 1 40  ? -8.961  6.346   -5.650  1.00 22.56 ? 40  VAL A CA    1 
ATOM   135  C C     . VAL A 1 40  ? -7.677  7.128   -5.859  1.00 22.43 ? 40  VAL A C     1 
ATOM   136  O O     . VAL A 1 40  ? -7.322  7.946   -5.016  1.00 23.13 ? 40  VAL A O     1 
ATOM   137  C CB    . VAL A 1 40  ? -8.829  5.444   -4.393  1.00 22.08 ? 40  VAL A CB    1 
ATOM   138  C CG1   . VAL A 1 40  ? -10.161 4.819   -4.057  1.00 21.89 ? 40  VAL A CG1   1 
ATOM   139  C CG2   . VAL A 1 40  ? -7.716  4.389   -4.571  1.00 21.13 ? 40  VAL A CG2   1 
ATOM   140  N N     . GLY A 1 41  ? -6.994  6.870   -6.975  1.00 22.82 ? 41  GLY A N     1 
ATOM   141  C CA    . GLY A 1 41  ? -5.747  7.574   -7.332  1.00 22.66 ? 41  GLY A CA    1 
ATOM   142  C C     . GLY A 1 41  ? -4.471  6.750   -7.266  1.00 22.48 ? 41  GLY A C     1 
ATOM   143  O O     . GLY A 1 41  ? -3.375  7.308   -7.151  1.00 22.40 ? 41  GLY A O     1 
ATOM   144  N N     . LYS A 1 42  ? -4.598  5.424   -7.338  1.00 22.80 ? 42  LYS A N     1 
ATOM   145  C CA    . LYS A 1 42  ? -3.431  4.538   -7.273  1.00 22.51 ? 42  LYS A CA    1 
ATOM   146  C C     . LYS A 1 42  ? -2.491  4.711   -8.471  1.00 23.15 ? 42  LYS A C     1 
ATOM   147  O O     . LYS A 1 42  ? -1.291  4.932   -8.286  1.00 22.35 ? 42  LYS A O     1 
ATOM   148  C CB    . LYS A 1 42  ? -3.836  3.068   -7.134  1.00 22.30 ? 42  LYS A CB    1 
ATOM   149  C CG    . LYS A 1 42  ? -4.672  2.717   -5.911  1.00 21.66 ? 42  LYS A CG    1 
ATOM   150  C CD    . LYS A 1 42  ? -4.985  1.206   -5.874  1.00 22.53 ? 42  LYS A CD    1 
ATOM   151  C CE    . LYS A 1 42  ? -5.729  0.732   -7.130  1.00 22.52 ? 42  LYS A CE    1 
ATOM   152  N NZ    . LYS A 1 42  ? -7.055  1.412   -7.304  1.00 21.84 ? 42  LYS A NZ    1 
ATOM   153  N N     . SER A 1 43  ? -3.020  4.608   -9.693  1.00 23.53 ? 43  SER A N     1 
ATOM   154  C CA    . SER A 1 43  ? -2.176  4.771   -10.884 1.00 24.37 ? 43  SER A CA    1 
ATOM   155  C C     . SER A 1 43  ? -1.589  6.175   -10.962 1.00 23.98 ? 43  SER A C     1 
ATOM   156  O O     . SER A 1 43  ? -0.444  6.348   -11.389 1.00 24.21 ? 43  SER A O     1 
ATOM   157  C CB    . SER A 1 43  ? -2.918  4.424   -12.188 1.00 24.68 ? 43  SER A CB    1 
ATOM   158  O OG    . SER A 1 43  ? -3.944  5.362   -12.472 1.00 26.61 ? 43  SER A OG    1 
ATOM   159  N N     . SER A 1 44  ? -2.370  7.171   -10.544 1.00 23.48 ? 44  SER A N     1 
ATOM   160  C CA    . SER A 1 44  ? -1.887  8.547   -10.482 1.00 23.07 ? 44  SER A CA    1 
ATOM   161  C C     . SER A 1 44  ? -0.684  8.658   -9.542  1.00 22.77 ? 44  SER A C     1 
ATOM   162  O O     . SER A 1 44  ? 0.325   9.268   -9.881  1.00 22.34 ? 44  SER A O     1 
ATOM   163  C CB    . SER A 1 44  ? -3.001  9.490   -10.011 1.00 23.15 ? 44  SER A CB    1 
ATOM   164  O OG    . SER A 1 44  ? -4.019  9.597   -10.984 1.00 23.04 ? 44  SER A OG    1 
ATOM   165  N N     . PHE A 1 45  ? -0.799  8.052   -8.364  1.00 22.38 ? 45  PHE A N     1 
ATOM   166  C CA    . PHE A 1 45  ? 0.263   8.112   -7.364  1.00 22.10 ? 45  PHE A CA    1 
ATOM   167  C C     . PHE A 1 45  ? 1.536   7.480   -7.907  1.00 22.60 ? 45  PHE A C     1 
ATOM   168  O O     . PHE A 1 45  ? 2.632   8.053   -7.811  1.00 22.05 ? 45  PHE A O     1 
ATOM   169  C CB    . PHE A 1 45  ? -0.164  7.395   -6.077  1.00 22.08 ? 45  PHE A CB    1 
ATOM   170  C CG    . PHE A 1 45  ? 0.774   7.623   -4.935  1.00 21.41 ? 45  PHE A CG    1 
ATOM   171  C CD1   . PHE A 1 45  ? 0.471   8.570   -3.957  1.00 21.83 ? 45  PHE A CD1   1 
ATOM   172  C CD2   . PHE A 1 45  ? 1.969   6.929   -4.855  1.00 20.48 ? 45  PHE A CD2   1 
ATOM   173  C CE1   . PHE A 1 45  ? 1.356   8.805   -2.886  1.00 22.94 ? 45  PHE A CE1   1 
ATOM   174  C CE2   . PHE A 1 45  ? 2.861   7.152   -3.804  1.00 22.07 ? 45  PHE A CE2   1 
ATOM   175  C CZ    . PHE A 1 45  ? 2.544   8.098   -2.812  1.00 21.71 ? 45  PHE A CZ    1 
ATOM   176  N N     . MET A 1 46  ? 1.379   6.292   -8.487  1.00 22.33 ? 46  MET A N     1 
ATOM   177  C CA    . MET A 1 46  ? 2.500   5.591   -9.080  1.00 23.37 ? 46  MET A CA    1 
ATOM   178  C C     . MET A 1 46  ? 3.215   6.450   -10.130 1.00 22.99 ? 46  MET A C     1 
ATOM   179  O O     . MET A 1 46  ? 4.442   6.577   -10.106 1.00 22.47 ? 46  MET A O     1 
ATOM   180  C CB    . MET A 1 46  ? 2.031   4.273   -9.704  1.00 22.84 ? 46  MET A CB    1 
ATOM   181  C CG    . MET A 1 46  ? 3.100   3.607   -10.540 1.00 23.83 ? 46  MET A CG    1 
ATOM   182  S SD    . MET A 1 46  ? 2.436   2.184   -11.402 1.00 25.21 ? 46  MET A SD    1 
ATOM   183  C CE    . MET A 1 46  ? 1.329   2.988   -12.569 1.00 25.40 ? 46  MET A CE    1 
ATOM   184  N N     . ASN A 1 47  ? 2.446   7.017   -11.057 1.00 23.82 ? 47  ASN A N     1 
ATOM   185  C CA    . ASN A 1 47  ? 3.008   7.860   -12.128 1.00 24.77 ? 47  ASN A CA    1 
ATOM   186  C C     . ASN A 1 47  ? 3.752   9.104   -11.651 1.00 24.95 ? 47  ASN A C     1 
ATOM   187  O O     . ASN A 1 47  ? 4.815   9.434   -12.172 1.00 25.16 ? 47  ASN A O     1 
ATOM   188  C CB    . ASN A 1 47  ? 1.929   8.250   -13.130 1.00 24.98 ? 47  ASN A CB    1 
ATOM   189  C CG    . ASN A 1 47  ? 1.576   7.115   -14.054 1.00 27.06 ? 47  ASN A CG    1 
ATOM   190  O OD1   . ASN A 1 47  ? 0.406   6.779   -14.215 1.00 30.84 ? 47  ASN A OD1   1 
ATOM   191  N ND2   . ASN A 1 47  ? 2.588   6.499   -14.653 1.00 27.60 ? 47  ASN A ND2   1 
ATOM   192  N N     . ILE A 1 48  ? 3.189   9.788   -10.665 1.00 25.25 ? 48  ILE A N     1 
ATOM   193  C CA    . ILE A 1 48  ? 3.830   10.968  -10.089 1.00 25.82 ? 48  ILE A CA    1 
ATOM   194  C C     . ILE A 1 48  ? 5.203   10.648  -9.482  1.00 26.03 ? 48  ILE A C     1 
ATOM   195  O O     . ILE A 1 48  ? 6.208   11.259  -9.866  1.00 25.99 ? 48  ILE A O     1 
ATOM   196  C CB    . ILE A 1 48  ? 2.902   11.652  -9.066  1.00 25.54 ? 48  ILE A CB    1 
ATOM   197  C CG1   . ILE A 1 48  ? 1.726   12.293  -9.798  1.00 25.51 ? 48  ILE A CG1   1 
ATOM   198  C CG2   . ILE A 1 48  ? 3.653   12.716  -8.259  1.00 26.23 ? 48  ILE A CG2   1 
ATOM   199  C CD1   . ILE A 1 48  ? 0.519   12.505  -8.938  1.00 25.79 ? 48  ILE A CD1   1 
ATOM   200  N N     . VAL A 1 49  ? 5.250   9.683   -8.564  1.00 26.41 ? 49  VAL A N     1 
ATOM   201  C CA    . VAL A 1 49  ? 6.475   9.390   -7.812  1.00 26.61 ? 49  VAL A CA    1 
ATOM   202  C C     . VAL A 1 49  ? 7.552   8.711   -8.660  1.00 27.05 ? 49  VAL A C     1 
ATOM   203  O O     . VAL A 1 49  ? 8.734   8.827   -8.368  1.00 27.10 ? 49  VAL A O     1 
ATOM   204  C CB    . VAL A 1 49  ? 6.206   8.580   -6.503  1.00 26.67 ? 49  VAL A CB    1 
ATOM   205  C CG1   . VAL A 1 49  ? 5.203   9.314   -5.621  1.00 25.85 ? 49  VAL A CG1   1 
ATOM   206  C CG2   . VAL A 1 49  ? 5.734   7.144   -6.803  1.00 26.88 ? 49  VAL A CG2   1 
ATOM   207  N N     . SER A 1 50  ? 7.146   8.016   -9.718  1.00 27.57 ? 50  SER A N     1 
ATOM   208  C CA    . SER A 1 50  ? 8.115   7.351   -10.576 1.00 28.35 ? 50  SER A CA    1 
ATOM   209  C C     . SER A 1 50  ? 8.475   8.178   -11.822 1.00 28.83 ? 50  SER A C     1 
ATOM   210  O O     . SER A 1 50  ? 9.257   7.725   -12.658 1.00 28.77 ? 50  SER A O     1 
ATOM   211  C CB    . SER A 1 50  ? 7.604   5.972   -10.988 1.00 28.25 ? 50  SER A CB    1 
ATOM   212  O OG    . SER A 1 50  ? 6.505   6.118   -11.852 1.00 29.55 ? 50  SER A OG    1 
ATOM   213  N N     . ARG A 1 51  ? 7.919   9.388   -11.919 1.00 29.40 ? 51  ARG A N     1 
ATOM   214  C CA    . ARG A 1 51  ? 8.012   10.228  -13.126 1.00 30.15 ? 51  ARG A CA    1 
ATOM   215  C C     . ARG A 1 51  ? 7.669   9.417   -14.377 1.00 30.46 ? 51  ARG A C     1 
ATOM   216  O O     . ARG A 1 51  ? 8.348   9.515   -15.406 1.00 30.33 ? 51  ARG A O     1 
ATOM   217  C CB    . ARG A 1 51  ? 9.394   10.883  -13.255 1.00 30.13 ? 51  ARG A CB    1 
ATOM   218  C CG    . ARG A 1 51  ? 9.879   11.621  -12.011 1.00 31.85 ? 51  ARG A CG    1 
ATOM   219  C CD    . ARG A 1 51  ? 8.966   12.778  -11.666 1.00 34.89 ? 51  ARG A CD    1 
ATOM   220  N NE    . ARG A 1 51  ? 9.549   13.706  -10.695 1.00 38.43 ? 51  ARG A NE    1 
ATOM   221  C CZ    . ARG A 1 51  ? 9.110   13.887  -9.451  1.00 39.69 ? 51  ARG A CZ    1 
ATOM   222  N NH1   . ARG A 1 51  ? 9.720   14.763  -8.665  1.00 40.05 ? 51  ARG A NH1   1 
ATOM   223  N NH2   . ARG A 1 51  ? 8.068   13.198  -8.985  1.00 39.95 ? 51  ARG A NH2   1 
ATOM   224  N N     . ALA A 1 52  ? 6.618   8.608   -14.260 1.00 30.99 ? 52  ALA A N     1 
ATOM   225  C CA    . ALA A 1 52  ? 6.156   7.698   -15.318 1.00 31.50 ? 52  ALA A CA    1 
ATOM   226  C C     . ALA A 1 52  ? 7.185   6.670   -15.812 1.00 31.91 ? 52  ALA A C     1 
ATOM   227  O O     . ALA A 1 52  ? 7.029   6.105   -16.905 1.00 32.27 ? 52  ALA A O     1 
ATOM   228  C CB    . ALA A 1 52  ? 5.539   8.481   -16.495 1.00 31.47 ? 52  ALA A CB    1 
ATOM   229  N N     . ASN A 1 53  ? 8.215   6.399   -15.006 1.00 32.35 ? 53  ASN A N     1 
ATOM   230  C CA    . ASN A 1 53  ? 9.161   5.325   -15.329 1.00 32.83 ? 53  ASN A CA    1 
ATOM   231  C C     . ASN A 1 53  ? 8.530   3.996   -14.947 1.00 33.00 ? 53  ASN A C     1 
ATOM   232  O O     . ASN A 1 53  ? 8.802   3.444   -13.885 1.00 32.71 ? 53  ASN A O     1 
ATOM   233  C CB    . ASN A 1 53  ? 10.520  5.522   -14.646 1.00 32.96 ? 53  ASN A CB    1 
ATOM   234  C CG    . ASN A 1 53  ? 11.548  4.463   -15.054 1.00 33.71 ? 53  ASN A CG    1 
ATOM   235  O OD1   . ASN A 1 53  ? 12.642  4.404   -14.490 1.00 34.39 ? 53  ASN A OD1   1 
ATOM   236  N ND2   . ASN A 1 53  ? 11.201  3.626   -16.035 1.00 33.37 ? 53  ASN A ND2   1 
ATOM   237  N N     . VAL A 1 54  ? 7.675   3.509   -15.837 1.00 33.38 ? 54  VAL A N     1 
ATOM   238  C CA    . VAL A 1 54  ? 6.719   2.466   -15.524 1.00 34.05 ? 54  VAL A CA    1 
ATOM   239  C C     . VAL A 1 54  ? 6.774   1.381   -16.593 1.00 35.33 ? 54  VAL A C     1 
ATOM   240  O O     . VAL A 1 54  ? 6.638   1.655   -17.797 1.00 34.96 ? 54  VAL A O     1 
ATOM   241  C CB    . VAL A 1 54  ? 5.277   3.052   -15.405 1.00 33.96 ? 54  VAL A CB    1 
ATOM   242  C CG1   . VAL A 1 54  ? 4.214   1.956   -15.394 1.00 32.97 ? 54  VAL A CG1   1 
ATOM   243  C CG2   . VAL A 1 54  ? 5.150   3.941   -14.160 1.00 33.43 ? 54  VAL A CG2   1 
ATOM   244  N N     . ASP A 1 55  ? 7.006   0.152   -16.145 1.00 36.31 ? 55  ASP A N     1 
ATOM   245  C CA    . ASP A 1 55  ? 6.925   -0.991  -17.029 1.00 37.79 ? 55  ASP A CA    1 
ATOM   246  C C     . ASP A 1 55  ? 5.530   -1.582  -16.948 1.00 38.17 ? 55  ASP A C     1 
ATOM   247  O O     . ASP A 1 55  ? 5.016   -1.848  -15.861 1.00 37.98 ? 55  ASP A O     1 
ATOM   248  C CB    . ASP A 1 55  ? 8.008   -2.020  -16.698 1.00 37.98 ? 55  ASP A CB    1 
ATOM   249  C CG    . ASP A 1 55  ? 9.389   -1.557  -17.116 1.00 40.27 ? 55  ASP A CG    1 
ATOM   250  O OD1   . ASP A 1 55  ? 10.322  -1.630  -16.290 1.00 43.18 ? 55  ASP A OD1   1 
ATOM   251  O OD2   . ASP A 1 55  ? 9.547   -1.098  -18.273 1.00 43.44 ? 55  ASP A OD2   1 
ATOM   252  N N     . VAL A 1 56  ? 4.908   -1.746  -18.108 1.00 39.14 ? 56  VAL A N     1 
ATOM   253  C CA    . VAL A 1 56  ? 3.591   -2.357  -18.195 1.00 40.09 ? 56  VAL A CA    1 
ATOM   254  C C     . VAL A 1 56  ? 3.796   -3.833  -18.479 1.00 40.88 ? 56  VAL A C     1 
ATOM   255  O O     . VAL A 1 56  ? 4.335   -4.210  -19.521 1.00 40.85 ? 56  VAL A O     1 
ATOM   256  C CB    . VAL A 1 56  ? 2.703   -1.689  -19.281 1.00 40.03 ? 56  VAL A CB    1 
ATOM   257  C CG1   . VAL A 1 56  ? 1.292   -2.282  -19.270 1.00 39.98 ? 56  VAL A CG1   1 
ATOM   258  C CG2   . VAL A 1 56  ? 2.643   -0.184  -19.069 1.00 40.23 ? 56  VAL A CG2   1 
ATOM   259  N N     . GLN A 1 57  ? 3.384   -4.666  -17.532 1.00 41.99 ? 57  GLN A N     1 
ATOM   260  C CA    . GLN A 1 57  ? 3.552   -6.105  -17.657 1.00 43.26 ? 57  GLN A CA    1 
ATOM   261  C C     . GLN A 1 57  ? 2.184   -6.766  -17.643 1.00 43.51 ? 57  GLN A C     1 
ATOM   262  O O     . GLN A 1 57  ? 1.258   -6.268  -16.999 1.00 43.65 ? 57  GLN A O     1 
ATOM   263  C CB    . GLN A 1 57  ? 4.458   -6.639  -16.544 1.00 43.18 ? 57  GLN A CB    1 
ATOM   264  C CG    . GLN A 1 57  ? 5.926   -6.220  -16.702 1.00 44.41 ? 57  GLN A CG    1 
ATOM   265  C CD    . GLN A 1 57  ? 6.745   -6.404  -15.437 1.00 45.09 ? 57  GLN A CD    1 
ATOM   266  O OE1   . GLN A 1 57  ? 6.367   -7.165  -14.546 1.00 48.52 ? 57  GLN A OE1   1 
ATOM   267  N NE2   . GLN A 1 57  ? 7.879   -5.706  -15.352 1.00 47.26 ? 57  GLN A NE2   1 
ATOM   268  N N     . SER A 1 58  ? 2.049   -7.861  -18.385 1.00 43.84 ? 58  SER A N     1 
ATOM   269  C CA    . SER A 1 58  ? 0.770   -8.558  -18.481 1.00 44.43 ? 58  SER A CA    1 
ATOM   270  C C     . SER A 1 58  ? 0.812   -9.930  -17.818 1.00 44.51 ? 58  SER A C     1 
ATOM   271  O O     . SER A 1 58  ? 1.867   -10.567 -17.732 1.00 44.40 ? 58  SER A O     1 
ATOM   272  C CB    . SER A 1 58  ? 0.303   -8.670  -19.939 1.00 44.42 ? 58  SER A CB    1 
ATOM   273  O OG    . SER A 1 58  ? 1.296   -9.254  -20.760 1.00 45.86 ? 58  SER A OG    1 
ATOM   274  N N     . TYR A 1 59  ? -0.346  -10.363 -17.333 1.00 44.60 ? 59  TYR A N     1 
ATOM   275  C CA    . TYR A 1 59  ? -0.496  -11.684 -16.751 1.00 45.14 ? 59  TYR A CA    1 
ATOM   276  C C     . TYR A 1 59  ? -0.722  -12.713 -17.855 1.00 45.18 ? 59  TYR A C     1 
ATOM   277  O O     . TYR A 1 59  ? -1.635  -12.564 -18.672 1.00 45.43 ? 59  TYR A O     1 
ATOM   278  C CB    . TYR A 1 59  ? -1.674  -11.704 -15.777 1.00 45.38 ? 59  TYR A CB    1 
ATOM   279  C CG    . TYR A 1 59  ? -1.580  -10.699 -14.657 1.00 45.69 ? 59  TYR A CG    1 
ATOM   280  C CD1   . TYR A 1 59  ? -0.721  -10.906 -13.578 1.00 46.11 ? 59  TYR A CD1   1 
ATOM   281  C CD2   . TYR A 1 59  ? -2.364  -9.547  -14.666 1.00 46.26 ? 59  TYR A CD2   1 
ATOM   282  C CE1   . TYR A 1 59  ? -0.640  -9.981  -12.539 1.00 46.31 ? 59  TYR A CE1   1 
ATOM   283  C CE2   . TYR A 1 59  ? -2.295  -8.618  -13.629 1.00 46.11 ? 59  TYR A CE2   1 
ATOM   284  C CZ    . TYR A 1 59  ? -1.429  -8.843  -12.572 1.00 46.14 ? 59  TYR A CZ    1 
ATOM   285  O OH    . TYR A 1 59  ? -1.355  -7.931  -11.546 1.00 46.36 ? 59  TYR A OH    1 
ATOM   286  N N     . ASN A 1 65  ? -3.453  -6.062  -16.629 1.00 42.14 ? 65  ASN A N     1 
ATOM   287  C CA    . ASN A 1 65  ? -2.187  -5.330  -16.678 1.00 41.81 ? 65  ASN A CA    1 
ATOM   288  C C     . ASN A 1 65  ? -1.618  -5.024  -15.294 1.00 41.15 ? 65  ASN A C     1 
ATOM   289  O O     . ASN A 1 65  ? -2.312  -4.501  -14.419 1.00 41.52 ? 65  ASN A O     1 
ATOM   290  C CB    . ASN A 1 65  ? -2.325  -4.042  -17.503 1.00 42.26 ? 65  ASN A CB    1 
ATOM   291  C CG    . ASN A 1 65  ? -1.894  -4.222  -18.956 1.00 42.74 ? 65  ASN A CG    1 
ATOM   292  O OD1   . ASN A 1 65  ? -1.338  -5.255  -19.326 1.00 43.91 ? 65  ASN A OD1   1 
ATOM   293  N ND2   . ASN A 1 65  ? -2.130  -3.200  -19.779 1.00 42.65 ? 65  ASN A ND2   1 
ATOM   294  N N     . LEU A 1 66  ? -0.352  -5.376  -15.107 1.00 40.07 ? 66  LEU A N     1 
ATOM   295  C CA    . LEU A 1 66  ? 0.378   -5.078  -13.886 1.00 38.95 ? 66  LEU A CA    1 
ATOM   296  C C     . LEU A 1 66  ? 1.351   -3.940  -14.185 1.00 38.00 ? 66  LEU A C     1 
ATOM   297  O O     . LEU A 1 66  ? 1.962   -3.906  -15.249 1.00 38.20 ? 66  LEU A O     1 
ATOM   298  C CB    . LEU A 1 66  ? 1.097   -6.343  -13.398 1.00 39.22 ? 66  LEU A CB    1 
ATOM   299  C CG    . LEU A 1 66  ? 2.103   -6.346  -12.246 1.00 39.60 ? 66  LEU A CG    1 
ATOM   300  C CD1   . LEU A 1 66  ? 1.887   -7.562  -11.357 1.00 39.62 ? 66  LEU A CD1   1 
ATOM   301  C CD2   . LEU A 1 66  ? 3.521   -6.316  -12.781 1.00 40.01 ? 66  LEU A CD2   1 
ATOM   302  N N     . TYR A 1 67  ? 1.480   -3.000  -13.257 1.00 36.63 ? 67  TYR A N     1 
ATOM   303  C CA    . TYR A 1 67  ? 2.315   -1.823  -13.473 1.00 35.41 ? 67  TYR A CA    1 
ATOM   304  C C     . TYR A 1 67  ? 3.418   -1.739  -12.431 1.00 34.50 ? 67  TYR A C     1 
ATOM   305  O O     . TYR A 1 67  ? 3.155   -1.875  -11.232 1.00 33.80 ? 67  TYR A O     1 
ATOM   306  C CB    . TYR A 1 67  ? 1.461   -0.556  -13.435 1.00 35.81 ? 67  TYR A CB    1 
ATOM   307  C CG    . TYR A 1 67  ? 0.418   -0.515  -14.514 1.00 36.24 ? 67  TYR A CG    1 
ATOM   308  C CD1   . TYR A 1 67  ? 0.692   0.079   -15.741 1.00 36.26 ? 67  TYR A CD1   1 
ATOM   309  C CD2   . TYR A 1 67  ? -0.839  -1.094  -14.322 1.00 35.83 ? 67  TYR A CD2   1 
ATOM   310  C CE1   . TYR A 1 67  ? -0.260  0.112   -16.747 1.00 36.69 ? 67  TYR A CE1   1 
ATOM   311  C CE2   . TYR A 1 67  ? -1.799  -1.068  -15.327 1.00 36.62 ? 67  TYR A CE2   1 
ATOM   312  C CZ    . TYR A 1 67  ? -1.495  -0.464  -16.536 1.00 36.86 ? 67  TYR A CZ    1 
ATOM   313  O OH    . TYR A 1 67  ? -2.427  -0.424  -17.542 1.00 38.04 ? 67  TYR A OH    1 
ATOM   314  N N     . VAL A 1 68  ? 4.650   -1.544  -12.899 1.00 33.27 ? 68  VAL A N     1 
ATOM   315  C CA    . VAL A 1 68  ? 5.799   -1.380  -12.011 1.00 32.44 ? 68  VAL A CA    1 
ATOM   316  C C     . VAL A 1 68  ? 6.503   -0.058  -12.297 1.00 32.10 ? 68  VAL A C     1 
ATOM   317  O O     . VAL A 1 68  ? 7.193   0.082   -13.307 1.00 31.60 ? 68  VAL A O     1 
ATOM   318  C CB    . VAL A 1 68  ? 6.832   -2.531  -12.115 1.00 32.15 ? 68  VAL A CB    1 
ATOM   319  C CG1   . VAL A 1 68  ? 7.875   -2.396  -11.001 1.00 32.54 ? 68  VAL A CG1   1 
ATOM   320  C CG2   . VAL A 1 68  ? 6.165   -3.890  -12.034 1.00 32.34 ? 68  VAL A CG2   1 
ATOM   321  N N     . GLY A 1 69  ? 6.307   0.905   -11.406 1.00 31.71 ? 69  GLY A N     1 
ATOM   322  C CA    . GLY A 1 69  ? 7.031   2.172   -11.458 1.00 32.33 ? 69  GLY A CA    1 
ATOM   323  C C     . GLY A 1 69  ? 8.353   2.038   -10.724 1.00 32.62 ? 69  GLY A C     1 
ATOM   324  O O     . GLY A 1 69  ? 8.491   1.183   -9.851  1.00 32.45 ? 69  GLY A O     1 
ATOM   325  N N     . HIS A 1 70  ? 9.320   2.878   -11.085 1.00 33.11 ? 70  HIS A N     1 
ATOM   326  C CA    . HIS A 1 70  ? 10.643  2.881   -10.464 1.00 34.03 ? 70  HIS A CA    1 
ATOM   327  C C     . HIS A 1 70  ? 11.034  4.281   -10.015 1.00 34.76 ? 70  HIS A C     1 
ATOM   328  O O     . HIS A 1 70  ? 10.760  5.268   -10.710 1.00 34.78 ? 70  HIS A O     1 
ATOM   329  C CB    . HIS A 1 70  ? 11.693  2.348   -11.448 1.00 34.29 ? 70  HIS A CB    1 
ATOM   330  C CG    . HIS A 1 70  ? 11.383  0.982   -11.977 1.00 34.70 ? 70  HIS A CG    1 
ATOM   331  N ND1   . HIS A 1 70  ? 11.771  -0.173  -11.329 1.00 35.58 ? 70  HIS A ND1   1 
ATOM   332  C CD2   . HIS A 1 70  ? 10.700  0.584   -13.076 1.00 35.13 ? 70  HIS A CD2   1 
ATOM   333  C CE1   . HIS A 1 70  ? 11.351  -1.221  -12.013 1.00 35.86 ? 70  HIS A CE1   1 
ATOM   334  N NE2   . HIS A 1 70  ? 10.697  -0.790  -13.077 1.00 35.40 ? 70  HIS A NE2   1 
ATOM   335  N N     . PHE A 1 71  ? 11.673  4.367   -8.852  1.00 35.54 ? 71  PHE A N     1 
ATOM   336  C CA    . PHE A 1 71  ? 12.221  5.633   -8.370  1.00 36.58 ? 71  PHE A CA    1 
ATOM   337  C C     . PHE A 1 71  ? 13.355  5.419   -7.373  1.00 37.70 ? 71  PHE A C     1 
ATOM   338  O O     . PHE A 1 71  ? 13.470  4.356   -6.763  1.00 37.39 ? 71  PHE A O     1 
ATOM   339  C CB    . PHE A 1 71  ? 11.126  6.532   -7.767  1.00 36.13 ? 71  PHE A CB    1 
ATOM   340  C CG    . PHE A 1 71  ? 10.487  5.977   -6.516  1.00 35.87 ? 71  PHE A CG    1 
ATOM   341  C CD1   . PHE A 1 71  ? 10.961  6.334   -5.257  1.00 34.98 ? 71  PHE A CD1   1 
ATOM   342  C CD2   . PHE A 1 71  ? 9.403   5.108   -6.599  1.00 35.43 ? 71  PHE A CD2   1 
ATOM   343  C CE1   . PHE A 1 71  ? 10.375  5.821   -4.101  1.00 35.58 ? 71  PHE A CE1   1 
ATOM   344  C CE2   . PHE A 1 71  ? 8.808   4.591   -5.447  1.00 34.94 ? 71  PHE A CE2   1 
ATOM   345  C CZ    . PHE A 1 71  ? 9.292   4.953   -4.196  1.00 35.53 ? 71  PHE A CZ    1 
ATOM   346  N N     . ASP A 1 72  ? 14.194  6.439   -7.234  1.00 39.25 ? 72  ASP A N     1 
ATOM   347  C CA    . ASP A 1 72  ? 15.221  6.461   -6.213  1.00 41.11 ? 72  ASP A CA    1 
ATOM   348  C C     . ASP A 1 72  ? 14.819  7.414   -5.112  1.00 42.05 ? 72  ASP A C     1 
ATOM   349  O O     . ASP A 1 72  ? 14.242  8.477   -5.362  1.00 42.21 ? 72  ASP A O     1 
ATOM   350  C CB    . ASP A 1 72  ? 16.571  6.893   -6.787  1.00 41.54 ? 72  ASP A CB    1 
ATOM   351  C CG    . ASP A 1 72  ? 16.996  6.057   -7.976  1.00 42.67 ? 72  ASP A CG    1 
ATOM   352  O OD1   . ASP A 1 72  ? 16.629  4.865   -8.034  1.00 45.21 ? 72  ASP A OD1   1 
ATOM   353  O OD2   . ASP A 1 72  ? 17.697  6.595   -8.857  1.00 44.79 ? 72  ASP A OD2   1 
ATOM   354  N N     . HIS A 1 73  ? 15.113  7.012   -3.884  1.00 43.22 ? 73  HIS A N     1 
ATOM   355  C CA    . HIS A 1 73  ? 14.990  7.902   -2.752  1.00 44.41 ? 73  HIS A CA    1 
ATOM   356  C C     . HIS A 1 73  ? 16.149  7.682   -1.796  1.00 44.50 ? 73  HIS A C     1 
ATOM   357  O O     . HIS A 1 73  ? 16.354  6.572   -1.293  1.00 44.63 ? 73  HIS A O     1 
ATOM   358  C CB    . HIS A 1 73  ? 13.657  7.711   -2.034  1.00 44.78 ? 73  HIS A CB    1 
ATOM   359  C CG    . HIS A 1 73  ? 13.394  8.751   -0.991  1.00 46.32 ? 73  HIS A CG    1 
ATOM   360  N ND1   . HIS A 1 73  ? 13.284  10.092  -1.293  1.00 47.23 ? 73  HIS A ND1   1 
ATOM   361  C CD2   . HIS A 1 73  ? 13.226  8.647   0.348   1.00 47.07 ? 73  HIS A CD2   1 
ATOM   362  C CE1   . HIS A 1 73  ? 13.057  10.770  -0.183  1.00 48.68 ? 73  HIS A CE1   1 
ATOM   363  N NE2   . HIS A 1 73  ? 13.019  9.918   0.827   1.00 49.12 ? 73  HIS A NE2   1 
ATOM   364  N N     . LYS A 1 74  ? 16.903  8.756   -1.572  1.00 44.92 ? 74  LYS A N     1 
ATOM   365  C CA    . LYS A 1 74  ? 18.049  8.754   -0.663  1.00 44.96 ? 74  LYS A CA    1 
ATOM   366  C C     . LYS A 1 74  ? 19.012  7.617   -1.004  1.00 44.50 ? 74  LYS A C     1 
ATOM   367  O O     . LYS A 1 74  ? 19.307  6.756   -0.168  1.00 44.60 ? 74  LYS A O     1 
ATOM   368  C CB    . LYS A 1 74  ? 17.578  8.695   0.798   1.00 45.56 ? 74  LYS A CB    1 
ATOM   369  C CG    . LYS A 1 74  ? 16.562  9.785   1.188   1.00 46.18 ? 74  LYS A CG    1 
ATOM   370  C CD    . LYS A 1 74  ? 17.178  11.192  1.197   1.00 47.15 ? 74  LYS A CD    1 
ATOM   371  C CE    . LYS A 1 74  ? 16.210  12.209  1.806   1.00 47.25 ? 74  LYS A CE    1 
ATOM   372  N NZ    . LYS A 1 74  ? 16.897  13.399  2.396   1.00 47.84 ? 74  LYS A NZ    1 
ATOM   373  N N     . LEU A 1 75  ? 19.464  7.626   -2.260  1.00 43.79 ? 75  LEU A N     1 
ATOM   374  C CA    . LEU A 1 75  ? 20.473  6.696   -2.803  1.00 43.11 ? 75  LEU A CA    1 
ATOM   375  C C     . LEU A 1 75  ? 20.022  5.236   -2.924  1.00 42.44 ? 75  LEU A C     1 
ATOM   376  O O     . LEU A 1 75  ? 20.797  4.371   -3.329  1.00 42.41 ? 75  LEU A O     1 
ATOM   377  C CB    . LEU A 1 75  ? 21.796  6.800   -2.026  1.00 43.42 ? 75  LEU A CB    1 
ATOM   378  C CG    . LEU A 1 75  ? 22.422  8.197   -1.918  1.00 43.79 ? 75  LEU A CG    1 
ATOM   379  C CD1   . LEU A 1 75  ? 23.715  8.137   -1.125  1.00 44.15 ? 75  LEU A CD1   1 
ATOM   380  C CD2   . LEU A 1 75  ? 22.653  8.806   -3.302  1.00 44.97 ? 75  LEU A CD2   1 
ATOM   381  N N     . ASN A 1 76  ? 18.765  4.974   -2.582  1.00 41.54 ? 76  ASN A N     1 
ATOM   382  C CA    . ASN A 1 76  ? 18.201  3.638   -2.660  1.00 40.62 ? 76  ASN A CA    1 
ATOM   383  C C     . ASN A 1 76  ? 17.195  3.527   -3.793  1.00 39.61 ? 76  ASN A C     1 
ATOM   384  O O     . ASN A 1 76  ? 16.478  4.474   -4.092  1.00 39.34 ? 76  ASN A O     1 
ATOM   385  C CB    . ASN A 1 76  ? 17.544  3.252   -1.335  1.00 41.10 ? 76  ASN A CB    1 
ATOM   386  C CG    . ASN A 1 76  ? 18.544  3.092   -0.210  1.00 41.95 ? 76  ASN A CG    1 
ATOM   387  O OD1   . ASN A 1 76  ? 19.040  1.996   0.040   1.00 43.88 ? 76  ASN A OD1   1 
ATOM   388  N ND2   . ASN A 1 76  ? 18.853  4.192   0.473   1.00 43.63 ? 76  ASN A ND2   1 
ATOM   389  N N     . LYS A 1 77  ? 17.151  2.360   -4.420  1.00 38.69 ? 77  LYS A N     1 
ATOM   390  C CA    . LYS A 1 77  ? 16.253  2.128   -5.548  1.00 37.80 ? 77  LYS A CA    1 
ATOM   391  C C     . LYS A 1 77  ? 14.948  1.458   -5.109  1.00 36.33 ? 77  LYS A C     1 
ATOM   392  O O     . LYS A 1 77  ? 14.952  0.474   -4.360  1.00 36.48 ? 77  LYS A O     1 
ATOM   393  C CB    . LYS A 1 77  ? 16.960  1.321   -6.639  1.00 37.90 ? 77  LYS A CB    1 
ATOM   394  C CG    . LYS A 1 77  ? 18.036  2.112   -7.392  1.00 38.66 ? 77  LYS A CG    1 
ATOM   395  C CD    . LYS A 1 77  ? 18.577  1.332   -8.584  1.00 39.46 ? 77  LYS A CD    1 
ATOM   396  C CE    . LYS A 1 77  ? 17.596  1.321   -9.755  1.00 42.58 ? 77  LYS A CE    1 
ATOM   397  N NZ    . LYS A 1 77  ? 17.886  0.195   -10.711 1.00 43.66 ? 77  LYS A NZ    1 
ATOM   398  N N     . TYR A 1 78  ? 13.833  2.007   -5.577  1.00 34.40 ? 78  TYR A N     1 
ATOM   399  C CA    . TYR A 1 78  ? 12.514  1.504   -5.215  1.00 32.71 ? 78  TYR A CA    1 
ATOM   400  C C     . TYR A 1 78  ? 11.684  1.141   -6.435  1.00 31.15 ? 78  TYR A C     1 
ATOM   401  O O     . TYR A 1 78  ? 11.863  1.697   -7.518  1.00 29.95 ? 78  TYR A O     1 
ATOM   402  C CB    . TYR A 1 78  ? 11.756  2.550   -4.398  1.00 32.87 ? 78  TYR A CB    1 
ATOM   403  C CG    . TYR A 1 78  ? 12.309  2.786   -3.007  1.00 33.57 ? 78  TYR A CG    1 
ATOM   404  C CD1   . TYR A 1 78  ? 11.813  2.081   -1.915  1.00 33.13 ? 78  TYR A CD1   1 
ATOM   405  C CD2   . TYR A 1 78  ? 13.319  3.726   -2.784  1.00 34.13 ? 78  TYR A CD2   1 
ATOM   406  C CE1   . TYR A 1 78  ? 12.317  2.286   -0.636  1.00 34.04 ? 78  TYR A CE1   1 
ATOM   407  C CE2   . TYR A 1 78  ? 13.828  3.949   -1.499  1.00 34.07 ? 78  TYR A CE2   1 
ATOM   408  C CZ    . TYR A 1 78  ? 13.323  3.225   -0.435  1.00 34.70 ? 78  TYR A CZ    1 
ATOM   409  O OH    . TYR A 1 78  ? 13.822  3.431   0.836   1.00 35.11 ? 78  TYR A OH    1 
ATOM   410  N N     . GLN A 1 79  ? 10.773  0.196   -6.245  1.00 29.98 ? 79  GLN A N     1 
ATOM   411  C CA    . GLN A 1 79  ? 9.692   0.004   -7.197  1.00 28.99 ? 79  GLN A CA    1 
ATOM   412  C C     . GLN A 1 79  ? 8.345   0.272   -6.532  1.00 27.83 ? 79  GLN A C     1 
ATOM   413  O O     . GLN A 1 79  ? 8.207   0.186   -5.315  1.00 27.40 ? 79  GLN A O     1 
ATOM   414  C CB    . GLN A 1 79  ? 9.750   -1.377  -7.843  1.00 29.28 ? 79  GLN A CB    1 
ATOM   415  C CG    . GLN A 1 79  ? 9.701   -2.545  -6.876  1.00 31.17 ? 79  GLN A CG    1 
ATOM   416  C CD    . GLN A 1 79  ? 10.156  -3.852  -7.510  1.00 32.43 ? 79  GLN A CD    1 
ATOM   417  O OE1   . GLN A 1 79  ? 10.706  -3.862  -8.612  1.00 33.17 ? 79  GLN A OE1   1 
ATOM   418  N NE2   . GLN A 1 79  ? 9.929   -4.960  -6.812  1.00 31.82 ? 79  GLN A NE2   1 
ATOM   419  N N     . ILE A 1 80  ? 7.359   0.635   -7.336  1.00 26.72 ? 80  ILE A N     1 
ATOM   420  C CA    . ILE A 1 80  ? 6.018   0.823   -6.831  1.00 25.85 ? 80  ILE A CA    1 
ATOM   421  C C     . ILE A 1 80  ? 5.051   0.111   -7.780  1.00 25.76 ? 80  ILE A C     1 
ATOM   422  O O     . ILE A 1 80  ? 5.054   0.359   -8.984  1.00 26.09 ? 80  ILE A O     1 
ATOM   423  C CB    . ILE A 1 80  ? 5.690   2.331   -6.575  1.00 25.86 ? 80  ILE A CB    1 
ATOM   424  C CG1   . ILE A 1 80  ? 4.252   2.501   -6.070  1.00 25.04 ? 80  ILE A CG1   1 
ATOM   425  C CG2   . ILE A 1 80  ? 6.049   3.221   -7.813  1.00 25.17 ? 80  ILE A CG2   1 
ATOM   426  C CD1   . ILE A 1 80  ? 3.969   3.856   -5.426  1.00 25.30 ? 80  ILE A CD1   1 
ATOM   427  N N     . ILE A 1 81  ? 4.263   -0.805  -7.227  1.00 25.26 ? 81  ILE A N     1 
ATOM   428  C CA    . ILE A 1 81  ? 3.441   -1.709  -8.027  1.00 25.49 ? 81  ILE A CA    1 
ATOM   429  C C     . ILE A 1 81  ? 1.952   -1.416  -7.876  1.00 25.39 ? 81  ILE A C     1 
ATOM   430  O O     . ILE A 1 81  ? 1.445   -1.219  -6.765  1.00 25.14 ? 81  ILE A O     1 
ATOM   431  C CB    . ILE A 1 81  ? 3.753   -3.194  -7.701  1.00 25.69 ? 81  ILE A CB    1 
ATOM   432  C CG1   . ILE A 1 81  ? 5.246   -3.475  -7.930  1.00 25.85 ? 81  ILE A CG1   1 
ATOM   433  C CG2   . ILE A 1 81  ? 2.920   -4.139  -8.572  1.00 26.66 ? 81  ILE A CG2   1 
ATOM   434  C CD1   . ILE A 1 81  ? 5.714   -4.808  -7.402  1.00 28.33 ? 81  ILE A CD1   1 
ATOM   435  N N     . ASP A 1 82  ? 1.263   -1.394  -9.013  1.00 24.85 ? 82  ASP A N     1 
ATOM   436  C CA    . ASP A 1 82  ? -0.172  -1.176  -9.071  1.00 25.06 ? 82  ASP A CA    1 
ATOM   437  C C     . ASP A 1 82  ? -0.753  -2.370  -9.830  1.00 25.20 ? 82  ASP A C     1 
ATOM   438  O O     . ASP A 1 82  ? -0.309  -2.684  -10.935 1.00 24.81 ? 82  ASP A O     1 
ATOM   439  C CB    . ASP A 1 82  ? -0.480  0.159   -9.793  1.00 24.79 ? 82  ASP A CB    1 
ATOM   440  C CG    . ASP A 1 82  ? -1.973  0.515   -9.799  1.00 24.84 ? 82  ASP A CG    1 
ATOM   441  O OD1   . ASP A 1 82  ? -2.684  0.194   -8.828  1.00 22.67 ? 82  ASP A OD1   1 
ATOM   442  O OD2   . ASP A 1 82  ? -2.441  1.147   -10.773 1.00 25.34 ? 82  ASP A OD2   1 
ATOM   443  N N     . THR A 1 83  ? -1.718  -3.049  -9.221  1.00 25.83 ? 83  THR A N     1 
ATOM   444  C CA    . THR A 1 83  ? -2.351  -4.215  -9.841  1.00 27.35 ? 83  THR A CA    1 
ATOM   445  C C     . THR A 1 83  ? -3.858  -4.037  -9.915  1.00 27.27 ? 83  THR A C     1 
ATOM   446  O O     . THR A 1 83  ? -4.587  -4.639  -9.130  1.00 27.88 ? 83  THR A O     1 
ATOM   447  C CB    . THR A 1 83  ? -2.029  -5.529  -9.082  1.00 27.17 ? 83  THR A CB    1 
ATOM   448  O OG1   . THR A 1 83  ? -2.325  -5.364  -7.692  1.00 29.01 ? 83  THR A OG1   1 
ATOM   449  C CG2   . THR A 1 83  ? -0.581  -5.875  -9.223  1.00 28.39 ? 83  THR A CG2   1 
ATOM   450  N N     . PRO A 1 84  ? -4.337  -3.190  -10.847 1.00 27.61 ? 84  PRO A N     1 
ATOM   451  C CA    . PRO A 1 84  ? -5.786  -3.000  -10.921 1.00 27.90 ? 84  PRO A CA    1 
ATOM   452  C C     . PRO A 1 84  ? -6.480  -4.331  -11.236 1.00 28.30 ? 84  PRO A C     1 
ATOM   453  O O     . PRO A 1 84  ? -5.967  -5.127  -12.031 1.00 28.65 ? 84  PRO A O     1 
ATOM   454  C CB    . PRO A 1 84  ? -5.964  -1.976  -12.053 1.00 27.68 ? 84  PRO A CB    1 
ATOM   455  C CG    . PRO A 1 84  ? -4.676  -1.969  -12.801 1.00 27.77 ? 84  PRO A CG    1 
ATOM   456  C CD    . PRO A 1 84  ? -3.608  -2.391  -11.844 1.00 27.35 ? 84  PRO A CD    1 
ATOM   457  N N     . GLY A 1 85  ? -7.598  -4.581  -10.564 1.00 28.68 ? 85  GLY A N     1 
ATOM   458  C CA    . GLY A 1 85  ? -8.331  -5.832  -10.708 1.00 28.98 ? 85  GLY A CA    1 
ATOM   459  C C     . GLY A 1 85  ? -8.007  -6.854  -9.634  1.00 29.16 ? 85  GLY A C     1 
ATOM   460  O O     . GLY A 1 85  ? -8.796  -7.766  -9.397  1.00 29.10 ? 85  GLY A O     1 
ATOM   461  N N     . LEU A 1 86  ? -6.854  -6.712  -8.974  1.00 29.26 ? 86  LEU A N     1 
ATOM   462  C CA    . LEU A 1 86  ? -6.467  -7.656  -7.912  1.00 29.06 ? 86  LEU A CA    1 
ATOM   463  C C     . LEU A 1 86  ? -6.545  -7.078  -6.494  1.00 28.99 ? 86  LEU A C     1 
ATOM   464  O O     . LEU A 1 86  ? -7.197  -7.647  -5.615  1.00 29.37 ? 86  LEU A O     1 
ATOM   465  C CB    . LEU A 1 86  ? -5.070  -8.228  -8.170  1.00 29.31 ? 86  LEU A CB    1 
ATOM   466  C CG    . LEU A 1 86  ? -4.856  -9.116  -9.399  1.00 29.77 ? 86  LEU A CG    1 
ATOM   467  C CD1   . LEU A 1 86  ? -3.404  -9.575  -9.439  1.00 30.48 ? 86  LEU A CD1   1 
ATOM   468  C CD2   . LEU A 1 86  ? -5.784  -10.310 -9.391  1.00 30.52 ? 86  LEU A CD2   1 
ATOM   469  N N     . LEU A 1 87  ? -5.888  -5.948  -6.272  1.00 28.90 ? 87  LEU A N     1 
ATOM   470  C CA    . LEU A 1 87  ? -5.804  -5.367  -4.931  1.00 28.46 ? 87  LEU A CA    1 
ATOM   471  C C     . LEU A 1 87  ? -6.728  -4.164  -4.743  1.00 28.53 ? 87  LEU A C     1 
ATOM   472  O O     . LEU A 1 87  ? -6.490  -3.291  -3.889  1.00 28.05 ? 87  LEU A O     1 
ATOM   473  C CB    . LEU A 1 87  ? -4.341  -5.038  -4.599  1.00 28.54 ? 87  LEU A CB    1 
ATOM   474  C CG    . LEU A 1 87  ? -3.413  -6.265  -4.551  1.00 28.67 ? 87  LEU A CG    1 
ATOM   475  C CD1   . LEU A 1 87  ? -1.988  -5.856  -4.248  1.00 30.19 ? 87  LEU A CD1   1 
ATOM   476  C CD2   . LEU A 1 87  ? -3.900  -7.285  -3.520  1.00 29.51 ? 87  LEU A CD2   1 
ATOM   477  N N     . ASP A 1 88  ? -7.802  -4.148  -5.529  1.00 28.20 ? 88  ASP A N     1 
ATOM   478  C CA    . ASP A 1 88  ? -8.784  -3.061  -5.512  1.00 28.64 ? 88  ASP A CA    1 
ATOM   479  C C     . ASP A 1 88  ? -10.189 -3.564  -5.194  1.00 28.83 ? 88  ASP A C     1 
ATOM   480  O O     . ASP A 1 88  ? -11.154 -2.798  -5.231  1.00 28.89 ? 88  ASP A O     1 
ATOM   481  C CB    . ASP A 1 88  ? -8.784  -2.301  -6.852  1.00 28.37 ? 88  ASP A CB    1 
ATOM   482  C CG    . ASP A 1 88  ? -9.076  -3.198  -8.051  1.00 29.46 ? 88  ASP A CG    1 
ATOM   483  O OD1   . ASP A 1 88  ? -9.222  -4.435  -7.886  1.00 29.92 ? 88  ASP A OD1   1 
ATOM   484  O OD2   . ASP A 1 88  ? -9.167  -2.652  -9.168  1.00 30.17 ? 88  ASP A OD2   1 
ATOM   485  N N     . ARG A 1 89  ? -10.294 -4.855  -4.892  1.00 28.87 ? 89  ARG A N     1 
ATOM   486  C CA    . ARG A 1 89  ? -11.573 -5.475  -4.560  1.00 29.29 ? 89  ARG A CA    1 
ATOM   487  C C     . ARG A 1 89  ? -11.368 -6.692  -3.653  1.00 29.38 ? 89  ARG A C     1 
ATOM   488  O O     . ARG A 1 89  ? -10.267 -7.250  -3.591  1.00 29.05 ? 89  ARG A O     1 
ATOM   489  C CB    . ARG A 1 89  ? -12.349 -5.849  -5.832  1.00 29.45 ? 89  ARG A CB    1 
ATOM   490  C CG    . ARG A 1 89  ? -11.612 -6.766  -6.799  1.00 30.20 ? 89  ARG A CG    1 
ATOM   491  C CD    . ARG A 1 89  ? -12.153 -6.603  -8.210  1.00 31.58 ? 89  ARG A CD    1 
ATOM   492  N NE    . ARG A 1 89  ? -11.571 -5.426  -8.855  1.00 32.36 ? 89  ARG A NE    1 
ATOM   493  C CZ    . ARG A 1 89  ? -12.158 -4.717  -9.816  1.00 34.76 ? 89  ARG A CZ    1 
ATOM   494  N NH1   . ARG A 1 89  ? -13.360 -5.063  -10.271 1.00 34.56 ? 89  ARG A NH1   1 
ATOM   495  N NH2   . ARG A 1 89  ? -11.534 -3.663  -10.328 1.00 32.93 ? 89  ARG A NH2   1 
ATOM   496  N N     . ALA A 1 90  ? -12.432 -7.089  -2.957  1.00 29.60 ? 90  ALA A N     1 
ATOM   497  C CA    . ALA A 1 90  ? -12.375 -8.199  -2.011  1.00 30.05 ? 90  ALA A CA    1 
ATOM   498  C C     . ALA A 1 90  ? -12.011 -9.512  -2.698  1.00 30.65 ? 90  ALA A C     1 
ATOM   499  O O     . ALA A 1 90  ? -12.244 -9.692  -3.894  1.00 29.98 ? 90  ALA A O     1 
ATOM   500  C CB    . ALA A 1 90  ? -13.697 -8.320  -1.231  1.00 30.05 ? 90  ALA A CB    1 
ATOM   501  N N     . PHE A 1 91  ? -11.433 -10.424 -1.923  1.00 31.97 ? 91  PHE A N     1 
ATOM   502  C CA    . PHE A 1 91  ? -10.830 -11.645 -2.457  1.00 33.11 ? 91  PHE A CA    1 
ATOM   503  C C     . PHE A 1 91  ? -11.788 -12.819 -2.677  1.00 34.36 ? 91  PHE A C     1 
ATOM   504  O O     . PHE A 1 91  ? -11.419 -13.809 -3.320  1.00 34.55 ? 91  PHE A O     1 
ATOM   505  C CB    . PHE A 1 91  ? -9.662  -12.077 -1.563  1.00 32.56 ? 91  PHE A CB    1 
ATOM   506  C CG    . PHE A 1 91  ? -8.518  -11.102 -1.542  1.00 32.49 ? 91  PHE A CG    1 
ATOM   507  C CD1   . PHE A 1 91  ? -8.122  -10.435 -2.702  1.00 31.61 ? 91  PHE A CD1   1 
ATOM   508  C CD2   . PHE A 1 91  ? -7.820  -10.860 -0.366  1.00 31.92 ? 91  PHE A CD2   1 
ATOM   509  C CE1   . PHE A 1 91  ? -7.057  -9.532  -2.684  1.00 31.18 ? 91  PHE A CE1   1 
ATOM   510  C CE2   . PHE A 1 91  ? -6.750  -9.980  -0.344  1.00 32.33 ? 91  PHE A CE2   1 
ATOM   511  C CZ    . PHE A 1 91  ? -6.366  -9.307  -1.506  1.00 32.11 ? 91  PHE A CZ    1 
ATOM   512  N N     . GLU A 1 92  ? -13.010 -12.703 -2.155  1.00 35.88 ? 92  GLU A N     1 
ATOM   513  C CA    . GLU A 1 92  ? -14.022 -13.765 -2.227  1.00 37.42 ? 92  GLU A CA    1 
ATOM   514  C C     . GLU A 1 92  ? -14.249 -14.337 -3.625  1.00 37.79 ? 92  GLU A C     1 
ATOM   515  O O     . GLU A 1 92  ? -14.525 -15.527 -3.772  1.00 37.88 ? 92  GLU A O     1 
ATOM   516  C CB    . GLU A 1 92  ? -15.364 -13.254 -1.714  1.00 37.89 ? 92  GLU A CB    1 
ATOM   517  C CG    . GLU A 1 92  ? -15.534 -13.248 -0.213  1.00 40.01 ? 92  GLU A CG    1 
ATOM   518  C CD    . GLU A 1 92  ? -16.938 -12.829 0.186   1.00 42.29 ? 92  GLU A CD    1 
ATOM   519  O OE1   . GLU A 1 92  ? -17.397 -11.764 -0.292  1.00 43.71 ? 92  GLU A OE1   1 
ATOM   520  O OE2   . GLU A 1 92  ? -17.587 -13.566 0.967   1.00 43.54 ? 92  GLU A OE2   1 
ATOM   521  N N     . ASN A 1 93  ? -14.145 -13.481 -4.637  1.00 38.58 ? 93  ASN A N     1 
ATOM   522  C CA    . ASN A 1 93  ? -14.480 -13.849 -6.010  1.00 39.12 ? 93  ASN A CA    1 
ATOM   523  C C     . ASN A 1 93  ? -13.281 -14.320 -6.838  1.00 39.14 ? 93  ASN A C     1 
ATOM   524  O O     . ASN A 1 93  ? -13.453 -14.809 -7.955  1.00 39.23 ? 93  ASN A O     1 
ATOM   525  C CB    . ASN A 1 93  ? -15.179 -12.677 -6.719  1.00 39.66 ? 93  ASN A CB    1 
ATOM   526  C CG    . ASN A 1 93  ? -16.542 -12.347 -6.122  1.00 41.23 ? 93  ASN A CG    1 
ATOM   527  O OD1   . ASN A 1 93  ? -17.180 -13.186 -5.480  1.00 43.18 ? 93  ASN A OD1   1 
ATOM   528  N ND2   . ASN A 1 93  ? -16.998 -11.118 -6.345  1.00 43.03 ? 93  ASN A ND2   1 
ATOM   529  N N     . ARG A 1 94  ? -12.071 -14.166 -6.295  1.00 39.07 ? 94  ARG A N     1 
ATOM   530  C CA    . ARG A 1 94  ? -10.854 -14.589 -6.993  1.00 38.76 ? 94  ARG A CA    1 
ATOM   531  C C     . ARG A 1 94  ? -10.827 -16.100 -7.199  1.00 38.33 ? 94  ARG A C     1 
ATOM   532  O O     . ARG A 1 94  ? -11.302 -16.863 -6.351  1.00 37.95 ? 94  ARG A O     1 
ATOM   533  C CB    . ARG A 1 94  ? -9.595  -14.180 -6.216  1.00 39.05 ? 94  ARG A CB    1 
ATOM   534  C CG    . ARG A 1 94  ? -9.399  -12.700 -5.942  1.00 40.75 ? 94  ARG A CG    1 
ATOM   535  C CD    . ARG A 1 94  ? -9.457  -11.816 -7.181  1.00 43.23 ? 94  ARG A CD    1 
ATOM   536  N NE    . ARG A 1 94  ? -10.588 -10.896 -7.071  1.00 46.75 ? 94  ARG A NE    1 
ATOM   537  C CZ    . ARG A 1 94  ? -11.594 -10.807 -7.932  1.00 47.21 ? 94  ARG A CZ    1 
ATOM   538  N NH1   . ARG A 1 94  ? -11.626 -11.561 -9.022  1.00 48.09 ? 94  ARG A NH1   1 
ATOM   539  N NH2   . ARG A 1 94  ? -12.562 -9.936  -7.708  1.00 49.26 ? 94  ARG A NH2   1 
ATOM   540  N N     . ASN A 1 95  ? -10.274 -16.526 -8.331  1.00 38.22 ? 95  ASN A N     1 
ATOM   541  C CA    . ASN A 1 95  ? -9.983  -17.941 -8.565  1.00 38.01 ? 95  ASN A CA    1 
ATOM   542  C C     . ASN A 1 95  ? -8.590  -18.284 -8.008  1.00 37.70 ? 95  ASN A C     1 
ATOM   543  O O     . ASN A 1 95  ? -7.895  -17.402 -7.478  1.00 37.42 ? 95  ASN A O     1 
ATOM   544  C CB    . ASN A 1 95  ? -10.112 -18.293 -10.056 1.00 38.05 ? 95  ASN A CB    1 
ATOM   545  C CG    . ASN A 1 95  ? -9.172  -17.479 -10.946 1.00 38.95 ? 95  ASN A CG    1 
ATOM   546  O OD1   . ASN A 1 95  ? -8.011  -17.236 -10.601 1.00 39.67 ? 95  ASN A OD1   1 
ATOM   547  N ND2   . ASN A 1 95  ? -9.674  -17.061 -12.102 1.00 39.27 ? 95  ASN A ND2   1 
ATOM   548  N N     . THR A 1 96  ? -8.183  -19.548 -8.131  1.00 37.34 ? 96  THR A N     1 
ATOM   549  C CA    . THR A 1 96  ? -6.882  -20.005 -7.606  1.00 37.03 ? 96  THR A CA    1 
ATOM   550  C C     . THR A 1 96  ? -5.688  -19.218 -8.177  1.00 36.52 ? 96  THR A C     1 
ATOM   551  O O     . THR A 1 96  ? -4.918  -18.637 -7.412  1.00 36.43 ? 96  THR A O     1 
ATOM   552  C CB    . THR A 1 96  ? -6.692  -21.521 -7.796  1.00 36.90 ? 96  THR A CB    1 
ATOM   553  O OG1   . THR A 1 96  ? -7.875  -22.195 -7.365  1.00 37.55 ? 96  THR A OG1   1 
ATOM   554  C CG2   . THR A 1 96  ? -5.529  -22.025 -6.965  1.00 37.49 ? 96  THR A CG2   1 
ATOM   555  N N     . ILE A 1 97  ? -5.563  -19.173 -9.504  1.00 36.02 ? 97  ILE A N     1 
ATOM   556  C CA    . ILE A 1 97  ? -4.474  -18.443 -10.177 1.00 35.84 ? 97  ILE A CA    1 
ATOM   557  C C     . ILE A 1 97  ? -4.361  -16.969 -9.751  1.00 35.59 ? 97  ILE A C     1 
ATOM   558  O O     . ILE A 1 97  ? -3.252  -16.473 -9.526  1.00 35.25 ? 97  ILE A O     1 
ATOM   559  C CB    . ILE A 1 97  ? -4.575  -18.517 -11.737 1.00 36.31 ? 97  ILE A CB    1 
ATOM   560  C CG1   . ILE A 1 97  ? -4.696  -19.964 -12.246 1.00 36.95 ? 97  ILE A CG1   1 
ATOM   561  C CG2   . ILE A 1 97  ? -3.402  -17.783 -12.408 1.00 36.63 ? 97  ILE A CG2   1 
ATOM   562  C CD1   . ILE A 1 97  ? -3.638  -20.935 -11.742 1.00 39.11 ? 97  ILE A CD1   1 
ATOM   563  N N     . GLU A 1 98  ? -5.500  -16.279 -9.651  1.00 35.01 ? 98  GLU A N     1 
ATOM   564  C CA    . GLU A 1 98  ? -5.527  -14.893 -9.164  1.00 35.05 ? 98  GLU A CA    1 
ATOM   565  C C     . GLU A 1 98  ? -5.004  -14.807 -7.736  1.00 34.16 ? 98  GLU A C     1 
ATOM   566  O O     . GLU A 1 98  ? -4.182  -13.942 -7.421  1.00 33.69 ? 98  GLU A O     1 
ATOM   567  C CB    . GLU A 1 98  ? -6.944  -14.306 -9.249  1.00 35.01 ? 98  GLU A CB    1 
ATOM   568  C CG    . GLU A 1 98  ? -7.332  -13.812 -10.645 1.00 36.09 ? 98  GLU A CG    1 
ATOM   569  C CD    . GLU A 1 98  ? -8.794  -13.379 -10.743 1.00 36.72 ? 98  GLU A CD    1 
ATOM   570  O OE1   . GLU A 1 98  ? -9.667  -14.029 -10.125 1.00 38.41 ? 98  GLU A OE1   1 
ATOM   571  O OE2   . GLU A 1 98  ? -9.072  -12.389 -11.458 1.00 40.12 ? 98  GLU A OE2   1 
ATOM   572  N N     . MET A 1 99  ? -5.481  -15.713 -6.879  1.00 33.77 ? 99  MET A N     1 
ATOM   573  C CA    . MET A 1 99  ? -5.030  -15.770 -5.492  1.00 33.27 ? 99  MET A CA    1 
ATOM   574  C C     . MET A 1 99  ? -3.534  -15.978 -5.346  1.00 33.09 ? 99  MET A C     1 
ATOM   575  O O     . MET A 1 99  ? -2.925  -15.359 -4.479  1.00 32.91 ? 99  MET A O     1 
ATOM   576  C CB    . MET A 1 99  ? -5.777  -16.833 -4.680  1.00 33.33 ? 99  MET A CB    1 
ATOM   577  C CG    . MET A 1 99  ? -7.005  -16.331 -3.947  1.00 32.74 ? 99  MET A CG    1 
ATOM   578  S SD    . MET A 1 99  ? -7.032  -14.632 -3.329  1.00 32.47 ? 99  MET A SD    1 
ATOM   579  C CE    . MET A 1 99  ? -5.738  -14.599 -2.094  1.00 33.65 ? 99  MET A CE    1 
ATOM   580  N N     . THR A 1 100 ? -2.953  -16.829 -6.198  1.00 33.33 ? 100 THR A N     1 
ATOM   581  C CA    . THR A 1 100 ? -1.510  -17.116 -6.182  1.00 33.50 ? 100 THR A CA    1 
ATOM   582  C C     . THR A 1 100 ? -0.725  -15.876 -6.569  1.00 33.41 ? 100 THR A C     1 
ATOM   583  O O     . THR A 1 100 ? 0.340   -15.596 -5.999  1.00 33.04 ? 100 THR A O     1 
ATOM   584  C CB    . THR A 1 100 ? -1.116  -18.271 -7.144  1.00 33.78 ? 100 THR A CB    1 
ATOM   585  O OG1   . THR A 1 100 ? -1.242  -17.834 -8.505  1.00 35.92 ? 100 THR A OG1   1 
ATOM   586  C CG2   . THR A 1 100 ? -1.989  -19.492 -6.925  1.00 33.63 ? 100 THR A CG2   1 
ATOM   587  N N     . THR A 1 101 ? -1.263  -15.135 -7.542  1.00 33.36 ? 101 THR A N     1 
ATOM   588  C CA    . THR A 1 101 ? -0.706  -13.848 -7.949  1.00 32.94 ? 101 THR A CA    1 
ATOM   589  C C     . THR A 1 101 ? -0.765  -12.855 -6.786  1.00 32.42 ? 101 THR A C     1 
ATOM   590  O O     . THR A 1 101 ? 0.239   -12.228 -6.448  1.00 32.55 ? 101 THR A O     1 
ATOM   591  C CB    . THR A 1 101 ? -1.434  -13.279 -9.202  1.00 33.21 ? 101 THR A CB    1 
ATOM   592  O OG1   . THR A 1 101 ? -1.511  -14.285 -10.223 1.00 34.52 ? 101 THR A OG1   1 
ATOM   593  C CG2   . THR A 1 101 ? -0.691  -12.087 -9.757  1.00 33.65 ? 101 THR A CG2   1 
ATOM   594  N N     . ILE A 1 102 ? -1.934  -12.735 -6.160  1.00 31.96 ? 102 ILE A N     1 
ATOM   595  C CA    . ILE A 1 102 ? -2.109  -11.857 -5.007  1.00 31.86 ? 102 ILE A CA    1 
ATOM   596  C C     . ILE A 1 102 ? -1.155  -12.240 -3.873  1.00 32.10 ? 102 ILE A C     1 
ATOM   597  O O     . ILE A 1 102 ? -0.466  -11.383 -3.307  1.00 32.14 ? 102 ILE A O     1 
ATOM   598  C CB    . ILE A 1 102 ? -3.581  -11.857 -4.503  1.00 31.98 ? 102 ILE A CB    1 
ATOM   599  C CG1   . ILE A 1 102 ? -4.485  -11.118 -5.496  1.00 31.36 ? 102 ILE A CG1   1 
ATOM   600  C CG2   . ILE A 1 102 ? -3.697  -11.216 -3.120  1.00 30.66 ? 102 ILE A CG2   1 
ATOM   601  C CD1   . ILE A 1 102 ? -5.953  -11.472 -5.367  1.00 30.77 ? 102 ILE A CD1   1 
ATOM   602  N N     . THR A 1 103 ? -1.129  -13.532 -3.554  1.00 32.07 ? 103 THR A N     1 
ATOM   603  C CA    . THR A 1 103 ? -0.260  -14.057 -2.510  1.00 32.51 ? 103 THR A CA    1 
ATOM   604  C C     . THR A 1 103 ? 1.227   -13.849 -2.841  1.00 32.37 ? 103 THR A C     1 
ATOM   605  O O     . THR A 1 103 ? 2.000   -13.477 -1.966  1.00 32.50 ? 103 THR A O     1 
ATOM   606  C CB    . THR A 1 103 ? -0.573  -15.542 -2.225  1.00 32.44 ? 103 THR A CB    1 
ATOM   607  O OG1   . THR A 1 103 ? -1.982  -15.690 -1.995  1.00 33.08 ? 103 THR A OG1   1 
ATOM   608  C CG2   . THR A 1 103 ? 0.177   -16.018 -1.000  1.00 32.49 ? 103 THR A CG2   1 
ATOM   609  N N     . ALA A 1 104 ? 1.607   -14.047 -4.105  1.00 32.90 ? 104 ALA A N     1 
ATOM   610  C CA    . ALA A 1 104 ? 2.998   -13.821 -4.538  1.00 33.54 ? 104 ALA A CA    1 
ATOM   611  C C     . ALA A 1 104 ? 3.462   -12.377 -4.291  1.00 34.10 ? 104 ALA A C     1 
ATOM   612  O O     . ALA A 1 104 ? 4.594   -12.148 -3.868  1.00 33.87 ? 104 ALA A O     1 
ATOM   613  C CB    . ALA A 1 104 ? 3.182   -14.208 -5.998  1.00 33.36 ? 104 ALA A CB    1 
ATOM   614  N N     . LEU A 1 105 ? 2.566   -11.421 -4.544  1.00 34.92 ? 105 LEU A N     1 
ATOM   615  C CA    . LEU A 1 105 ? 2.810   -10.004 -4.279  1.00 35.67 ? 105 LEU A CA    1 
ATOM   616  C C     . LEU A 1 105 ? 2.953   -9.686  -2.797  1.00 35.79 ? 105 LEU A C     1 
ATOM   617  O O     . LEU A 1 105 ? 3.765   -8.847  -2.406  1.00 36.02 ? 105 LEU A O     1 
ATOM   618  C CB    . LEU A 1 105 ? 1.675   -9.167  -4.869  1.00 36.03 ? 105 LEU A CB    1 
ATOM   619  C CG    . LEU A 1 105 ? 1.925   -8.668  -6.288  1.00 37.54 ? 105 LEU A CG    1 
ATOM   620  C CD1   . LEU A 1 105 ? 0.623   -8.306  -6.954  1.00 39.05 ? 105 LEU A CD1   1 
ATOM   621  C CD2   . LEU A 1 105 ? 2.885   -7.467  -6.258  1.00 38.66 ? 105 LEU A CD2   1 
ATOM   622  N N     . ALA A 1 106 ? 2.144   -10.358 -1.983  1.00 36.11 ? 106 ALA A N     1 
ATOM   623  C CA    . ALA A 1 106 ? 2.174   -10.209 -0.532  1.00 35.96 ? 106 ALA A CA    1 
ATOM   624  C C     . ALA A 1 106 ? 3.466   -10.721 0.105   1.00 35.95 ? 106 ALA A C     1 
ATOM   625  O O     . ALA A 1 106 ? 3.746   -10.420 1.264   1.00 36.59 ? 106 ALA A O     1 
ATOM   626  C CB    . ALA A 1 106 ? 0.967   -10.899 0.087   1.00 36.14 ? 106 ALA A CB    1 
ATOM   627  N N     . HIS A 1 107 ? 4.252   -11.481 -0.654  1.00 35.88 ? 107 HIS A N     1 
ATOM   628  C CA    . HIS A 1 107 ? 5.530   -12.015 -0.171  1.00 35.31 ? 107 HIS A CA    1 
ATOM   629  C C     . HIS A 1 107 ? 6.761   -11.253 -0.670  1.00 35.06 ? 107 HIS A C     1 
ATOM   630  O O     . HIS A 1 107 ? 7.888   -11.668 -0.415  1.00 35.10 ? 107 HIS A O     1 
ATOM   631  C CB    . HIS A 1 107 ? 5.647   -13.505 -0.511  1.00 35.21 ? 107 HIS A CB    1 
ATOM   632  C CG    . HIS A 1 107 ? 4.825   -14.386 0.377   1.00 35.81 ? 107 HIS A CG    1 
ATOM   633  N ND1   . HIS A 1 107 ? 3.492   -14.650 0.143   1.00 35.91 ? 107 HIS A ND1   1 
ATOM   634  C CD2   . HIS A 1 107 ? 5.145   -15.050 1.511   1.00 34.96 ? 107 HIS A CD2   1 
ATOM   635  C CE1   . HIS A 1 107 ? 3.028   -15.442 1.091   1.00 35.96 ? 107 HIS A CE1   1 
ATOM   636  N NE2   . HIS A 1 107 ? 4.010   -15.699 1.934   1.00 37.20 ? 107 HIS A NE2   1 
ATOM   637  N N     . ILE A 1 108 ? 6.542   -10.141 -1.372  1.00 34.87 ? 108 ILE A N     1 
ATOM   638  C CA    . ILE A 1 108 ? 7.630   -9.277  -1.863  1.00 34.46 ? 108 ILE A CA    1 
ATOM   639  C C     . ILE A 1 108 ? 8.199   -8.433  -0.712  1.00 33.79 ? 108 ILE A C     1 
ATOM   640  O O     . ILE A 1 108 ? 7.564   -8.299  0.333   1.00 33.80 ? 108 ILE A O     1 
ATOM   641  C CB    . ILE A 1 108 ? 7.127   -8.332  -3.003  1.00 34.85 ? 108 ILE A CB    1 
ATOM   642  C CG1   . ILE A 1 108 ? 6.424   -9.118  -4.120  1.00 35.38 ? 108 ILE A CG1   1 
ATOM   643  C CG2   . ILE A 1 108 ? 8.250   -7.460  -3.570  1.00 35.49 ? 108 ILE A CG2   1 
ATOM   644  C CD1   . ILE A 1 108 ? 7.317   -9.729  -5.174  1.00 36.38 ? 108 ILE A CD1   1 
ATOM   645  N N     . ASN A 1 109 ? 9.394   -7.873  -0.914  1.00 32.77 ? 109 ASN A N     1 
ATOM   646  C CA    . ASN A 1 109 ? 10.033  -6.967  0.046   1.00 32.05 ? 109 ASN A CA    1 
ATOM   647  C C     . ASN A 1 109 ? 9.341   -5.598  0.011   1.00 31.59 ? 109 ASN A C     1 
ATOM   648  O O     . ASN A 1 109 ? 9.883   -4.629  -0.523  1.00 31.68 ? 109 ASN A O     1 
ATOM   649  C CB    . ASN A 1 109 ? 11.535  -6.857  -0.282  1.00 31.93 ? 109 ASN A CB    1 
ATOM   650  C CG    . ASN A 1 109 ? 12.294  -5.891  0.633   1.00 32.12 ? 109 ASN A CG    1 
ATOM   651  O OD1   . ASN A 1 109 ? 11.815  -5.501  1.692   1.00 32.57 ? 109 ASN A OD1   1 
ATOM   652  N ND2   . ASN A 1 109 ? 13.493  -5.510  0.211   1.00 31.60 ? 109 ASN A ND2   1 
ATOM   653  N N     . GLY A 1 110 ? 8.139   -5.520  0.578   1.00 31.21 ? 110 GLY A N     1 
ATOM   654  C CA    . GLY A 1 110 ? 7.315   -4.319  0.425   1.00 30.37 ? 110 GLY A CA    1 
ATOM   655  C C     . GLY A 1 110 ? 6.550   -3.772  1.618   1.00 30.00 ? 110 GLY A C     1 
ATOM   656  O O     . GLY A 1 110 ? 6.350   -4.457  2.631   1.00 29.96 ? 110 GLY A O     1 
ATOM   657  N N     . VAL A 1 111 ? 6.136   -2.514  1.479   1.00 28.74 ? 111 VAL A N     1 
ATOM   658  C CA    . VAL A 1 111 ? 5.216   -1.855  2.393   1.00 28.16 ? 111 VAL A CA    1 
ATOM   659  C C     . VAL A 1 111 ? 3.934   -1.588  1.592   1.00 27.58 ? 111 VAL A C     1 
ATOM   660  O O     . VAL A 1 111 ? 4.006   -1.290  0.403   1.00 27.41 ? 111 VAL A O     1 
ATOM   661  C CB    . VAL A 1 111 ? 5.824   -0.528  2.940   1.00 27.90 ? 111 VAL A CB    1 
ATOM   662  C CG1   . VAL A 1 111 ? 6.198   0.425   1.805   1.00 28.42 ? 111 VAL A CG1   1 
ATOM   663  C CG2   . VAL A 1 111 ? 4.885   0.158   3.907   1.00 28.64 ? 111 VAL A CG2   1 
ATOM   664  N N     . ILE A 1 112 ? 2.773   -1.712  2.226   1.00 26.92 ? 112 ILE A N     1 
ATOM   665  C CA    . ILE A 1 112 ? 1.501   -1.472  1.528   1.00 26.64 ? 112 ILE A CA    1 
ATOM   666  C C     . ILE A 1 112 ? 1.143   -0.004  1.612   1.00 25.95 ? 112 ILE A C     1 
ATOM   667  O O     . ILE A 1 112 ? 1.234   0.600   2.683   1.00 26.40 ? 112 ILE A O     1 
ATOM   668  C CB    . ILE A 1 112 ? 0.318   -2.278  2.140   1.00 26.68 ? 112 ILE A CB    1 
ATOM   669  C CG1   . ILE A 1 112 ? 0.725   -3.722  2.453   1.00 26.95 ? 112 ILE A CG1   1 
ATOM   670  C CG2   . ILE A 1 112 ? -0.948  -2.216  1.234   1.00 27.02 ? 112 ILE A CG2   1 
ATOM   671  C CD1   . ILE A 1 112 ? 1.193   -4.543  1.251   1.00 27.38 ? 112 ILE A CD1   1 
ATOM   672  N N     . LEU A 1 113 ? 0.764   0.583   0.483   1.00 24.77 ? 113 LEU A N     1 
ATOM   673  C CA    . LEU A 1 113 ? 0.095   1.871   0.513   1.00 23.83 ? 113 LEU A CA    1 
ATOM   674  C C     . LEU A 1 113 ? -1.352  1.641   0.086   1.00 23.55 ? 113 LEU A C     1 
ATOM   675  O O     . LEU A 1 113 ? -1.627  1.442   -1.098  1.00 23.19 ? 113 LEU A O     1 
ATOM   676  C CB    . LEU A 1 113 ? 0.790   2.902   -0.387  1.00 23.67 ? 113 LEU A CB    1 
ATOM   677  C CG    . LEU A 1 113 ? 0.156   4.299   -0.520  1.00 23.39 ? 113 LEU A CG    1 
ATOM   678  C CD1   . LEU A 1 113 ? -0.154  4.959   0.830   1.00 22.34 ? 113 LEU A CD1   1 
ATOM   679  C CD2   . LEU A 1 113 ? 1.053   5.202   -1.347  1.00 23.70 ? 113 LEU A CD2   1 
ATOM   680  N N     . PHE A 1 114 ? -2.252  1.639   1.068   1.00 23.21 ? 114 PHE A N     1 
ATOM   681  C CA    . PHE A 1 114 ? -3.687  1.513   0.835   1.00 22.94 ? 114 PHE A CA    1 
ATOM   682  C C     . PHE A 1 114 ? -4.300  2.901   0.797   1.00 23.09 ? 114 PHE A C     1 
ATOM   683  O O     . PHE A 1 114 ? -4.310  3.626   1.803   1.00 22.89 ? 114 PHE A O     1 
ATOM   684  C CB    . PHE A 1 114 ? -4.389  0.633   1.894   1.00 22.75 ? 114 PHE A CB    1 
ATOM   685  C CG    . PHE A 1 114 ? -5.834  0.327   1.563   1.00 22.43 ? 114 PHE A CG    1 
ATOM   686  C CD1   . PHE A 1 114 ? -6.174  -0.829  0.862   1.00 23.67 ? 114 PHE A CD1   1 
ATOM   687  C CD2   . PHE A 1 114 ? -6.849  1.212   1.919   1.00 23.16 ? 114 PHE A CD2   1 
ATOM   688  C CE1   . PHE A 1 114 ? -7.507  -1.106  0.539   1.00 22.83 ? 114 PHE A CE1   1 
ATOM   689  C CE2   . PHE A 1 114 ? -8.183  0.947   1.597   1.00 23.52 ? 114 PHE A CE2   1 
ATOM   690  C CZ    . PHE A 1 114 ? -8.509  -0.214  0.911   1.00 23.23 ? 114 PHE A CZ    1 
ATOM   691  N N     . ILE A 1 115 ? -4.815  3.262   -0.372  1.00 22.67 ? 115 ILE A N     1 
ATOM   692  C CA    . ILE A 1 115 ? -5.341  4.590   -0.591  1.00 22.86 ? 115 ILE A CA    1 
ATOM   693  C C     . ILE A 1 115 ? -6.859  4.618   -0.447  1.00 23.40 ? 115 ILE A C     1 
ATOM   694  O O     . ILE A 1 115 ? -7.571  3.813   -1.061  1.00 22.94 ? 115 ILE A O     1 
ATOM   695  C CB    . ILE A 1 115 ? -4.913  5.164   -1.963  1.00 22.67 ? 115 ILE A CB    1 
ATOM   696  C CG1   . ILE A 1 115 ? -3.376  5.186   -2.069  1.00 22.29 ? 115 ILE A CG1   1 
ATOM   697  C CG2   . ILE A 1 115 ? -5.531  6.559   -2.172  1.00 22.71 ? 115 ILE A CG2   1 
ATOM   698  C CD1   . ILE A 1 115 ? -2.815  5.763   -3.365  1.00 23.14 ? 115 ILE A CD1   1 
ATOM   699  N N     . ILE A 1 116 ? -7.321  5.543   0.394   1.00 23.50 ? 116 ILE A N     1 
ATOM   700  C CA    . ILE A 1 116 ? -8.727  5.867   0.552   1.00 24.01 ? 116 ILE A CA    1 
ATOM   701  C C     . ILE A 1 116 ? -8.961  7.248   -0.053  1.00 24.66 ? 116 ILE A C     1 
ATOM   702  O O     . ILE A 1 116 ? -8.305  8.227   0.322   1.00 24.78 ? 116 ILE A O     1 
ATOM   703  C CB    . ILE A 1 116 ? -9.162  5.869   2.054   1.00 24.31 ? 116 ILE A CB    1 
ATOM   704  C CG1   . ILE A 1 116 ? -9.012  4.469   2.673   1.00 23.91 ? 116 ILE A CG1   1 
ATOM   705  C CG2   . ILE A 1 116 ? -10.605 6.393   2.222   1.00 24.58 ? 116 ILE A CG2   1 
ATOM   706  C CD1   . ILE A 1 116 ? -9.205  4.416   4.191   1.00 23.77 ? 116 ILE A CD1   1 
ATOM   707  N N     . ASP A 1 117 ? -9.880  7.303   -1.010  1.00 24.61 ? 117 ASP A N     1 
ATOM   708  C CA    . ASP A 1 117 ? -10.394 8.555   -1.557  1.00 24.95 ? 117 ASP A CA    1 
ATOM   709  C C     . ASP A 1 117 ? -11.454 9.133   -0.601  1.00 25.09 ? 117 ASP A C     1 
ATOM   710  O O     . ASP A 1 117 ? -12.618 8.714   -0.614  1.00 24.49 ? 117 ASP A O     1 
ATOM   711  C CB    . ASP A 1 117 ? -10.969 8.287   -2.960  1.00 24.51 ? 117 ASP A CB    1 
ATOM   712  C CG    . ASP A 1 117 ? -11.681 9.491   -3.562  1.00 25.63 ? 117 ASP A CG    1 
ATOM   713  O OD1   . ASP A 1 117 ? -11.553 10.618  -3.035  1.00 25.16 ? 117 ASP A OD1   1 
ATOM   714  O OD2   . ASP A 1 117 ? -12.374 9.301   -4.580  1.00 25.06 ? 117 ASP A OD2   1 
ATOM   715  N N     . ILE A 1 118 ? -11.042 10.086  0.242   1.00 25.59 ? 118 ILE A N     1 
ATOM   716  C CA    . ILE A 1 118 ? -11.951 10.674  1.237   1.00 25.88 ? 118 ILE A CA    1 
ATOM   717  C C     . ILE A 1 118 ? -12.981 11.637  0.659   1.00 26.56 ? 118 ILE A C     1 
ATOM   718  O O     . ILE A 1 118 ? -13.887 12.060  1.368   1.00 27.17 ? 118 ILE A O     1 
ATOM   719  C CB    . ILE A 1 118 ? -11.209 11.377  2.415   1.00 25.91 ? 118 ILE A CB    1 
ATOM   720  C CG1   . ILE A 1 118 ? -10.235 12.458  1.923   1.00 25.40 ? 118 ILE A CG1   1 
ATOM   721  C CG2   . ILE A 1 118 ? -10.559 10.348  3.334   1.00 25.68 ? 118 ILE A CG2   1 
ATOM   722  C CD1   . ILE A 1 118 ? -9.887  13.501  3.018   1.00 25.55 ? 118 ILE A CD1   1 
ATOM   723  N N     . SER A 1 119 ? -12.840 11.991  -0.616  1.00 27.15 ? 119 SER A N     1 
ATOM   724  C CA    . SER A 1 119 ? -13.874 12.755  -1.316  1.00 27.61 ? 119 SER A CA    1 
ATOM   725  C C     . SER A 1 119 ? -15.034 11.866  -1.807  1.00 28.21 ? 119 SER A C     1 
ATOM   726  O O     . SER A 1 119 ? -16.103 12.378  -2.162  1.00 28.64 ? 119 SER A O     1 
ATOM   727  C CB    . SER A 1 119 ? -13.274 13.543  -2.486  1.00 27.48 ? 119 SER A CB    1 
ATOM   728  O OG    . SER A 1 119 ? -13.006 12.713  -3.607  1.00 27.38 ? 119 SER A OG    1 
ATOM   729  N N     . GLU A 1 120 ? -14.799 10.552  -1.832  1.00 28.44 ? 120 GLU A N     1 
ATOM   730  C CA    . GLU A 1 120 ? -15.765 9.529   -2.278  1.00 29.18 ? 120 GLU A CA    1 
ATOM   731  C C     . GLU A 1 120 ? -16.153 9.594   -3.768  1.00 29.26 ? 120 GLU A C     1 
ATOM   732  O O     . GLU A 1 120 ? -17.048 8.871   -4.204  1.00 29.52 ? 120 GLU A O     1 
ATOM   733  C CB    . GLU A 1 120 ? -17.001 9.483   -1.366  1.00 29.27 ? 120 GLU A CB    1 
ATOM   734  C CG    . GLU A 1 120 ? -16.683 9.068   0.059   1.00 29.67 ? 120 GLU A CG    1 
ATOM   735  C CD    . GLU A 1 120 ? -17.828 9.309   1.033   1.00 29.91 ? 120 GLU A CD    1 
ATOM   736  O OE1   . GLU A 1 120 ? -18.793 10.009  0.674   1.00 33.77 ? 120 GLU A OE1   1 
ATOM   737  O OE2   . GLU A 1 120 ? -17.750 8.802   2.169   1.00 30.31 ? 120 GLU A OE2   1 
ATOM   738  N N     . GLN A 1 121 ? -15.464 10.441  -4.536  1.00 29.46 ? 121 GLN A N     1 
ATOM   739  C CA    . GLN A 1 121 ? -15.666 10.560  -5.989  1.00 29.37 ? 121 GLN A CA    1 
ATOM   740  C C     . GLN A 1 121 ? -15.402 9.247   -6.739  1.00 28.90 ? 121 GLN A C     1 
ATOM   741  O O     . GLN A 1 121 ? -15.915 9.050   -7.847  1.00 28.26 ? 121 GLN A O     1 
ATOM   742  C CB    . GLN A 1 121 ? -14.805 11.692  -6.573  1.00 29.55 ? 121 GLN A CB    1 
ATOM   743  C CG    . GLN A 1 121 ? -15.227 13.113  -6.143  1.00 30.36 ? 121 GLN A CG    1 
ATOM   744  C CD    . GLN A 1 121 ? -14.548 14.230  -6.958  1.00 31.31 ? 121 GLN A CD    1 
ATOM   745  O OE1   . GLN A 1 121 ? -13.654 13.985  -7.769  1.00 33.99 ? 121 GLN A OE1   1 
ATOM   746  N NE2   . GLN A 1 121 ? -14.983 15.461  -6.739  1.00 34.26 ? 121 GLN A NE2   1 
ATOM   747  N N     . CYS A 1 122 ? -14.612 8.361   -6.119  1.00 27.87 ? 122 CYS A N     1 
ATOM   748  C CA    . CYS A 1 122 ? -14.304 7.033   -6.657  1.00 27.47 ? 122 CYS A CA    1 
ATOM   749  C C     . CYS A 1 122 ? -15.552 6.159   -6.789  1.00 27.31 ? 122 CYS A C     1 
ATOM   750  O O     . CYS A 1 122 ? -15.541 5.152   -7.497  1.00 26.99 ? 122 CYS A O     1 
ATOM   751  C CB    . CYS A 1 122 ? -13.281 6.317   -5.766  1.00 27.17 ? 122 CYS A CB    1 
ATOM   752  S SG    . CYS A 1 122 ? -13.895 5.886   -4.112  1.00 26.68 ? 122 CYS A SG    1 
ATOM   753  N N     . GLY A 1 123 ? -16.613 6.540   -6.088  1.00 27.34 ? 123 GLY A N     1 
ATOM   754  C CA    . GLY A 1 123 ? -17.895 5.836   -6.180  1.00 27.53 ? 123 GLY A CA    1 
ATOM   755  C C     . GLY A 1 123 ? -18.222 4.970   -4.974  1.00 27.48 ? 123 GLY A C     1 
ATOM   756  O O     . GLY A 1 123 ? -19.289 4.369   -4.920  1.00 27.76 ? 123 GLY A O     1 
ATOM   757  N N     . LEU A 1 124 ? -17.309 4.906   -4.009  1.00 27.35 ? 124 LEU A N     1 
ATOM   758  C CA    . LEU A 1 124 ? -17.552 4.167   -2.767  1.00 27.52 ? 124 LEU A CA    1 
ATOM   759  C C     . LEU A 1 124 ? -17.332 5.077   -1.557  1.00 27.46 ? 124 LEU A C     1 
ATOM   760  O O     . LEU A 1 124 ? -16.465 5.960   -1.583  1.00 26.82 ? 124 LEU A O     1 
ATOM   761  C CB    . LEU A 1 124 ? -16.659 2.917   -2.671  1.00 27.28 ? 124 LEU A CB    1 
ATOM   762  C CG    . LEU A 1 124 ? -16.793 1.792   -3.706  1.00 28.06 ? 124 LEU A CG    1 
ATOM   763  C CD1   . LEU A 1 124 ? -15.665 0.765   -3.539  1.00 28.00 ? 124 LEU A CD1   1 
ATOM   764  C CD2   . LEU A 1 124 ? -18.156 1.099   -3.646  1.00 28.30 ? 124 LEU A CD2   1 
ATOM   765  N N     . THR A 1 125 ? -18.126 4.873   -0.508  1.00 27.35 ? 125 THR A N     1 
ATOM   766  C CA    . THR A 1 125 ? -18.000 5.705   0.690   1.00 27.58 ? 125 THR A CA    1 
ATOM   767  C C     . THR A 1 125 ? -16.716 5.358   1.434   1.00 27.48 ? 125 THR A C     1 
ATOM   768  O O     . THR A 1 125 ? -16.120 4.310   1.207   1.00 27.08 ? 125 THR A O     1 
ATOM   769  C CB    . THR A 1 125 ? -19.186 5.540   1.668   1.00 27.45 ? 125 THR A CB    1 
ATOM   770  O OG1   . THR A 1 125 ? -19.245 4.186   2.114   1.00 26.53 ? 125 THR A OG1   1 
ATOM   771  C CG2   . THR A 1 125 ? -20.510 5.930   1.017   1.00 27.71 ? 125 THR A CG2   1 
ATOM   772  N N     . ILE A 1 126 ? -16.303 6.240   2.334   1.00 27.83 ? 126 ILE A N     1 
ATOM   773  C CA    . ILE A 1 126 ? -15.163 5.950   3.182   1.00 28.65 ? 126 ILE A CA    1 
ATOM   774  C C     . ILE A 1 126 ? -15.342 4.606   3.908   1.00 28.56 ? 126 ILE A C     1 
ATOM   775  O O     . ILE A 1 126 ? -14.409 3.817   3.964   1.00 28.80 ? 126 ILE A O     1 
ATOM   776  C CB    . ILE A 1 126 ? -14.884 7.112   4.162   1.00 28.83 ? 126 ILE A CB    1 
ATOM   777  C CG1   . ILE A 1 126 ? -14.298 8.299   3.382   1.00 28.91 ? 126 ILE A CG1   1 
ATOM   778  C CG2   . ILE A 1 126 ? -13.950 6.650   5.290   1.00 29.38 ? 126 ILE A CG2   1 
ATOM   779  C CD1   . ILE A 1 126 ? -14.446 9.664   4.049   1.00 28.57 ? 126 ILE A CD1   1 
ATOM   780  N N     . LYS A 1 127 ? -16.549 4.334   4.409   1.00 28.89 ? 127 LYS A N     1 
ATOM   781  C CA    . LYS A 1 127 ? -16.835 3.082   5.135   1.00 29.25 ? 127 LYS A CA    1 
ATOM   782  C C     . LYS A 1 127 ? -16.699 1.848   4.254   1.00 28.97 ? 127 LYS A C     1 
ATOM   783  O O     . LYS A 1 127 ? -16.188 0.812   4.701   1.00 29.23 ? 127 LYS A O     1 
ATOM   784  C CB    . LYS A 1 127 ? -18.234 3.119   5.774   1.00 29.12 ? 127 LYS A CB    1 
ATOM   785  C CG    . LYS A 1 127 ? -18.631 1.831   6.507   1.00 29.63 ? 127 LYS A CG    1 
ATOM   786  C CD    . LYS A 1 127 ? -20.018 1.941   7.138   1.00 31.23 ? 127 LYS A CD    1 
ATOM   787  C CE    . LYS A 1 127 ? -20.366 0.693   7.954   1.00 35.42 ? 127 LYS A CE    1 
ATOM   788  N NZ    . LYS A 1 127 ? -19.358 0.423   9.042   1.00 38.26 ? 127 LYS A NZ    1 
ATOM   789  N N     . GLU A 1 128 ? -17.167 1.951   3.010   1.00 28.40 ? 128 GLU A N     1 
ATOM   790  C CA    . GLU A 1 128 ? -17.030 0.856   2.047   1.00 28.42 ? 128 GLU A CA    1 
ATOM   791  C C     . GLU A 1 128 ? -15.552 0.629   1.699   1.00 28.02 ? 128 GLU A C     1 
ATOM   792  O O     . GLU A 1 128 ? -15.124 -0.506  1.494   1.00 28.23 ? 128 GLU A O     1 
ATOM   793  C CB    . GLU A 1 128 ? -17.849 1.133   0.780   1.00 28.26 ? 128 GLU A CB    1 
ATOM   794  C CG    . GLU A 1 128 ? -19.358 1.063   0.988   1.00 28.85 ? 128 GLU A CG    1 
ATOM   795  C CD    . GLU A 1 128 ? -20.155 1.497   -0.233  1.00 29.30 ? 128 GLU A CD    1 
ATOM   796  O OE1   . GLU A 1 128 ? -19.843 2.555   -0.807  1.00 28.72 ? 128 GLU A OE1   1 
ATOM   797  O OE2   . GLU A 1 128 ? -21.107 0.776   -0.616  1.00 31.36 ? 128 GLU A OE2   1 
ATOM   798  N N     . GLN A 1 129 ? -14.778 1.712   1.648   1.00 27.81 ? 129 GLN A N     1 
ATOM   799  C CA    . GLN A 1 129 ? -13.338 1.614   1.388   1.00 27.54 ? 129 GLN A CA    1 
ATOM   800  C C     . GLN A 1 129 ? -12.582 1.027   2.584   1.00 27.76 ? 129 GLN A C     1 
ATOM   801  O O     . GLN A 1 129 ? -11.624 0.282   2.412   1.00 27.55 ? 129 GLN A O     1 
ATOM   802  C CB    . GLN A 1 129 ? -12.756 2.967   0.985   1.00 27.27 ? 129 GLN A CB    1 
ATOM   803  C CG    . GLN A 1 129 ? -13.288 3.495   -0.343  1.00 27.20 ? 129 GLN A CG    1 
ATOM   804  C CD    . GLN A 1 129 ? -12.767 4.876   -0.669  1.00 26.95 ? 129 GLN A CD    1 
ATOM   805  O OE1   . GLN A 1 129 ? -11.591 5.044   -0.999  1.00 27.37 ? 129 GLN A OE1   1 
ATOM   806  N NE2   . GLN A 1 129 ? -13.642 5.876   -0.590  1.00 26.65 ? 129 GLN A NE2   1 
ATOM   807  N N     . ILE A 1 130 ? -13.012 1.366   3.795   1.00 28.28 ? 130 ILE A N     1 
ATOM   808  C CA    . ILE A 1 130 ? -12.429 0.762   4.995   1.00 28.84 ? 130 ILE A CA    1 
ATOM   809  C C     . ILE A 1 130 ? -12.791 -0.730  5.079   1.00 29.66 ? 130 ILE A C     1 
ATOM   810  O O     . ILE A 1 130 ? -11.936 -1.569  5.368   1.00 29.58 ? 130 ILE A O     1 
ATOM   811  C CB    . ILE A 1 130 ? -12.813 1.535   6.274   1.00 28.69 ? 130 ILE A CB    1 
ATOM   812  C CG1   . ILE A 1 130 ? -12.076 2.884   6.311   1.00 28.58 ? 130 ILE A CG1   1 
ATOM   813  C CG2   . ILE A 1 130 ? -12.463 0.723   7.506   1.00 28.58 ? 130 ILE A CG2   1 
ATOM   814  C CD1   . ILE A 1 130 ? -12.443 3.798   7.499   1.00 28.33 ? 130 ILE A CD1   1 
ATOM   815  N N     . ASN A 1 131 ? -14.053 -1.057  4.812   1.00 30.68 ? 131 ASN A N     1 
ATOM   816  C CA    . ASN A 1 131 ? -14.464 -2.450  4.669   1.00 31.91 ? 131 ASN A CA    1 
ATOM   817  C C     . ASN A 1 131 ? -13.582 -3.229  3.697   1.00 32.12 ? 131 ASN A C     1 
ATOM   818  O O     . ASN A 1 131 ? -13.203 -4.365  3.975   1.00 32.25 ? 131 ASN A O     1 
ATOM   819  C CB    . ASN A 1 131 ? -15.928 -2.548  4.245   1.00 32.38 ? 131 ASN A CB    1 
ATOM   820  C CG    . ASN A 1 131 ? -16.896 -2.240  5.381   1.00 34.64 ? 131 ASN A CG    1 
ATOM   821  O OD1   . ASN A 1 131 ? -16.502 -1.771  6.459   1.00 37.42 ? 131 ASN A OD1   1 
ATOM   822  N ND2   . ASN A 1 131 ? -18.180 -2.491  5.136   1.00 36.01 ? 131 ASN A ND2   1 
ATOM   823  N N     . LEU A 1 132 ? -13.255 -2.622  2.556   1.00 32.37 ? 132 LEU A N     1 
ATOM   824  C CA    . LEU A 1 132 ? -12.325 -3.236  1.607   1.00 32.64 ? 132 LEU A CA    1 
ATOM   825  C C     . LEU A 1 132 ? -10.962 -3.489  2.257   1.00 32.97 ? 132 LEU A C     1 
ATOM   826  O O     . LEU A 1 132 ? -10.389 -4.568  2.093   1.00 32.55 ? 132 LEU A O     1 
ATOM   827  C CB    . LEU A 1 132 ? -12.169 -2.377  0.340   1.00 32.43 ? 132 LEU A CB    1 
ATOM   828  C CG    . LEU A 1 132 ? -11.075 -2.751  -0.672  1.00 32.56 ? 132 LEU A CG    1 
ATOM   829  C CD1   . LEU A 1 132 ? -11.243 -4.164  -1.204  1.00 32.71 ? 132 LEU A CD1   1 
ATOM   830  C CD2   . LEU A 1 132 ? -11.031 -1.753  -1.829  1.00 32.46 ? 132 LEU A CD2   1 
ATOM   831  N N     . PHE A 1 133 ? -10.461 -2.492  2.988   1.00 33.80 ? 133 PHE A N     1 
ATOM   832  C CA    . PHE A 1 133 ? -9.166  -2.597  3.662   1.00 34.84 ? 133 PHE A CA    1 
ATOM   833  C C     . PHE A 1 133 ? -9.089  -3.792  4.614   1.00 35.97 ? 133 PHE A C     1 
ATOM   834  O O     . PHE A 1 133 ? -8.122  -4.550  4.580   1.00 36.18 ? 133 PHE A O     1 
ATOM   835  C CB    . PHE A 1 133 ? -8.811  -1.309  4.411   1.00 34.26 ? 133 PHE A CB    1 
ATOM   836  C CG    . PHE A 1 133 ? -7.591  -1.444  5.278   1.00 34.16 ? 133 PHE A CG    1 
ATOM   837  C CD1   . PHE A 1 133 ? -6.326  -1.552  4.705   1.00 33.59 ? 133 PHE A CD1   1 
ATOM   838  C CD2   . PHE A 1 133 ? -7.706  -1.502  6.663   1.00 34.07 ? 133 PHE A CD2   1 
ATOM   839  C CE1   . PHE A 1 133 ? -5.195  -1.697  5.497   1.00 34.59 ? 133 PHE A CE1   1 
ATOM   840  C CE2   . PHE A 1 133 ? -6.573  -1.639  7.467   1.00 34.35 ? 133 PHE A CE2   1 
ATOM   841  C CZ    . PHE A 1 133 ? -5.316  -1.736  6.881   1.00 34.42 ? 133 PHE A CZ    1 
ATOM   842  N N     . TYR A 1 134 ? -10.102 -3.954  5.458   1.00 37.42 ? 134 TYR A N     1 
ATOM   843  C CA    . TYR A 1 134 ? -10.129 -5.080  6.393   1.00 39.35 ? 134 TYR A CA    1 
ATOM   844  C C     . TYR A 1 134 ? -10.189 -6.399  5.647   1.00 40.36 ? 134 TYR A C     1 
ATOM   845  O O     . TYR A 1 134 ? -9.544  -7.372  6.035   1.00 41.12 ? 134 TYR A O     1 
ATOM   846  C CB    . TYR A 1 134 ? -11.319 -4.986  7.345   1.00 39.39 ? 134 TYR A CB    1 
ATOM   847  C CG    . TYR A 1 134 ? -11.286 -3.819  8.311   1.00 39.74 ? 134 TYR A CG    1 
ATOM   848  C CD1   . TYR A 1 134 ? -10.158 -3.537  9.080   1.00 40.94 ? 134 TYR A CD1   1 
ATOM   849  C CD2   . TYR A 1 134 ? -12.402 -3.019  8.476   1.00 39.80 ? 134 TYR A CD2   1 
ATOM   850  C CE1   . TYR A 1 134 ? -10.150 -2.455  9.983   1.00 41.37 ? 134 TYR A CE1   1 
ATOM   851  C CE2   . TYR A 1 134 ? -12.407 -1.959  9.365   1.00 40.43 ? 134 TYR A CE2   1 
ATOM   852  C CZ    . TYR A 1 134 ? -11.285 -1.674  10.111  1.00 40.53 ? 134 TYR A CZ    1 
ATOM   853  O OH    . TYR A 1 134 ? -11.331 -0.604  10.985  1.00 41.10 ? 134 TYR A OH    1 
ATOM   854  N N     . SER A 1 135 ? -10.954 -6.411  4.563   1.00 41.56 ? 135 SER A N     1 
ATOM   855  C CA    . SER A 1 135 ? -11.215 -7.617  3.788   1.00 42.65 ? 135 SER A CA    1 
ATOM   856  C C     . SER A 1 135 ? -9.955  -8.178  3.128   1.00 43.32 ? 135 SER A C     1 
ATOM   857  O O     . SER A 1 135 ? -9.868  -9.384  2.870   1.00 43.77 ? 135 SER A O     1 
ATOM   858  C CB    . SER A 1 135 ? -12.308 -7.333  2.752   1.00 42.48 ? 135 SER A CB    1 
ATOM   859  O OG    . SER A 1 135 ? -12.247 -8.229  1.665   1.00 43.55 ? 135 SER A OG    1 
ATOM   860  N N     . ILE A 1 136 ? -8.979  -7.308  2.876   1.00 43.98 ? 136 ILE A N     1 
ATOM   861  C CA    . ILE A 1 136 ? -7.789  -7.688  2.116   1.00 44.60 ? 136 ILE A CA    1 
ATOM   862  C C     . ILE A 1 136 ? -6.444  -7.457  2.819   1.00 44.94 ? 136 ILE A C     1 
ATOM   863  O O     . ILE A 1 136 ? -5.395  -7.800  2.268   1.00 45.47 ? 136 ILE A O     1 
ATOM   864  C CB    . ILE A 1 136 ? -7.752  -7.003  0.710   1.00 44.56 ? 136 ILE A CB    1 
ATOM   865  C CG1   . ILE A 1 136 ? -7.406  -5.513  0.820   1.00 44.70 ? 136 ILE A CG1   1 
ATOM   866  C CG2   . ILE A 1 136 ? -9.056  -7.253  -0.073  1.00 44.44 ? 136 ILE A CG2   1 
ATOM   867  C CD1   . ILE A 1 136 ? -6.905  -4.929  -0.467  1.00 44.48 ? 136 ILE A CD1   1 
ATOM   868  N N     . LYS A 1 137 ? -6.459  -6.873  4.014   1.00 45.28 ? 137 LYS A N     1 
ATOM   869  C CA    . LYS A 1 137 ? -5.204  -6.574  4.703   1.00 45.69 ? 137 LYS A CA    1 
ATOM   870  C C     . LYS A 1 137 ? -4.647  -7.833  5.376   1.00 45.80 ? 137 LYS A C     1 
ATOM   871  O O     . LYS A 1 137 ? -3.486  -7.869  5.793   1.00 45.65 ? 137 LYS A O     1 
ATOM   872  C CB    . LYS A 1 137 ? -5.359  -5.395  5.680   1.00 45.71 ? 137 LYS A CB    1 
ATOM   873  C CG    . LYS A 1 137 ? -5.324  -5.715  7.170   1.00 46.73 ? 137 LYS A CG    1 
ATOM   874  C CD    . LYS A 1 137 ? -6.690  -5.998  7.752   1.00 47.67 ? 137 LYS A CD    1 
ATOM   875  C CE    . LYS A 1 137 ? -6.571  -6.311  9.241   1.00 48.26 ? 137 LYS A CE    1 
ATOM   876  N NZ    . LYS A 1 137 ? -7.897  -6.383  9.917   1.00 49.09 ? 137 LYS A NZ    1 
ATOM   877  N N     . SER A 1 138 ? -5.493  -8.861  5.446   1.00 46.04 ? 138 SER A N     1 
ATOM   878  C CA    . SER A 1 138 ? -5.130  -10.166 5.994   1.00 46.59 ? 138 SER A CA    1 
ATOM   879  C C     . SER A 1 138 ? -4.138  -10.944 5.115   1.00 46.64 ? 138 SER A C     1 
ATOM   880  O O     . SER A 1 138 ? -3.375  -11.764 5.625   1.00 46.93 ? 138 SER A O     1 
ATOM   881  C CB    . SER A 1 138 ? -6.393  -10.992 6.282   1.00 46.81 ? 138 SER A CB    1 
ATOM   882  O OG    . SER A 1 138 ? -7.492  -10.571 5.474   1.00 47.48 ? 138 SER A OG    1 
ATOM   883  N N     . VAL A 1 139 ? -4.136  -10.683 3.807   1.00 46.65 ? 139 VAL A N     1 
ATOM   884  C CA    . VAL A 1 139 ? -3.148  -11.305 2.908   1.00 46.48 ? 139 VAL A CA    1 
ATOM   885  C C     . VAL A 1 139 ? -1.739  -10.743 3.168   1.00 46.52 ? 139 VAL A C     1 
ATOM   886  O O     . VAL A 1 139 ? -0.739  -11.421 2.921   1.00 46.67 ? 139 VAL A O     1 
ATOM   887  C CB    . VAL A 1 139 ? -3.552  -11.197 1.401   1.00 46.48 ? 139 VAL A CB    1 
ATOM   888  C CG1   . VAL A 1 139 ? -3.262  -9.812  0.830   1.00 46.08 ? 139 VAL A CG1   1 
ATOM   889  C CG2   . VAL A 1 139 ? -2.853  -12.273 0.567   1.00 46.64 ? 139 VAL A CG2   1 
ATOM   890  N N     . PHE A 1 140 ? -1.678  -9.515  3.682   1.00 46.42 ? 140 PHE A N     1 
ATOM   891  C CA    . PHE A 1 140 ? -0.413  -8.859  3.996   1.00 46.46 ? 140 PHE A CA    1 
ATOM   892  C C     . PHE A 1 140 ? -0.088  -8.966  5.488   1.00 46.69 ? 140 PHE A C     1 
ATOM   893  O O     . PHE A 1 140 ? 0.258   -7.975  6.143   1.00 46.68 ? 140 PHE A O     1 
ATOM   894  C CB    . PHE A 1 140 ? -0.436  -7.391  3.551   1.00 46.37 ? 140 PHE A CB    1 
ATOM   895  C CG    . PHE A 1 140 ? -0.860  -7.189  2.119   1.00 46.59 ? 140 PHE A CG    1 
ATOM   896  C CD1   . PHE A 1 140 ? -2.007  -6.459  1.818   1.00 45.99 ? 140 PHE A CD1   1 
ATOM   897  C CD2   . PHE A 1 140 ? -0.109  -7.719  1.069   1.00 46.72 ? 140 PHE A CD2   1 
ATOM   898  C CE1   . PHE A 1 140 ? -2.404  -6.261  0.498   1.00 45.97 ? 140 PHE A CE1   1 
ATOM   899  C CE2   . PHE A 1 140 ? -0.502  -7.527  -0.262  1.00 46.88 ? 140 PHE A CE2   1 
ATOM   900  C CZ    . PHE A 1 140 ? -1.650  -6.799  -0.544  1.00 46.12 ? 140 PHE A CZ    1 
ATOM   901  N N     . ASN A 1 142 ? 2.289   -10.127 7.656   1.00 45.87 ? 142 ASN A N     1 
ATOM   902  C CA    . ASN A 1 142 ? 2.210   -8.934  8.484   1.00 45.79 ? 142 ASN A CA    1 
ATOM   903  C C     . ASN A 1 142 ? 3.301   -7.935  8.122   1.00 45.20 ? 142 ASN A C     1 
ATOM   904  O O     . ASN A 1 142 ? 4.389   -7.930  8.707   1.00 45.55 ? 142 ASN A O     1 
ATOM   905  C CB    . ASN A 1 142 ? 2.254   -9.299  9.972   1.00 46.44 ? 142 ASN A CB    1 
ATOM   906  C CG    . ASN A 1 142 ? 1.191   -8.572  10.788  1.00 47.52 ? 142 ASN A CG    1 
ATOM   907  O OD1   . ASN A 1 142 ? 0.032   -8.474  10.377  1.00 49.80 ? 142 ASN A OD1   1 
ATOM   908  N ND2   . ASN A 1 142 ? 1.583   -8.068  11.955  1.00 48.98 ? 142 ASN A ND2   1 
ATOM   909  N N     . LYS A 1 143 ? 2.997   -7.109  7.127   1.00 44.20 ? 143 LYS A N     1 
ATOM   910  C CA    . LYS A 1 143 ? 3.875   -6.035  6.675   1.00 43.00 ? 143 LYS A CA    1 
ATOM   911  C C     . LYS A 1 143 ? 3.409   -4.708  7.248   1.00 41.98 ? 143 LYS A C     1 
ATOM   912  O O     . LYS A 1 143 ? 2.310   -4.606  7.796   1.00 42.14 ? 143 LYS A O     1 
ATOM   913  C CB    . LYS A 1 143 ? 3.839   -5.934  5.148   1.00 43.18 ? 143 LYS A CB    1 
ATOM   914  C CG    . LYS A 1 143 ? 4.332   -7.143  4.420   1.00 43.45 ? 143 LYS A CG    1 
ATOM   915  C CD    . LYS A 1 143 ? 4.153   -6.967  2.928   1.00 45.00 ? 143 LYS A CD    1 
ATOM   916  C CE    . LYS A 1 143 ? 5.247   -7.694  2.170   1.00 46.25 ? 143 LYS A CE    1 
ATOM   917  N NZ    . LYS A 1 143 ? 5.502   -9.072  2.700   1.00 46.55 ? 143 LYS A NZ    1 
ATOM   918  N N     . SER A 1 144 ? 4.250   -3.692  7.110   1.00 40.54 ? 144 SER A N     1 
ATOM   919  C CA    . SER A 1 144 ? 3.855   -2.321  7.376   1.00 39.31 ? 144 SER A CA    1 
ATOM   920  C C     . SER A 1 144 ? 2.847   -1.814  6.348   1.00 37.90 ? 144 SER A C     1 
ATOM   921  O O     . SER A 1 144 ? 2.829   -2.268  5.203   1.00 37.47 ? 144 SER A O     1 
ATOM   922  C CB    . SER A 1 144 ? 5.077   -1.416  7.392   1.00 39.61 ? 144 SER A CB    1 
ATOM   923  O OG    . SER A 1 144 ? 5.601   -1.341  8.703   1.00 41.57 ? 144 SER A OG    1 
ATOM   924  N N     . ILE A 1 145 ? 2.008   -0.877  6.781   1.00 36.55 ? 145 ILE A N     1 
ATOM   925  C CA    . ILE A 1 145 ? 0.973   -0.285  5.937   1.00 34.83 ? 145 ILE A CA    1 
ATOM   926  C C     . ILE A 1 145 ? 0.941   1.217   6.142   1.00 34.21 ? 145 ILE A C     1 
ATOM   927  O O     . ILE A 1 145 ? 0.981   1.699   7.276   1.00 34.45 ? 145 ILE A O     1 
ATOM   928  C CB    . ILE A 1 145 ? -0.442  -0.876  6.257   1.00 35.00 ? 145 ILE A CB    1 
ATOM   929  C CG1   . ILE A 1 145 ? -0.455  -2.402  6.085   1.00 34.34 ? 145 ILE A CG1   1 
ATOM   930  C CG2   . ILE A 1 145 ? -1.535  -0.200  5.391   1.00 33.31 ? 145 ILE A CG2   1 
ATOM   931  C CD1   . ILE A 1 145 ? -1.663  -3.116  6.693   1.00 34.48 ? 145 ILE A CD1   1 
ATOM   932  N N     . VAL A 1 146 ? 0.889   1.963   5.047   1.00 32.90 ? 146 VAL A N     1 
ATOM   933  C CA    . VAL A 1 146 ? 0.520   3.367   5.122   1.00 31.96 ? 146 VAL A CA    1 
ATOM   934  C C     . VAL A 1 146 ? -0.914  3.482   4.604   1.00 31.50 ? 146 VAL A C     1 
ATOM   935  O O     . VAL A 1 146 ? -1.237  2.941   3.547   1.00 31.02 ? 146 VAL A O     1 
ATOM   936  C CB    . VAL A 1 146 ? 1.480   4.277   4.312   1.00 31.82 ? 146 VAL A CB    1 
ATOM   937  C CG1   . VAL A 1 146 ? 1.040   5.731   4.378   1.00 31.14 ? 146 VAL A CG1   1 
ATOM   938  C CG2   . VAL A 1 146 ? 2.912   4.136   4.822   1.00 32.26 ? 146 VAL A CG2   1 
ATOM   939  N N     . ILE A 1 147 ? -1.776  4.155   5.366   1.00 31.13 ? 147 ILE A N     1 
ATOM   940  C CA    . ILE A 1 147 ? -3.112  4.481   4.878   1.00 30.84 ? 147 ILE A CA    1 
ATOM   941  C C     . ILE A 1 147 ? -3.029  5.864   4.268   1.00 30.68 ? 147 ILE A C     1 
ATOM   942  O O     . ILE A 1 147 ? -2.725  6.840   4.961   1.00 30.50 ? 147 ILE A O     1 
ATOM   943  C CB    . ILE A 1 147 ? -4.206  4.473   5.992   1.00 31.14 ? 147 ILE A CB    1 
ATOM   944  C CG1   . ILE A 1 147 ? -4.241  3.142   6.758   1.00 31.51 ? 147 ILE A CG1   1 
ATOM   945  C CG2   . ILE A 1 147 ? -5.579  4.812   5.404   1.00 30.58 ? 147 ILE A CG2   1 
ATOM   946  C CD1   . ILE A 1 147 ? -4.731  1.945   5.976   1.00 32.13 ? 147 ILE A CD1   1 
ATOM   947  N N     . GLY A 1 148 ? -3.267  5.940   2.962   1.00 30.11 ? 148 GLY A N     1 
ATOM   948  C CA    . GLY A 1 148 ? -3.236  7.212   2.266   1.00 29.45 ? 148 GLY A CA    1 
ATOM   949  C C     . GLY A 1 148 ? -4.629  7.782   2.130   1.00 29.24 ? 148 GLY A C     1 
ATOM   950  O O     . GLY A 1 148 ? -5.520  7.130   1.585   1.00 29.30 ? 148 GLY A O     1 
ATOM   951  N N     . PHE A 1 149 ? -4.830  8.988   2.647   1.00 28.88 ? 149 PHE A N     1 
ATOM   952  C CA    . PHE A 1 149 ? -6.079  9.708   2.427   1.00 28.98 ? 149 PHE A CA    1 
ATOM   953  C C     . PHE A 1 149 ? -5.890  10.665  1.268   1.00 28.54 ? 149 PHE A C     1 
ATOM   954  O O     . PHE A 1 149 ? -5.217  11.686  1.389   1.00 28.64 ? 149 PHE A O     1 
ATOM   955  C CB    . PHE A 1 149 ? -6.547  10.418  3.697   1.00 29.52 ? 149 PHE A CB    1 
ATOM   956  C CG    . PHE A 1 149 ? -6.713  9.491   4.850   1.00 30.95 ? 149 PHE A CG    1 
ATOM   957  C CD1   . PHE A 1 149 ? -5.780  9.463   5.873   1.00 32.63 ? 149 PHE A CD1   1 
ATOM   958  C CD2   . PHE A 1 149 ? -7.774  8.591   4.882   1.00 31.05 ? 149 PHE A CD2   1 
ATOM   959  C CE1   . PHE A 1 149 ? -5.922  8.573   6.938   1.00 33.51 ? 149 PHE A CE1   1 
ATOM   960  C CE2   . PHE A 1 149 ? -7.921  7.705   5.940   1.00 31.80 ? 149 PHE A CE2   1 
ATOM   961  C CZ    . PHE A 1 149 ? -6.991  7.697   6.966   1.00 31.40 ? 149 PHE A CZ    1 
ATOM   962  N N     . ASN A 1 150 ? -6.468  10.293  0.132   1.00 27.84 ? 150 ASN A N     1 
ATOM   963  C CA    . ASN A 1 150 ? -6.276  11.013  -1.111  1.00 27.66 ? 150 ASN A CA    1 
ATOM   964  C C     . ASN A 1 150 ? -7.452  11.908  -1.474  1.00 27.41 ? 150 ASN A C     1 
ATOM   965  O O     . ASN A 1 150 ? -8.542  11.771  -0.924  1.00 27.17 ? 150 ASN A O     1 
ATOM   966  C CB    . ASN A 1 150 ? -5.996  10.026  -2.252  1.00 27.41 ? 150 ASN A CB    1 
ATOM   967  C CG    . ASN A 1 150 ? -5.347  10.684  -3.450  1.00 27.26 ? 150 ASN A CG    1 
ATOM   968  O OD1   . ASN A 1 150 ? -4.796  11.776  -3.343  1.00 25.95 ? 150 ASN A OD1   1 
ATOM   969  N ND2   . ASN A 1 150 ? -5.400  10.017  -4.599  1.00 25.33 ? 150 ASN A ND2   1 
ATOM   970  N N     . LYS A 1 151 ? -7.199  12.797  -2.433  1.00 27.96 ? 151 LYS A N     1 
ATOM   971  C CA    . LYS A 1 151 ? -8.159  13.762  -2.991  1.00 28.30 ? 151 LYS A CA    1 
ATOM   972  C C     . LYS A 1 151 ? -8.583  14.837  -1.986  1.00 29.22 ? 151 LYS A C     1 
ATOM   973  O O     . LYS A 1 151 ? -9.726  15.298  -2.003  1.00 28.46 ? 151 LYS A O     1 
ATOM   974  C CB    . LYS A 1 151 ? -9.367  13.069  -3.657  1.00 28.20 ? 151 LYS A CB    1 
ATOM   975  C CG    . LYS A 1 151 ? -8.985  11.969  -4.662  1.00 26.02 ? 151 LYS A CG    1 
ATOM   976  C CD    . LYS A 1 151 ? -10.085 11.734  -5.687  1.00 25.32 ? 151 LYS A CD    1 
ATOM   977  C CE    . LYS A 1 151 ? -9.779  10.512  -6.552  1.00 23.71 ? 151 LYS A CE    1 
ATOM   978  N NZ    . LYS A 1 151 ? -11.036 9.922   -7.118  1.00 25.21 ? 151 LYS A NZ    1 
ATOM   979  N N     . ILE A 1 152 ? -7.643  15.239  -1.128  1.00 30.58 ? 152 ILE A N     1 
ATOM   980  C CA    . ILE A 1 152 ? -7.886  16.289  -0.120  1.00 32.36 ? 152 ILE A CA    1 
ATOM   981  C C     . ILE A 1 152 ? -8.214  17.652  -0.746  1.00 33.56 ? 152 ILE A C     1 
ATOM   982  O O     . ILE A 1 152 ? -8.712  18.546  -0.061  1.00 33.38 ? 152 ILE A O     1 
ATOM   983  C CB    . ILE A 1 152 ? -6.695  16.452  0.867   1.00 32.30 ? 152 ILE A CB    1 
ATOM   984  C CG1   . ILE A 1 152 ? -5.429  16.868  0.105   1.00 32.70 ? 152 ILE A CG1   1 
ATOM   985  C CG2   . ILE A 1 152 ? -6.500  15.178  1.695   1.00 32.21 ? 152 ILE A CG2   1 
ATOM   986  C CD1   . ILE A 1 152 ? -4.255  17.223  0.967   1.00 32.62 ? 152 ILE A CD1   1 
ATOM   987  N N     . ASP A 1 153 ? -7.929  17.802  -2.041  1.00 35.27 ? 153 ASP A N     1 
ATOM   988  C CA    . ASP A 1 153 ? -8.343  18.981  -2.797  1.00 37.16 ? 153 ASP A CA    1 
ATOM   989  C C     . ASP A 1 153 ? -9.869  19.083  -2.885  1.00 38.76 ? 153 ASP A C     1 
ATOM   990  O O     . ASP A 1 153 ? -10.403 20.136  -3.219  1.00 39.01 ? 153 ASP A O     1 
ATOM   991  C CB    . ASP A 1 153 ? -7.729  18.979  -4.204  1.00 36.86 ? 153 ASP A CB    1 
ATOM   992  C CG    . ASP A 1 153 ? -8.138  17.762  -5.026  1.00 36.20 ? 153 ASP A CG    1 
ATOM   993  O OD1   . ASP A 1 153 ? -8.809  17.946  -6.059  1.00 35.53 ? 153 ASP A OD1   1 
ATOM   994  O OD2   . ASP A 1 153 ? -7.795  16.626  -4.637  1.00 33.95 ? 153 ASP A OD2   1 
ATOM   995  N N     . LYS A 1 154 ? -10.557 17.987  -2.580  1.00 40.96 ? 154 LYS A N     1 
ATOM   996  C CA    . LYS A 1 154 ? -12.017 17.943  -2.595  1.00 43.28 ? 154 LYS A CA    1 
ATOM   997  C C     . LYS A 1 154 ? -12.590 17.601  -1.220  1.00 44.89 ? 154 LYS A C     1 
ATOM   998  O O     . LYS A 1 154 ? -13.735 17.162  -1.122  1.00 45.32 ? 154 LYS A O     1 
ATOM   999  C CB    . LYS A 1 154 ? -12.520 16.923  -3.626  1.00 43.15 ? 154 LYS A CB    1 
ATOM   1000 C CG    . LYS A 1 154 ? -12.145 17.216  -5.071  1.00 43.88 ? 154 LYS A CG    1 
ATOM   1001 C CD    . LYS A 1 154 ? -13.020 18.284  -5.685  1.00 45.94 ? 154 LYS A CD    1 
ATOM   1002 C CE    . LYS A 1 154 ? -12.567 18.623  -7.095  1.00 47.44 ? 154 LYS A CE    1 
ATOM   1003 N NZ    . LYS A 1 154 ? -13.358 19.757  -7.642  1.00 48.06 ? 154 LYS A NZ    1 
ATOM   1004 N N     . CYS A 1 155 ? -11.796 17.803  -0.168  1.00 47.18 ? 155 CYS A N     1 
ATOM   1005 C CA    . CYS A 1 155 ? -12.211 17.479  1.207   1.00 48.58 ? 155 CYS A CA    1 
ATOM   1006 C C     . CYS A 1 155 ? -11.354 18.207  2.259   1.00 49.48 ? 155 CYS A C     1 
ATOM   1007 O O     . CYS A 1 155 ? -10.765 19.256  1.974   1.00 49.95 ? 155 CYS A O     1 
ATOM   1008 C CB    . CYS A 1 155 ? -12.180 15.957  1.428   1.00 48.63 ? 155 CYS A CB    1 
ATOM   1009 S SG    . CYS A 1 155 ? -13.340 15.339  2.682   1.00 48.82 ? 155 CYS A SG    1 
ATOM   1010 N N     . ASN A 1 156 ? -11.323 17.661  3.477   1.00 50.47 ? 156 ASN A N     1 
ATOM   1011 C CA    . ASN A 1 156 ? -10.494 18.162  4.584   1.00 51.13 ? 156 ASN A CA    1 
ATOM   1012 C C     . ASN A 1 156 ? -10.307 17.067  5.631   1.00 51.32 ? 156 ASN A C     1 
ATOM   1013 O O     . ASN A 1 156 ? -9.305  16.352  5.622   1.00 51.70 ? 156 ASN A O     1 
ATOM   1014 C CB    . ASN A 1 156 ? -11.109 19.424  5.219   1.00 51.62 ? 156 ASN A CB    1 
ATOM   1015 C CG    . ASN A 1 156 ? -10.517 19.761  6.597   1.00 52.52 ? 156 ASN A CG    1 
ATOM   1016 O OD1   . ASN A 1 156 ? -9.335  19.523  6.875   1.00 53.25 ? 156 ASN A OD1   1 
ATOM   1017 N ND2   . ASN A 1 156 ? -11.350 20.339  7.459   1.00 54.06 ? 156 ASN A ND2   1 
ATOM   1018 N N     . SER A 1 159 ? -14.405 18.985  7.449   1.00 54.96 ? 159 SER A N     1 
ATOM   1019 C CA    . SER A 1 159 ? -13.703 17.710  7.576   1.00 54.81 ? 159 SER A CA    1 
ATOM   1020 C C     . SER A 1 159 ? -14.674 16.526  7.633   1.00 54.82 ? 159 SER A C     1 
ATOM   1021 O O     . SER A 1 159 ? -15.828 16.637  7.210   1.00 54.89 ? 159 SER A O     1 
ATOM   1022 C CB    . SER A 1 159 ? -12.769 17.717  8.795   1.00 54.79 ? 159 SER A CB    1 
ATOM   1023 O OG    . SER A 1 159 ? -13.473 18.038  9.981   1.00 55.03 ? 159 SER A OG    1 
ATOM   1024 N N     . LEU A 1 160 ? -14.201 15.404  8.168   1.00 54.53 ? 160 LEU A N     1 
ATOM   1025 C CA    . LEU A 1 160 ? -14.920 14.133  8.091   1.00 54.35 ? 160 LEU A CA    1 
ATOM   1026 C C     . LEU A 1 160 ? -15.964 13.925  9.190   1.00 54.00 ? 160 LEU A C     1 
ATOM   1027 O O     . LEU A 1 160 ? -15.866 14.500  10.279  1.00 54.10 ? 160 LEU A O     1 
ATOM   1028 C CB    . LEU A 1 160 ? -13.923 12.967  8.080   1.00 54.39 ? 160 LEU A CB    1 
ATOM   1029 C CG    . LEU A 1 160 ? -13.278 12.497  6.764   1.00 54.54 ? 160 LEU A CG    1 
ATOM   1030 C CD1   . LEU A 1 160 ? -13.035 13.622  5.762   1.00 54.79 ? 160 LEU A CD1   1 
ATOM   1031 C CD2   . LEU A 1 160 ? -11.979 11.758  7.059   1.00 54.47 ? 160 LEU A CD2   1 
ATOM   1032 N N     . SER A 1 161 ? -16.962 13.100  8.877   1.00 53.52 ? 161 SER A N     1 
ATOM   1033 C CA    . SER A 1 161 ? -17.963 12.660  9.838   1.00 52.83 ? 161 SER A CA    1 
ATOM   1034 C C     . SER A 1 161 ? -17.290 11.943  11.000  1.00 52.44 ? 161 SER A C     1 
ATOM   1035 O O     . SER A 1 161 ? -16.272 11.263  10.825  1.00 52.25 ? 161 SER A O     1 
ATOM   1036 C CB    . SER A 1 161 ? -18.974 11.723  9.171   1.00 52.90 ? 161 SER A CB    1 
ATOM   1037 N N     . ILE A 1 162 ? -17.871 12.101  12.186  1.00 51.79 ? 162 ILE A N     1 
ATOM   1038 C CA    . ILE A 1 162 ? -17.332 11.509  13.407  1.00 51.17 ? 162 ILE A CA    1 
ATOM   1039 C C     . ILE A 1 162 ? -17.338 9.979   13.352  1.00 50.44 ? 162 ILE A C     1 
ATOM   1040 O O     . ILE A 1 162 ? -16.420 9.330   13.859  1.00 50.27 ? 162 ILE A O     1 
ATOM   1041 C CB    . ILE A 1 162 ? -18.058 12.046  14.673  1.00 51.30 ? 162 ILE A CB    1 
ATOM   1042 C CG1   . ILE A 1 162 ? -19.573 11.789  14.589  1.00 51.21 ? 162 ILE A CG1   1 
ATOM   1043 C CG2   . ILE A 1 162 ? -17.740 13.536  14.856  1.00 51.66 ? 162 ILE A CG2   1 
ATOM   1044 C CD1   . ILE A 1 162 ? -20.394 12.403  15.707  1.00 51.51 ? 162 ILE A CD1   1 
ATOM   1045 N N     . ASP A 1 163 ? -18.361 9.411   12.718  1.00 49.53 ? 163 ASP A N     1 
ATOM   1046 C CA    . ASP A 1 163 ? -18.376 7.977   12.450  1.00 48.76 ? 163 ASP A CA    1 
ATOM   1047 C C     . ASP A 1 163 ? -17.225 7.578   11.512  1.00 47.74 ? 163 ASP A C     1 
ATOM   1048 O O     . ASP A 1 163 ? -16.568 6.569   11.750  1.00 47.62 ? 163 ASP A O     1 
ATOM   1049 C CB    . ASP A 1 163 ? -19.737 7.529   11.915  1.00 49.00 ? 163 ASP A CB    1 
ATOM   1050 C CG    . ASP A 1 163 ? -20.773 7.347   13.024  1.00 50.38 ? 163 ASP A CG    1 
ATOM   1051 O OD1   . ASP A 1 163 ? -20.929 8.261   13.871  1.00 51.71 ? 163 ASP A OD1   1 
ATOM   1052 O OD2   . ASP A 1 163 ? -21.433 6.285   13.050  1.00 50.93 ? 163 ASP A OD2   1 
ATOM   1053 N N     . ASN A 1 164 ? -16.963 8.384   10.482  1.00 46.67 ? 164 ASN A N     1 
ATOM   1054 C CA    . ASN A 1 164 ? -15.812 8.161   9.591   1.00 45.74 ? 164 ASN A CA    1 
ATOM   1055 C C     . ASN A 1 164 ? -14.451 8.321   10.292  1.00 45.46 ? 164 ASN A C     1 
ATOM   1056 O O     . ASN A 1 164 ? -13.568 7.485   10.120  1.00 45.26 ? 164 ASN A O     1 
ATOM   1057 C CB    . ASN A 1 164 ? -15.900 9.043   8.337   1.00 45.45 ? 164 ASN A CB    1 
ATOM   1058 C CG    . ASN A 1 164 ? -16.955 8.554   7.342   1.00 45.05 ? 164 ASN A CG    1 
ATOM   1059 O OD1   . ASN A 1 164 ? -17.209 7.352   7.221   1.00 43.24 ? 164 ASN A OD1   1 
ATOM   1060 N ND2   . ASN A 1 164 ? -17.569 9.491   6.619   1.00 44.11 ? 164 ASN A ND2   1 
ATOM   1061 N N     . LYS A 1 165 ? -14.296 9.379   11.091  1.00 45.30 ? 165 LYS A N     1 
ATOM   1062 C CA    . LYS A 1 165 ? -13.082 9.587   11.893  1.00 45.22 ? 165 LYS A CA    1 
ATOM   1063 C C     . LYS A 1 165 ? -12.840 8.464   12.899  1.00 45.05 ? 165 LYS A C     1 
ATOM   1064 O O     . LYS A 1 165 ? -11.701 8.040   13.099  1.00 44.94 ? 165 LYS A O     1 
ATOM   1065 C CB    . LYS A 1 165 ? -13.123 10.930  12.624  1.00 45.33 ? 165 LYS A CB    1 
ATOM   1066 C CG    . LYS A 1 165 ? -12.631 12.093  11.796  1.00 46.00 ? 165 LYS A CG    1 
ATOM   1067 C CD    . LYS A 1 165 ? -12.705 13.394  12.563  1.00 46.99 ? 165 LYS A CD    1 
ATOM   1068 C CE    . LYS A 1 165 ? -12.068 14.523  11.770  1.00 48.22 ? 165 LYS A CE    1 
ATOM   1069 N NZ    . LYS A 1 165 ? -12.524 15.868  12.245  1.00 49.53 ? 165 LYS A NZ    1 
ATOM   1070 N N     . LEU A 1 166 ? -13.915 7.983   13.523  1.00 44.84 ? 166 LEU A N     1 
ATOM   1071 C CA    . LEU A 1 166 ? -13.810 6.895   14.495  1.00 44.79 ? 166 LEU A CA    1 
ATOM   1072 C C     . LEU A 1 166 ? -13.636 5.532   13.836  1.00 44.45 ? 166 LEU A C     1 
ATOM   1073 O O     . LEU A 1 166 ? -13.063 4.626   14.440  1.00 44.54 ? 166 LEU A O     1 
ATOM   1074 C CB    . LEU A 1 166 ? -14.997 6.902   15.463  1.00 44.91 ? 166 LEU A CB    1 
ATOM   1075 C CG    . LEU A 1 166 ? -14.863 7.913   16.610  1.00 45.44 ? 166 LEU A CG    1 
ATOM   1076 C CD1   . LEU A 1 166 ? -16.154 8.680   16.850  1.00 46.52 ? 166 LEU A CD1   1 
ATOM   1077 C CD2   . LEU A 1 166 ? -14.378 7.237   17.895  1.00 46.19 ? 166 LEU A CD2   1 
ATOM   1078 N N     . LEU A 1 167 ? -14.133 5.386   12.606  1.00 44.35 ? 167 LEU A N     1 
ATOM   1079 C CA    . LEU A 1 167 ? -13.861 4.192   11.789  1.00 44.22 ? 167 LEU A CA    1 
ATOM   1080 C C     . LEU A 1 167 ? -12.381 4.107   11.419  1.00 43.99 ? 167 LEU A C     1 
ATOM   1081 O O     . LEU A 1 167 ? -11.779 3.035   11.489  1.00 43.89 ? 167 LEU A O     1 
ATOM   1082 C CB    . LEU A 1 167 ? -14.709 4.185   10.513  1.00 44.17 ? 167 LEU A CB    1 
ATOM   1083 C CG    . LEU A 1 167 ? -16.149 3.678   10.600  1.00 44.74 ? 167 LEU A CG    1 
ATOM   1084 C CD1   . LEU A 1 167 ? -16.908 4.048   9.327   1.00 44.63 ? 167 LEU A CD1   1 
ATOM   1085 C CD2   . LEU A 1 167 ? -16.192 2.175   10.854  1.00 44.25 ? 167 LEU A CD2   1 
ATOM   1086 N N     . ILE A 1 168 ? -11.816 5.248   11.019  1.00 43.96 ? 168 ILE A N     1 
ATOM   1087 C CA    . ILE A 1 168 ? -10.379 5.387   10.754  1.00 44.06 ? 168 ILE A CA    1 
ATOM   1088 C C     . ILE A 1 168 ? -9.551  5.103   12.014  1.00 44.46 ? 168 ILE A C     1 
ATOM   1089 O O     . ILE A 1 168 ? -8.574  4.354   11.962  1.00 44.27 ? 168 ILE A O     1 
ATOM   1090 C CB    . ILE A 1 168 ? -10.037 6.791   10.164  1.00 43.97 ? 168 ILE A CB    1 
ATOM   1091 C CG1   . ILE A 1 168 ? -10.640 6.939   8.761   1.00 43.49 ? 168 ILE A CG1   1 
ATOM   1092 C CG2   . ILE A 1 168 ? -8.524  7.022   10.126  1.00 43.54 ? 168 ILE A CG2   1 
ATOM   1093 C CD1   . ILE A 1 168 ? -10.757 8.378   8.267   1.00 43.66 ? 168 ILE A CD1   1 
ATOM   1094 N N     . LYS A 1 169 ? -9.959  5.693   13.140  1.00 45.18 ? 169 LYS A N     1 
ATOM   1095 C CA    . LYS A 1 169 ? -9.313  5.443   14.434  1.00 45.77 ? 169 LYS A CA    1 
ATOM   1096 C C     . LYS A 1 169 ? -9.379  3.967   14.832  1.00 46.03 ? 169 LYS A C     1 
ATOM   1097 O O     . LYS A 1 169 ? -8.402  3.420   15.351  1.00 45.91 ? 169 LYS A O     1 
ATOM   1098 C CB    . LYS A 1 169 ? -9.922  6.318   15.533  1.00 45.88 ? 169 LYS A CB    1 
ATOM   1099 C CG    . LYS A 1 169 ? -9.298  6.100   16.909  1.00 46.58 ? 169 LYS A CG    1 
ATOM   1100 C CD    . LYS A 1 169 ? -9.635  7.230   17.873  1.00 47.05 ? 169 LYS A CD    1 
ATOM   1101 C CE    . LYS A 1 169 ? -9.653  6.749   19.320  1.00 47.72 ? 169 LYS A CE    1 
ATOM   1102 N NZ    . LYS A 1 169 ? -8.486  5.886   19.682  1.00 48.32 ? 169 LYS A NZ    1 
ATOM   1103 N N     . GLN A 1 170 ? -10.521 3.327   14.573  1.00 46.49 ? 170 GLN A N     1 
ATOM   1104 C CA    . GLN A 1 170 ? -10.685 1.894   14.847  1.00 47.11 ? 170 GLN A CA    1 
ATOM   1105 C C     . GLN A 1 170 ? -9.674  1.006   14.114  1.00 47.07 ? 170 GLN A C     1 
ATOM   1106 O O     . GLN A 1 170 ? -9.358  -0.092  14.581  1.00 47.26 ? 170 GLN A O     1 
ATOM   1107 C CB    . GLN A 1 170 ? -12.106 1.432   14.528  1.00 47.25 ? 170 GLN A CB    1 
ATOM   1108 C CG    . GLN A 1 170 ? -13.082 1.582   15.678  1.00 48.65 ? 170 GLN A CG    1 
ATOM   1109 C CD    . GLN A 1 170 ? -14.238 0.602   15.586  1.00 51.03 ? 170 GLN A CD    1 
ATOM   1110 O OE1   . GLN A 1 170 ? -14.615 0.164   14.493  1.00 52.28 ? 170 GLN A OE1   1 
ATOM   1111 N NE2   . GLN A 1 170 ? -14.808 0.249   16.737  1.00 51.51 ? 170 GLN A NE2   1 
ATOM   1112 N N     . ILE A 1 171 ? -9.174  1.479   12.974  1.00 47.17 ? 171 ILE A N     1 
ATOM   1113 C CA    . ILE A 1 171 ? -8.164  0.747   12.208  1.00 47.38 ? 171 ILE A CA    1 
ATOM   1114 C C     . ILE A 1 171 ? -6.916  0.488   13.059  1.00 47.71 ? 171 ILE A C     1 
ATOM   1115 O O     . ILE A 1 171 ? -6.342  -0.600  13.015  1.00 47.69 ? 171 ILE A O     1 
ATOM   1116 C CB    . ILE A 1 171 ? -7.810  1.473   10.875  1.00 47.27 ? 171 ILE A CB    1 
ATOM   1117 C CG1   . ILE A 1 171 ? -9.000  1.408   9.907   1.00 47.18 ? 171 ILE A CG1   1 
ATOM   1118 C CG2   . ILE A 1 171 ? -6.550  0.883   10.236  1.00 46.89 ? 171 ILE A CG2   1 
ATOM   1119 C CD1   . ILE A 1 171 ? -8.817  2.196   8.612   1.00 47.32 ? 171 ILE A CD1   1 
ATOM   1120 N N     . LEU A 1 172 ? -6.523  1.479   13.853  1.00 48.32 ? 172 LEU A N     1 
ATOM   1121 C CA    . LEU A 1 172 ? -5.364  1.352   14.742  1.00 49.03 ? 172 LEU A CA    1 
ATOM   1122 C C     . LEU A 1 172 ? -5.539  0.249   15.797  1.00 49.60 ? 172 LEU A C     1 
ATOM   1123 O O     . LEU A 1 172 ? -4.559  -0.358  16.234  1.00 49.68 ? 172 LEU A O     1 
ATOM   1124 C CB    . LEU A 1 172 ? -5.040  2.699   15.399  1.00 48.98 ? 172 LEU A CB    1 
ATOM   1125 C CG    . LEU A 1 172 ? -4.835  3.911   14.475  1.00 49.11 ? 172 LEU A CG    1 
ATOM   1126 C CD1   . LEU A 1 172 ? -4.746  5.195   15.286  1.00 49.38 ? 172 LEU A CD1   1 
ATOM   1127 C CD2   . LEU A 1 172 ? -3.604  3.756   13.579  1.00 49.44 ? 172 LEU A CD2   1 
ATOM   1128 N N     . ASP A 1 173 ? -6.789  -0.014  16.180  1.00 50.34 ? 173 ASP A N     1 
ATOM   1129 C CA    . ASP A 1 173 ? -7.112  -1.043  17.169  1.00 51.03 ? 173 ASP A CA    1 
ATOM   1130 C C     . ASP A 1 173 ? -7.287  -2.429  16.541  1.00 51.46 ? 173 ASP A C     1 
ATOM   1131 O O     . ASP A 1 173 ? -6.896  -3.443  17.127  1.00 51.90 ? 173 ASP A O     1 
ATOM   1132 C CB    . ASP A 1 173 ? -8.372  -0.651  17.952  1.00 51.20 ? 173 ASP A CB    1 
ATOM   1133 C CG    . ASP A 1 173 ? -8.156  0.569   18.842  1.00 51.28 ? 173 ASP A CG    1 
ATOM   1134 O OD1   . ASP A 1 173 ? -8.803  1.609   18.598  1.00 51.13 ? 173 ASP A OD1   1 
ATOM   1135 O OD2   . ASP A 1 173 ? -7.342  0.488   19.787  1.00 52.05 ? 173 ASP A OD2   1 
ATOM   1136 N N     . ASN A 1 174 ? -7.869  -2.467  15.349  1.00 51.85 ? 174 ASN A N     1 
ATOM   1137 C CA    . ASN A 1 174 ? -8.139  -3.722  14.645  1.00 52.11 ? 174 ASN A CA    1 
ATOM   1138 C C     . ASN A 1 174 ? -6.905  -4.348  13.998  1.00 52.04 ? 174 ASN A C     1 
ATOM   1139 O O     . ASN A 1 174 ? -6.890  -5.545  13.698  1.00 52.32 ? 174 ASN A O     1 
ATOM   1140 C CB    . ASN A 1 174 ? -9.222  -3.506  13.581  1.00 52.17 ? 174 ASN A CB    1 
ATOM   1141 C CG    . ASN A 1 174 ? -10.619 -3.463  14.169  1.00 52.77 ? 174 ASN A CG    1 
ATOM   1142 O OD1   . ASN A 1 174 ? -10.991 -4.314  14.978  1.00 54.28 ? 174 ASN A OD1   1 
ATOM   1143 N ND2   . ASN A 1 174 ? -11.408 -2.478  13.753  1.00 53.15 ? 174 ASN A ND2   1 
ATOM   1144 N N     . VAL A 1 175 ? -5.870  -3.537  13.796  1.00 51.76 ? 175 VAL A N     1 
ATOM   1145 C CA    . VAL A 1 175 ? -4.720  -3.932  12.985  1.00 51.44 ? 175 VAL A CA    1 
ATOM   1146 C C     . VAL A 1 175 ? -3.479  -4.221  13.831  1.00 51.05 ? 175 VAL A C     1 
ATOM   1147 O O     . VAL A 1 175 ? -3.072  -3.402  14.658  1.00 50.90 ? 175 VAL A O     1 
ATOM   1148 C CB    . VAL A 1 175 ? -4.434  -2.863  11.886  1.00 51.45 ? 175 VAL A CB    1 
ATOM   1149 C CG1   . VAL A 1 175 ? -3.060  -3.022  11.289  1.00 51.78 ? 175 VAL A CG1   1 
ATOM   1150 C CG2   . VAL A 1 175 ? -5.493  -2.934  10.791  1.00 51.82 ? 175 VAL A CG2   1 
ATOM   1151 N N     . LYS A 1 176 ? -2.896  -5.400  13.612  1.00 50.50 ? 176 LYS A N     1 
ATOM   1152 C CA    . LYS A 1 176 ? -1.650  -5.800  14.270  1.00 49.99 ? 176 LYS A CA    1 
ATOM   1153 C C     . LYS A 1 176 ? -0.429  -5.237  13.540  1.00 49.62 ? 176 LYS A C     1 
ATOM   1154 O O     . LYS A 1 176 ? 0.618   -5.012  14.155  1.00 49.68 ? 176 LYS A O     1 
ATOM   1155 C CB    . LYS A 1 176 ? -1.558  -7.327  14.390  1.00 50.00 ? 176 LYS A CB    1 
ATOM   1156 C CG    . LYS A 1 176 ? -2.805  -7.969  14.989  1.00 50.46 ? 176 LYS A CG    1 
ATOM   1157 C CD    . LYS A 1 176 ? -2.479  -9.198  15.819  1.00 51.80 ? 176 LYS A CD    1 
ATOM   1158 C CE    . LYS A 1 176 ? -3.694  -9.636  16.628  1.00 52.39 ? 176 LYS A CE    1 
ATOM   1159 N NZ    . LYS A 1 176 ? -3.314  -10.544 17.742  1.00 53.25 ? 176 LYS A NZ    1 
ATOM   1160 N N     . ASN A 1 177 ? -0.577  -5.014  12.231  1.00 48.85 ? 177 ASN A N     1 
ATOM   1161 C CA    . ASN A 1 177 ? 0.455   -4.382  11.408  1.00 47.99 ? 177 ASN A CA    1 
ATOM   1162 C C     . ASN A 1 177 ? 0.819   -2.996  11.940  1.00 47.20 ? 177 ASN A C     1 
ATOM   1163 O O     . ASN A 1 177 ? -0.056  -2.270  12.417  1.00 47.30 ? 177 ASN A O     1 
ATOM   1164 C CB    . ASN A 1 177 ? -0.014  -4.235  9.950   1.00 47.94 ? 177 ASN A CB    1 
ATOM   1165 C CG    . ASN A 1 177 ? -0.750  -5.463  9.428   1.00 48.18 ? 177 ASN A CG    1 
ATOM   1166 O OD1   . ASN A 1 177 ? -1.890  -5.734  9.812   1.00 48.56 ? 177 ASN A OD1   1 
ATOM   1167 N ND2   . ASN A 1 177 ? -0.111  -6.190  8.520   1.00 48.37 ? 177 ASN A ND2   1 
ATOM   1168 N N     . PRO A 1 178 ? 2.112   -2.628  11.886  1.00 46.50 ? 178 PRO A N     1 
ATOM   1169 C CA    . PRO A 1 178 ? 2.474   -1.228  12.117  1.00 45.72 ? 178 PRO A CA    1 
ATOM   1170 C C     . PRO A 1 178 ? 1.908   -0.333  11.003  1.00 44.99 ? 178 PRO A C     1 
ATOM   1171 O O     . PRO A 1 178 ? 2.068   -0.636  9.819   1.00 44.73 ? 178 PRO A O     1 
ATOM   1172 C CB    . PRO A 1 178 ? 4.007   -1.244  12.105  1.00 45.91 ? 178 PRO A CB    1 
ATOM   1173 C CG    . PRO A 1 178 ? 4.386   -2.491  11.412  1.00 46.12 ? 178 PRO A CG    1 
ATOM   1174 C CD    . PRO A 1 178 ? 3.289   -3.479  11.646  1.00 46.58 ? 178 PRO A CD    1 
ATOM   1175 N N     . ILE A 1 179 ? 1.229   0.743   11.396  1.00 44.07 ? 179 ILE A N     1 
ATOM   1176 C CA    . ILE A 1 179 ? 0.467   1.568   10.467  1.00 43.19 ? 179 ILE A CA    1 
ATOM   1177 C C     . ILE A 1 179 ? 0.749   3.052   10.646  1.00 42.58 ? 179 ILE A C     1 
ATOM   1178 O O     . ILE A 1 179 ? 0.806   3.542   11.774  1.00 42.75 ? 179 ILE A O     1 
ATOM   1179 C CB    . ILE A 1 179 ? -1.068  1.289   10.591  1.00 43.35 ? 179 ILE A CB    1 
ATOM   1180 C CG1   . ILE A 1 179 ? -1.460  0.100   9.714   1.00 43.19 ? 179 ILE A CG1   1 
ATOM   1181 C CG2   . ILE A 1 179 ? -1.911  2.519   10.212  1.00 43.12 ? 179 ILE A CG2   1 
ATOM   1182 C CD1   . ILE A 1 179 ? -2.929  0.071   9.327   1.00 43.14 ? 179 ILE A CD1   1 
ATOM   1183 N N     . LYS A 1 180 ? 0.921   3.758   9.527   1.00 41.45 ? 180 LYS A N     1 
ATOM   1184 C CA    . LYS A 1 180 ? 0.981   5.221   9.530   1.00 40.42 ? 180 LYS A CA    1 
ATOM   1185 C C     . LYS A 1 180 ? -0.082  5.823   8.607   1.00 39.44 ? 180 LYS A C     1 
ATOM   1186 O O     . LYS A 1 180 ? -0.581  5.149   7.703   1.00 39.02 ? 180 LYS A O     1 
ATOM   1187 C CB    . LYS A 1 180 ? 2.381   5.723   9.135   1.00 40.78 ? 180 LYS A CB    1 
ATOM   1188 C CG    . LYS A 1 180 ? 3.518   5.317   10.079  1.00 41.94 ? 180 LYS A CG    1 
ATOM   1189 C CD    . LYS A 1 180 ? 3.262   5.757   11.524  1.00 44.21 ? 180 LYS A CD    1 
ATOM   1190 C CE    . LYS A 1 180 ? 4.085   4.935   12.516  1.00 45.71 ? 180 LYS A CE    1 
ATOM   1191 N NZ    . LYS A 1 180 ? 3.711   5.203   13.951  1.00 46.89 ? 180 LYS A NZ    1 
ATOM   1192 N N     . PHE A 1 181 ? -0.426  7.087   8.847   1.00 38.18 ? 181 PHE A N     1 
ATOM   1193 C CA    . PHE A 1 181 ? -1.384  7.802   8.007   1.00 37.67 ? 181 PHE A CA    1 
ATOM   1194 C C     . PHE A 1 181 ? -0.666  8.855   7.177   1.00 36.71 ? 181 PHE A C     1 
ATOM   1195 O O     . PHE A 1 181 ? 0.338   9.412   7.620   1.00 36.58 ? 181 PHE A O     1 
ATOM   1196 C CB    . PHE A 1 181 ? -2.482  8.470   8.852   1.00 37.71 ? 181 PHE A CB    1 
ATOM   1197 C CG    . PHE A 1 181 ? -3.413  7.502   9.553   1.00 38.17 ? 181 PHE A CG    1 
ATOM   1198 C CD1   . PHE A 1 181 ? -3.691  6.249   9.018   1.00 38.12 ? 181 PHE A CD1   1 
ATOM   1199 C CD2   . PHE A 1 181 ? -4.058  7.875   10.729  1.00 38.80 ? 181 PHE A CD2   1 
ATOM   1200 C CE1   . PHE A 1 181 ? -4.557  5.368   9.660   1.00 38.13 ? 181 PHE A CE1   1 
ATOM   1201 C CE2   . PHE A 1 181 ? -4.934  7.001   11.374  1.00 38.74 ? 181 PHE A CE2   1 
ATOM   1202 C CZ    . PHE A 1 181 ? -5.181  5.743   10.837  1.00 38.31 ? 181 PHE A CZ    1 
ATOM   1203 N N     . SER A 1 182 ? -1.173  9.108   5.969   1.00 35.54 ? 182 SER A N     1 
ATOM   1204 C CA    . SER A 1 182 ? -0.663  10.167  5.093   1.00 34.52 ? 182 SER A CA    1 
ATOM   1205 C C     . SER A 1 182 ? -1.815  10.765  4.300   1.00 33.70 ? 182 SER A C     1 
ATOM   1206 O O     . SER A 1 182 ? -2.597  10.032  3.711   1.00 33.77 ? 182 SER A O     1 
ATOM   1207 C CB    . SER A 1 182 ? 0.374   9.625   4.105   1.00 34.64 ? 182 SER A CB    1 
ATOM   1208 O OG    . SER A 1 182 ? 1.648   9.452   4.699   1.00 35.74 ? 182 SER A OG    1 
ATOM   1209 N N     . SER A 1 183 ? -1.911  12.088  4.278   1.00 32.66 ? 183 SER A N     1 
ATOM   1210 C CA    . SER A 1 183 ? -2.925  12.777  3.480   1.00 32.13 ? 183 SER A CA    1 
ATOM   1211 C C     . SER A 1 183 ? -2.282  13.491  2.299   1.00 31.32 ? 183 SER A C     1 
ATOM   1212 O O     . SER A 1 183 ? -1.207  14.079  2.433   1.00 31.00 ? 183 SER A O     1 
ATOM   1213 C CB    . SER A 1 183 ? -3.709  13.772  4.340   1.00 32.13 ? 183 SER A CB    1 
ATOM   1214 O OG    . SER A 1 183 ? -4.312  13.108  5.437   1.00 33.47 ? 183 SER A OG    1 
ATOM   1215 N N     . PHE A 1 184 ? -2.945  13.442  1.144   1.00 30.24 ? 184 PHE A N     1 
ATOM   1216 C CA    . PHE A 1 184 ? -2.401  14.039  -0.071  1.00 29.10 ? 184 PHE A CA    1 
ATOM   1217 C C     . PHE A 1 184 ? -3.429  14.237  -1.172  1.00 29.08 ? 184 PHE A C     1 
ATOM   1218 O O     . PHE A 1 184 ? -4.588  13.815  -1.065  1.00 28.86 ? 184 PHE A O     1 
ATOM   1219 C CB    . PHE A 1 184 ? -1.209  13.224  -0.616  1.00 28.81 ? 184 PHE A CB    1 
ATOM   1220 C CG    . PHE A 1 184 ? -1.480  11.747  -0.760  1.00 27.82 ? 184 PHE A CG    1 
ATOM   1221 C CD1   . PHE A 1 184 ? -2.051  11.237  -1.935  1.00 26.02 ? 184 PHE A CD1   1 
ATOM   1222 C CD2   . PHE A 1 184 ? -1.152  10.865  0.266   1.00 26.42 ? 184 PHE A CD2   1 
ATOM   1223 C CE1   . PHE A 1 184 ? -2.305  9.874   -2.074  1.00 24.71 ? 184 PHE A CE1   1 
ATOM   1224 C CE2   . PHE A 1 184 ? -1.399  9.491   0.138   1.00 27.30 ? 184 PHE A CE2   1 
ATOM   1225 C CZ    . PHE A 1 184 ? -1.978  8.995   -1.041  1.00 25.91 ? 184 PHE A CZ    1 
ATOM   1226 N N     . SER A 1 185 ? -2.987  14.902  -2.228  1.00 28.42 ? 185 SER A N     1 
ATOM   1227 C CA    . SER A 1 185 ? -3.776  15.044  -3.426  1.00 28.56 ? 185 SER A CA    1 
ATOM   1228 C C     . SER A 1 185 ? -2.915  14.697  -4.624  1.00 28.48 ? 185 SER A C     1 
ATOM   1229 O O     . SER A 1 185 ? -1.962  15.407  -4.925  1.00 27.81 ? 185 SER A O     1 
ATOM   1230 C CB    . SER A 1 185 ? -4.304  16.472  -3.559  1.00 28.39 ? 185 SER A CB    1 
ATOM   1231 O OG    . SER A 1 185 ? -4.801  16.687  -4.872  1.00 28.89 ? 185 SER A OG    1 
ATOM   1232 N N     . THR A 1 186 ? -3.256  13.607  -5.310  1.00 28.45 ? 186 THR A N     1 
ATOM   1233 C CA    . THR A 1 186 ? -2.572  13.262  -6.547  1.00 28.63 ? 186 THR A CA    1 
ATOM   1234 C C     . THR A 1 186 ? -3.016  14.154  -7.727  1.00 29.37 ? 186 THR A C     1 
ATOM   1235 O O     . THR A 1 186 ? -2.474  14.051  -8.829  1.00 29.56 ? 186 THR A O     1 
ATOM   1236 C CB    . THR A 1 186 ? -2.660  11.729  -6.892  1.00 28.21 ? 186 THR A CB    1 
ATOM   1237 O OG1   . THR A 1 186 ? -4.007  11.261  -6.769  1.00 27.76 ? 186 THR A OG1   1 
ATOM   1238 C CG2   . THR A 1 186 ? -1.778  10.909  -5.960  1.00 27.59 ? 186 THR A CG2   1 
ATOM   1239 N N     . LEU A 1 187 ? -3.992  15.033  -7.501  1.00 29.99 ? 187 LEU A N     1 
ATOM   1240 C CA    . LEU A 1 187 ? -4.344  16.028  -8.518  1.00 30.47 ? 187 LEU A CA    1 
ATOM   1241 C C     . LEU A 1 187 ? -3.525  17.314  -8.369  1.00 30.92 ? 187 LEU A C     1 
ATOM   1242 O O     . LEU A 1 187 ? -3.110  17.900  -9.362  1.00 31.22 ? 187 LEU A O     1 
ATOM   1243 C CB    . LEU A 1 187 ? -5.853  16.333  -8.542  1.00 30.64 ? 187 LEU A CB    1 
ATOM   1244 C CG    . LEU A 1 187 ? -6.408  17.104  -9.757  1.00 30.63 ? 187 LEU A CG    1 
ATOM   1245 C CD1   . LEU A 1 187 ? -6.192  16.357  -11.089 1.00 31.12 ? 187 LEU A CD1   1 
ATOM   1246 C CD2   . LEU A 1 187 ? -7.888  17.407  -9.566  1.00 30.30 ? 187 LEU A CD2   1 
ATOM   1247 N N     . THR A 1 188 ? -3.283  17.755  -7.139  1.00 31.41 ? 188 THR A N     1 
ATOM   1248 C CA    . THR A 1 188 ? -2.517  18.995  -6.939  1.00 31.62 ? 188 THR A CA    1 
ATOM   1249 C C     . THR A 1 188 ? -1.050  18.772  -6.592  1.00 31.90 ? 188 THR A C     1 
ATOM   1250 O O     . THR A 1 188 ? -0.255  19.714  -6.670  1.00 32.25 ? 188 THR A O     1 
ATOM   1251 C CB    . THR A 1 188 ? -3.133  19.902  -5.859  1.00 31.49 ? 188 THR A CB    1 
ATOM   1252 O OG1   . THR A 1 188 ? -3.107  19.220  -4.601  1.00 31.08 ? 188 THR A OG1   1 
ATOM   1253 C CG2   . THR A 1 188 ? -4.564  20.286  -6.226  1.00 31.90 ? 188 THR A CG2   1 
ATOM   1254 N N     . GLY A 1 189 ? -0.703  17.549  -6.188  1.00 31.94 ? 189 GLY A N     1 
ATOM   1255 C CA    . GLY A 1 189 ? 0.673   17.203  -5.800  1.00 32.24 ? 189 GLY A CA    1 
ATOM   1256 C C     . GLY A 1 189 ? 0.997   17.371  -4.322  1.00 32.82 ? 189 GLY A C     1 
ATOM   1257 O O     . GLY A 1 189 ? 1.981   16.812  -3.825  1.00 32.92 ? 189 GLY A O     1 
ATOM   1258 N N     . VAL A 1 190 ? 0.175   18.145  -3.617  1.00 33.00 ? 190 VAL A N     1 
ATOM   1259 C CA    . VAL A 1 190 ? 0.407   18.461  -2.204  1.00 33.12 ? 190 VAL A CA    1 
ATOM   1260 C C     . VAL A 1 190 ? 0.409   17.202  -1.332  1.00 32.96 ? 190 VAL A C     1 
ATOM   1261 O O     . VAL A 1 190 ? -0.539  16.420  -1.367  1.00 32.95 ? 190 VAL A O     1 
ATOM   1262 C CB    . VAL A 1 190 ? -0.643  19.478  -1.680  1.00 33.21 ? 190 VAL A CB    1 
ATOM   1263 C CG1   . VAL A 1 190 ? -0.453  19.756  -0.204  1.00 34.12 ? 190 VAL A CG1   1 
ATOM   1264 C CG2   . VAL A 1 190 ? -0.581  20.778  -2.481  1.00 34.29 ? 190 VAL A CG2   1 
ATOM   1265 N N     . GLY A 1 191 ? 1.476   17.020  -0.552  1.00 32.71 ? 191 GLY A N     1 
ATOM   1266 C CA    . GLY A 1 191 ? 1.619   15.868  0.342   1.00 32.41 ? 191 GLY A CA    1 
ATOM   1267 C C     . GLY A 1 191 ? 2.053   14.546  -0.279  1.00 32.41 ? 191 GLY A C     1 
ATOM   1268 O O     . GLY A 1 191 ? 2.303   13.578  0.437   1.00 32.08 ? 191 GLY A O     1 
ATOM   1269 N N     . VAL A 1 192 ? 2.133   14.494  -1.609  1.00 32.65 ? 192 VAL A N     1 
ATOM   1270 C CA    . VAL A 1 192 ? 2.441   13.241  -2.312  1.00 32.94 ? 192 VAL A CA    1 
ATOM   1271 C C     . VAL A 1 192 ? 3.855   12.724  -2.009  1.00 33.34 ? 192 VAL A C     1 
ATOM   1272 O O     . VAL A 1 192 ? 4.039   11.556  -1.663  1.00 33.20 ? 192 VAL A O     1 
ATOM   1273 C CB    . VAL A 1 192 ? 2.211   13.364  -3.840  1.00 32.87 ? 192 VAL A CB    1 
ATOM   1274 C CG1   . VAL A 1 192 ? 2.805   12.163  -4.577  1.00 32.79 ? 192 VAL A CG1   1 
ATOM   1275 C CG2   . VAL A 1 192 ? 0.723   13.486  -4.146  1.00 32.08 ? 192 VAL A CG2   1 
ATOM   1276 N N     . GLU A 1 193 ? 4.845   13.600  -2.138  1.00 34.03 ? 193 GLU A N     1 
ATOM   1277 C CA    . GLU A 1 193 ? 6.226   13.239  -1.826  1.00 34.98 ? 193 GLU A CA    1 
ATOM   1278 C C     . GLU A 1 193 ? 6.401   12.861  -0.357  1.00 34.82 ? 193 GLU A C     1 
ATOM   1279 O O     . GLU A 1 193 ? 7.094   11.893  -0.041  1.00 34.98 ? 193 GLU A O     1 
ATOM   1280 C CB    . GLU A 1 193 ? 7.190   14.351  -2.253  1.00 35.40 ? 193 GLU A CB    1 
ATOM   1281 C CG    . GLU A 1 193 ? 7.338   14.472  -3.782  1.00 37.73 ? 193 GLU A CG    1 
ATOM   1282 C CD    . GLU A 1 193 ? 7.976   13.235  -4.424  1.00 40.93 ? 193 GLU A CD    1 
ATOM   1283 O OE1   . GLU A 1 193 ? 8.882   12.645  -3.791  1.00 42.49 ? 193 GLU A OE1   1 
ATOM   1284 O OE2   . GLU A 1 193 ? 7.575   12.859  -5.559  1.00 41.42 ? 193 GLU A OE2   1 
ATOM   1285 N N     . GLN A 1 194 ? 5.738   13.599  0.532   1.00 34.84 ? 194 GLN A N     1 
ATOM   1286 C CA    . GLN A 1 194 ? 5.704   13.248  1.958   1.00 34.70 ? 194 GLN A CA    1 
ATOM   1287 C C     . GLN A 1 194 ? 5.169   11.834  2.214   1.00 34.13 ? 194 GLN A C     1 
ATOM   1288 O O     . GLN A 1 194 ? 5.743   11.089  3.005   1.00 34.05 ? 194 GLN A O     1 
ATOM   1289 C CB    . GLN A 1 194 ? 4.878   14.270  2.757   1.00 35.06 ? 194 GLN A CB    1 
ATOM   1290 C CG    . GLN A 1 194 ? 5.589   15.593  3.022   1.00 36.94 ? 194 GLN A CG    1 
ATOM   1291 C CD    . GLN A 1 194 ? 6.907   15.431  3.794   1.00 39.17 ? 194 GLN A CD    1 
ATOM   1292 O OE1   . GLN A 1 194 ? 7.887   16.125  3.510   1.00 40.25 ? 194 GLN A OE1   1 
ATOM   1293 N NE2   . GLN A 1 194 ? 6.937   14.504  4.755   1.00 38.77 ? 194 GLN A NE2   1 
ATOM   1294 N N     . ALA A 1 195 ? 4.067   11.482  1.549   1.00 33.77 ? 195 ALA A N     1 
ATOM   1295 C CA    . ALA A 1 195 ? 3.481   10.140  1.634   1.00 33.34 ? 195 ALA A CA    1 
ATOM   1296 C C     . ALA A 1 195 ? 4.461   9.051   1.175   1.00 33.35 ? 195 ALA A C     1 
ATOM   1297 O O     . ALA A 1 195 ? 4.562   7.985   1.791   1.00 33.06 ? 195 ALA A O     1 
ATOM   1298 C CB    . ALA A 1 195 ? 2.205   10.078  0.820   1.00 33.18 ? 195 ALA A CB    1 
ATOM   1299 N N     . LYS A 1 196 ? 5.174   9.337   0.090   1.00 33.53 ? 196 LYS A N     1 
ATOM   1300 C CA    . LYS A 1 196 ? 6.194   8.440   -0.447  1.00 34.38 ? 196 LYS A CA    1 
ATOM   1301 C C     . LYS A 1 196 ? 7.333   8.233   0.559   1.00 34.61 ? 196 LYS A C     1 
ATOM   1302 O O     . LYS A 1 196 ? 7.792   7.112   0.769   1.00 34.94 ? 196 LYS A O     1 
ATOM   1303 C CB    . LYS A 1 196 ? 6.731   8.999   -1.764  1.00 34.16 ? 196 LYS A CB    1 
ATOM   1304 C CG    . LYS A 1 196 ? 7.695   8.076   -2.495  1.00 35.30 ? 196 LYS A CG    1 
ATOM   1305 C CD    . LYS A 1 196 ? 8.504   8.843   -3.533  1.00 37.21 ? 196 LYS A CD    1 
ATOM   1306 C CE    . LYS A 1 196 ? 9.608   9.677   -2.898  1.00 38.66 ? 196 LYS A CE    1 
ATOM   1307 N NZ    . LYS A 1 196 ? 10.423  8.854   -1.965  1.00 40.82 ? 196 LYS A NZ    1 
ATOM   1308 N N     . ILE A 1 197 ? 7.761   9.321   1.193   1.00 35.34 ? 197 ILE A N     1 
ATOM   1309 C CA    . ILE A 1 197 ? 8.807   9.282   2.227   1.00 35.77 ? 197 ILE A CA    1 
ATOM   1310 C C     . ILE A 1 197 ? 8.419   8.431   3.447   1.00 35.90 ? 197 ILE A C     1 
ATOM   1311 O O     . ILE A 1 197 ? 9.200   7.590   3.890   1.00 35.86 ? 197 ILE A O     1 
ATOM   1312 C CB    . ILE A 1 197 ? 9.242   10.721  2.634   1.00 35.91 ? 197 ILE A CB    1 
ATOM   1313 C CG1   . ILE A 1 197 ? 9.914   11.415  1.436   1.00 36.20 ? 197 ILE A CG1   1 
ATOM   1314 C CG2   . ILE A 1 197 ? 10.180  10.691  3.836   1.00 36.38 ? 197 ILE A CG2   1 
ATOM   1315 C CD1   . ILE A 1 197 ? 9.949   12.928  1.493   1.00 36.99 ? 197 ILE A CD1   1 
ATOM   1316 N N     . THR A 1 198 ? 7.214   8.623   3.982   1.00 36.44 ? 198 THR A N     1 
ATOM   1317 C CA    . THR A 1 198 ? 6.788   7.818   5.141   1.00 36.76 ? 198 THR A CA    1 
ATOM   1318 C C     . THR A 1 198 ? 6.630   6.317   4.837   1.00 37.00 ? 198 THR A C     1 
ATOM   1319 O O     . THR A 1 198 ? 6.923   5.482   5.697   1.00 36.80 ? 198 THR A O     1 
ATOM   1320 C CB    . THR A 1 198 ? 5.562   8.410   5.919   1.00 36.84 ? 198 THR A CB    1 
ATOM   1321 O OG1   . THR A 1 198 ? 4.598   7.380   6.176   1.00 38.05 ? 198 THR A OG1   1 
ATOM   1322 C CG2   . THR A 1 198 ? 4.905   9.526   5.165   1.00 36.60 ? 198 THR A CG2   1 
ATOM   1323 N N     . ALA A 1 199 ? 6.191   5.982   3.621   1.00 37.52 ? 199 ALA A N     1 
ATOM   1324 C CA    . ALA A 1 199 ? 6.164   4.583   3.168   1.00 37.70 ? 199 ALA A CA    1 
ATOM   1325 C C     . ALA A 1 199 ? 7.559   3.951   3.221   1.00 38.04 ? 199 ALA A C     1 
ATOM   1326 O O     . ALA A 1 199 ? 7.751   2.903   3.841   1.00 38.25 ? 199 ALA A O     1 
ATOM   1327 C CB    . ALA A 1 199 ? 5.574   4.474   1.763   1.00 37.61 ? 199 ALA A CB    1 
ATOM   1328 N N     . CYS A 1 200 ? 8.526   4.603   2.587   1.00 38.62 ? 200 CYS A N     1 
ATOM   1329 C CA    . CYS A 1 200 ? 9.903   4.115   2.547   1.00 39.47 ? 200 CYS A CA    1 
ATOM   1330 C C     . CYS A 1 200 ? 10.485  3.869   3.940   1.00 39.83 ? 200 CYS A C     1 
ATOM   1331 O O     . CYS A 1 200 ? 10.993  2.784   4.210   1.00 40.06 ? 200 CYS A O     1 
ATOM   1332 C CB    . CYS A 1 200 ? 10.784  5.077   1.749   1.00 39.35 ? 200 CYS A CB    1 
ATOM   1333 S SG    . CYS A 1 200 ? 10.335  5.155   -0.004  1.00 40.32 ? 200 CYS A SG    1 
ATOM   1334 N N     . GLU A 1 201 ? 10.382  4.864   4.819   1.00 40.32 ? 201 GLU A N     1 
ATOM   1335 C CA    . GLU A 1 201 ? 10.887  4.740   6.188   1.00 40.93 ? 201 GLU A CA    1 
ATOM   1336 C C     . GLU A 1 201 ? 10.158  3.691   7.038   1.00 40.78 ? 201 GLU A C     1 
ATOM   1337 O O     . GLU A 1 201 ? 10.783  3.058   7.887   1.00 40.48 ? 201 GLU A O     1 
ATOM   1338 C CB    . GLU A 1 201 ? 10.938  6.105   6.889   1.00 41.25 ? 201 GLU A CB    1 
ATOM   1339 C CG    . GLU A 1 201 ? 12.374  6.651   7.119   1.00 43.67 ? 201 GLU A CG    1 
ATOM   1340 C CD    . GLU A 1 201 ? 13.075  7.130   5.843   1.00 46.00 ? 201 GLU A CD    1 
ATOM   1341 O OE1   . GLU A 1 201 ? 13.034  8.350   5.562   1.00 47.65 ? 201 GLU A OE1   1 
ATOM   1342 O OE2   . GLU A 1 201 ? 13.670  6.294   5.123   1.00 47.01 ? 201 GLU A OE2   1 
ATOM   1343 N N     . LEU A 1 202 ? 8.855   3.496   6.804   1.00 40.52 ? 202 LEU A N     1 
ATOM   1344 C CA    . LEU A 1 202 ? 8.124   2.398   7.445   1.00 40.74 ? 202 LEU A CA    1 
ATOM   1345 C C     . LEU A 1 202 ? 8.701   1.050   7.028   1.00 40.83 ? 202 LEU A C     1 
ATOM   1346 O O     . LEU A 1 202 ? 8.772   0.120   7.836   1.00 40.16 ? 202 LEU A O     1 
ATOM   1347 C CB    . LEU A 1 202 ? 6.626   2.432   7.117   1.00 40.70 ? 202 LEU A CB    1 
ATOM   1348 C CG    . LEU A 1 202 ? 5.589   2.770   8.195   1.00 41.70 ? 202 LEU A CG    1 
ATOM   1349 C CD1   . LEU A 1 202 ? 4.228   2.239   7.753   1.00 42.27 ? 202 LEU A CD1   1 
ATOM   1350 C CD2   . LEU A 1 202 ? 5.935   2.210   9.580   1.00 41.35 ? 202 LEU A CD2   1 
ATOM   1351 N N     . LEU A 1 203 ? 9.108   0.960   5.762   1.00 41.17 ? 203 LEU A N     1 
ATOM   1352 C CA    . LEU A 1 203 ? 9.756   -0.234  5.229   1.00 42.01 ? 203 LEU A CA    1 
ATOM   1353 C C     . LEU A 1 203 ? 11.089  -0.474  5.934   1.00 42.52 ? 203 LEU A C     1 
ATOM   1354 O O     . LEU A 1 203 ? 11.353  -1.580  6.411   1.00 42.53 ? 203 LEU A O     1 
ATOM   1355 C CB    . LEU A 1 203 ? 9.991   -0.094  3.717   1.00 41.87 ? 203 LEU A CB    1 
ATOM   1356 C CG    . LEU A 1 203 ? 9.767   -1.291  2.778   1.00 41.66 ? 203 LEU A CG    1 
ATOM   1357 C CD1   . LEU A 1 203 ? 10.595  -1.126  1.513   1.00 40.29 ? 203 LEU A CD1   1 
ATOM   1358 C CD2   . LEU A 1 203 ? 10.036  -2.639  3.428   1.00 40.53 ? 203 LEU A CD2   1 
ATOM   1359 N N     . LYS A 1 204 ? 11.917  0.571   6.001   1.00 43.44 ? 204 LYS A N     1 
ATOM   1360 C CA    . LYS A 1 204 ? 13.216  0.494   6.678   1.00 44.30 ? 204 LYS A CA    1 
ATOM   1361 C C     . LYS A 1 204 ? 13.037  -0.067  8.084   1.00 44.77 ? 204 LYS A C     1 
ATOM   1362 O O     . LYS A 1 204 ? 13.632  -1.086  8.430   1.00 44.80 ? 204 LYS A O     1 
ATOM   1363 C CB    . LYS A 1 204 ? 13.895  1.869   6.745   1.00 44.38 ? 204 LYS A CB    1 
ATOM   1364 C CG    . LYS A 1 204 ? 14.000  2.642   5.418   1.00 45.31 ? 204 LYS A CG    1 
ATOM   1365 C CD    . LYS A 1 204 ? 15.028  2.057   4.440   1.00 45.86 ? 204 LYS A CD    1 
ATOM   1366 C CE    . LYS A 1 204 ? 14.404  1.011   3.510   1.00 46.83 ? 204 LYS A CE    1 
ATOM   1367 N NZ    . LYS A 1 204 ? 13.217  1.546   2.756   1.00 46.37 ? 204 LYS A NZ    1 
ATOM   1368 N N     . ASN A 1 205 ? 12.186  0.588   8.873   1.00 45.57 ? 205 ASN A N     1 
ATOM   1369 C CA    . ASN A 1 205 ? 11.927  0.177   10.253  1.00 46.67 ? 205 ASN A CA    1 
ATOM   1370 C C     . ASN A 1 205 ? 11.484  -1.276  10.391  1.00 47.30 ? 205 ASN A C     1 
ATOM   1371 O O     . ASN A 1 205 ? 11.886  -1.962  11.335  1.00 47.40 ? 205 ASN A O     1 
ATOM   1372 C CB    . ASN A 1 205 ? 10.920  1.117   10.919  1.00 46.68 ? 205 ASN A CB    1 
ATOM   1373 C CG    . ASN A 1 205 ? 11.437  2.545   11.029  1.00 47.24 ? 205 ASN A CG    1 
ATOM   1374 O OD1   . ASN A 1 205 ? 10.659  3.498   10.989  1.00 48.17 ? 205 ASN A OD1   1 
ATOM   1375 N ND2   . ASN A 1 205 ? 12.755  2.701   11.164  1.00 48.17 ? 205 ASN A ND2   1 
ATOM   1376 N N     . ASP A 1 206 ? 10.672  -1.743  9.445   1.00 48.08 ? 206 ASP A N     1 
ATOM   1377 C CA    . ASP A 1 206 ? 10.256  -3.143  9.415   1.00 49.00 ? 206 ASP A CA    1 
ATOM   1378 C C     . ASP A 1 206 ? 11.386  -4.100  9.061   1.00 48.94 ? 206 ASP A C     1 
ATOM   1379 O O     . ASP A 1 206 ? 11.528  -5.140  9.702   1.00 49.27 ? 206 ASP A O     1 
ATOM   1380 C CB    . ASP A 1 206 ? 9.069   -3.348  8.480   1.00 49.34 ? 206 ASP A CB    1 
ATOM   1381 C CG    . ASP A 1 206 ? 7.762   -3.097  9.168   1.00 50.94 ? 206 ASP A CG    1 
ATOM   1382 O OD1   . ASP A 1 206 ? 7.492   -1.919  9.500   1.00 53.13 ? 206 ASP A OD1   1 
ATOM   1383 O OD2   . ASP A 1 206 ? 7.014   -4.074  9.398   1.00 52.69 ? 206 ASP A OD2   1 
ATOM   1384 N N     . GLN A 1 207 ? 12.173  -3.751  8.043   1.00 49.09 ? 207 GLN A N     1 
ATOM   1385 C CA    . GLN A 1 207 ? 13.379  -4.510  7.700   1.00 49.37 ? 207 GLN A CA    1 
ATOM   1386 C C     . GLN A 1 207 ? 14.311  -4.634  8.913   1.00 49.03 ? 207 GLN A C     1 
ATOM   1387 O O     . GLN A 1 207 ? 14.801  -5.724  9.208   1.00 49.22 ? 207 GLN A O     1 
ATOM   1388 C CB    . GLN A 1 207 ? 14.112  -3.879  6.504   1.00 49.40 ? 207 GLN A CB    1 
ATOM   1389 C CG    . GLN A 1 207 ? 13.665  -4.409  5.132   1.00 50.28 ? 207 GLN A CG    1 
ATOM   1390 C CD    . GLN A 1 207 ? 14.153  -3.560  3.951   1.00 50.42 ? 207 GLN A CD    1 
ATOM   1391 O OE1   . GLN A 1 207 ? 15.201  -2.913  4.012   1.00 52.53 ? 207 GLN A OE1   1 
ATOM   1392 N NE2   . GLN A 1 207 ? 13.385  -3.572  2.865   1.00 51.17 ? 207 GLN A NE2   1 
ATOM   1393 N N     . ALA A 1 208 ? 14.521  -3.521  9.619   1.00 48.50 ? 208 ALA A N     1 
ATOM   1394 C CA    . ALA A 1 208 ? 15.346  -3.481  10.831  1.00 48.03 ? 208 ALA A CA    1 
ATOM   1395 C C     . ALA A 1 208 ? 14.795  -4.373  11.940  1.00 47.90 ? 208 ALA A C     1 
ATOM   1396 O O     . ALA A 1 208 ? 15.530  -5.176  12.512  1.00 47.64 ? 208 ALA A O     1 
ATOM   1397 C CB    . ALA A 1 208 ? 15.490  -2.052  11.325  1.00 48.02 ? 208 ALA A CB    1 
ATOM   1398 N N     . GLU A 1 209 ? 13.502  -4.238  12.233  1.00 47.81 ? 209 GLU A N     1 
ATOM   1399 C CA    . GLU A 1 209 ? 12.862  -5.032  13.286  1.00 47.81 ? 209 GLU A CA    1 
ATOM   1400 C C     . GLU A 1 209 ? 12.840  -6.536  12.992  1.00 48.12 ? 209 GLU A C     1 
ATOM   1401 O O     . GLU A 1 209 ? 13.073  -7.351  13.892  1.00 48.18 ? 209 GLU A O     1 
ATOM   1402 C CB    . GLU A 1 209 ? 11.445  -4.520  13.576  1.00 47.63 ? 209 GLU A CB    1 
ATOM   1403 C CG    . GLU A 1 209 ? 11.394  -3.274  14.459  1.00 46.85 ? 209 GLU A CG    1 
ATOM   1404 C CD    . GLU A 1 209 ? 11.728  -3.548  15.922  1.00 45.52 ? 209 GLU A CD    1 
ATOM   1405 O OE1   . GLU A 1 209 ? 11.694  -4.717  16.354  1.00 45.42 ? 209 GLU A OE1   1 
ATOM   1406 O OE2   . GLU A 1 209 ? 12.016  -2.581  16.653  1.00 45.59 ? 209 GLU A OE2   1 
ATOM   1407 N N     . SER A 1 210 ? 12.571  -6.893  11.734  1.00 48.29 ? 210 SER A N     1 
ATOM   1408 C CA    . SER A 1 210 ? 12.466  -8.298  11.325  1.00 48.45 ? 210 SER A CA    1 
ATOM   1409 C C     . SER A 1 210 ? 13.811  -9.032  11.293  1.00 48.39 ? 210 SER A C     1 
ATOM   1410 O O     . SER A 1 210 ? 13.891  -10.182 11.732  1.00 48.34 ? 210 SER A O     1 
ATOM   1411 C CB    . SER A 1 210 ? 11.754  -8.426  9.976   1.00 48.46 ? 210 SER A CB    1 
ATOM   1412 O OG    . SER A 1 210 ? 12.441  -7.696  8.979   1.00 49.32 ? 210 SER A OG    1 
ATOM   1413 N N     . ILE A 1 211 ? 14.859  -8.381  10.785  1.00 48.36 ? 211 ILE A N     1 
ATOM   1414 C CA    . ILE A 1 211 ? 16.202  -8.991  10.784  1.00 48.41 ? 211 ILE A CA    1 
ATOM   1415 C C     . ILE A 1 211 ? 16.725  -9.268  12.204  1.00 48.21 ? 211 ILE A C     1 
ATOM   1416 O O     . ILE A 1 211 ? 17.408  -10.270 12.429  1.00 48.09 ? 211 ILE A O     1 
ATOM   1417 C CB    . ILE A 1 211 ? 17.249  -8.198  9.928   1.00 48.46 ? 211 ILE A CB    1 
ATOM   1418 C CG1   . ILE A 1 211 ? 18.627  -8.878  9.946   1.00 48.98 ? 211 ILE A CG1   1 
ATOM   1419 C CG2   . ILE A 1 211 ? 17.400  -6.778  10.410  1.00 48.47 ? 211 ILE A CG2   1 
ATOM   1420 C CD1   . ILE A 1 211 ? 18.745  -10.141 9.079   1.00 49.65 ? 211 ILE A CD1   1 
ATOM   1421 N N     . LEU A 1 212 ? 16.385  -8.392  13.151  1.00 47.97 ? 212 LEU A N     1 
ATOM   1422 C CA    . LEU A 1 212 ? 16.744  -8.591  14.553  1.00 47.76 ? 212 LEU A CA    1 
ATOM   1423 C C     . LEU A 1 212 ? 16.100  -9.855  15.118  1.00 47.89 ? 212 LEU A C     1 
ATOM   1424 O O     . LEU A 1 212 ? 16.774  -10.669 15.753  1.00 47.55 ? 212 LEU A O     1 
ATOM   1425 C CB    . LEU A 1 212 ? 16.354  -7.376  15.403  1.00 47.77 ? 212 LEU A CB    1 
ATOM   1426 C CG    . LEU A 1 212 ? 16.755  -7.448  16.882  1.00 47.56 ? 212 LEU A CG    1 
ATOM   1427 C CD1   . LEU A 1 212 ? 18.264  -7.578  17.037  1.00 47.84 ? 212 LEU A CD1   1 
ATOM   1428 C CD2   . LEU A 1 212 ? 16.240  -6.254  17.658  1.00 47.57 ? 212 LEU A CD2   1 
ATOM   1429 N N     . LEU A 1 213 ? 14.799  -10.013 14.871  1.00 48.14 ? 213 LEU A N     1 
ATOM   1430 C CA    . LEU A 1 213 ? 14.041  -11.177 15.335  1.00 48.74 ? 213 LEU A CA    1 
ATOM   1431 C C     . LEU A 1 213 ? 14.641  -12.483 14.810  1.00 48.96 ? 213 LEU A C     1 
ATOM   1432 O O     . LEU A 1 213 ? 14.697  -13.478 15.536  1.00 48.89 ? 213 LEU A O     1 
ATOM   1433 C CB    . LEU A 1 213 ? 12.566  -11.057 14.936  1.00 48.63 ? 213 LEU A CB    1 
ATOM   1434 C CG    . LEU A 1 213 ? 11.514  -11.607 15.910  1.00 49.31 ? 213 LEU A CG    1 
ATOM   1435 C CD1   . LEU A 1 213 ? 11.510  -10.843 17.235  1.00 49.11 ? 213 LEU A CD1   1 
ATOM   1436 C CD2   . LEU A 1 213 ? 10.119  -11.578 15.283  1.00 49.09 ? 213 LEU A CD2   1 
ATOM   1437 N N     . ASP A 1 214 ? 15.096  -12.457 13.555  1.00 49.46 ? 214 ASP A N     1 
ATOM   1438 C CA    . ASP A 1 214 ? 15.773  -13.597 12.926  1.00 50.17 ? 214 ASP A CA    1 
ATOM   1439 C C     . ASP A 1 214 ? 17.152  -13.857 13.541  1.00 50.36 ? 214 ASP A C     1 
ATOM   1440 O O     . ASP A 1 214 ? 17.497  -15.003 13.836  1.00 50.13 ? 214 ASP A O     1 
ATOM   1441 C CB    . ASP A 1 214 ? 15.885  -13.394 11.407  1.00 50.40 ? 214 ASP A CB    1 
ATOM   1442 C CG    . ASP A 1 214 ? 14.652  -13.886 10.649  1.00 51.33 ? 214 ASP A CG    1 
ATOM   1443 O OD1   . ASP A 1 214 ? 14.813  -14.774 9.780   1.00 52.29 ? 214 ASP A OD1   1 
ATOM   1444 O OD2   . ASP A 1 214 ? 13.528  -13.397 10.914  1.00 51.89 ? 214 ASP A OD2   1 
ATOM   1445 N N     . GLN A 1 215 ? 17.926  -12.790 13.736  1.00 50.79 ? 215 GLN A N     1 
ATOM   1446 C CA    . GLN A 1 215 ? 19.222  -12.865 14.416  1.00 51.22 ? 215 GLN A CA    1 
ATOM   1447 C C     . GLN A 1 215 ? 19.089  -13.414 15.837  1.00 51.28 ? 215 GLN A C     1 
ATOM   1448 O O     . GLN A 1 215 ? 19.857  -14.289 16.241  1.00 51.13 ? 215 GLN A O     1 
ATOM   1449 C CB    . GLN A 1 215 ? 19.900  -11.490 14.443  1.00 51.15 ? 215 GLN A CB    1 
ATOM   1450 C CG    . GLN A 1 215 ? 20.485  -11.045 13.108  1.00 51.46 ? 215 GLN A CG    1 
ATOM   1451 C CD    . GLN A 1 215 ? 21.293  -9.761  13.217  1.00 51.76 ? 215 GLN A CD    1 
ATOM   1452 O OE1   . GLN A 1 215 ? 21.049  -8.928  14.093  1.00 52.60 ? 215 GLN A OE1   1 
ATOM   1453 N NE2   . GLN A 1 215 ? 22.264  -9.597  12.323  1.00 52.71 ? 215 GLN A NE2   1 
ATOM   1454 N N     . GLU A 1 216 ? 18.106  -12.897 16.579  1.00 51.58 ? 216 GLU A N     1 
ATOM   1455 C CA    . GLU A 1 216 ? 17.822  -13.332 17.952  1.00 51.98 ? 216 GLU A CA    1 
ATOM   1456 C C     . GLU A 1 216 ? 17.451  -14.810 18.054  1.00 52.28 ? 216 GLU A C     1 
ATOM   1457 O O     . GLU A 1 216 ? 18.032  -15.543 18.859  1.00 52.35 ? 216 GLU A O     1 
ATOM   1458 C CB    . GLU A 1 216 ? 16.702  -12.493 18.572  1.00 51.89 ? 216 GLU A CB    1 
ATOM   1459 C CG    . GLU A 1 216 ? 17.131  -11.130 19.082  1.00 51.79 ? 216 GLU A CG    1 
ATOM   1460 C CD    . GLU A 1 216 ? 15.949  -10.291 19.528  1.00 52.06 ? 216 GLU A CD    1 
ATOM   1461 O OE1   . GLU A 1 216 ? 14.917  -10.283 18.818  1.00 52.50 ? 216 GLU A OE1   1 
ATOM   1462 O OE2   . GLU A 1 216 ? 16.048  -9.641  20.587  1.00 51.61 ? 216 GLU A OE2   1 
ATOM   1463 N N     . GLN A 1 217 ? 16.485  -15.238 17.241  1.00 52.68 ? 217 GLN A N     1 
ATOM   1464 C CA    . GLN A 1 217 ? 16.029  -16.630 17.238  1.00 53.05 ? 217 GLN A CA    1 
ATOM   1465 C C     . GLN A 1 217 ? 17.184  -17.599 16.989  1.00 53.28 ? 217 GLN A C     1 
ATOM   1466 O O     . GLN A 1 217 ? 17.277  -18.632 17.649  1.00 53.32 ? 217 GLN A O     1 
ATOM   1467 C CB    . GLN A 1 217 ? 14.918  -16.839 16.202  1.00 53.00 ? 217 GLN A CB    1 
ATOM   1468 N N     . LEU A 1 218 ? 18.063  -17.241 16.054  1.00 53.82 ? 218 LEU A N     1 
ATOM   1469 C CA    . LEU A 1 218 ? 19.220  -18.066 15.690  1.00 54.33 ? 218 LEU A CA    1 
ATOM   1470 C C     . LEU A 1 218 ? 20.258  -18.185 16.810  1.00 54.50 ? 218 LEU A C     1 
ATOM   1471 O O     . LEU A 1 218 ? 20.826  -19.258 17.014  1.00 54.40 ? 218 LEU A O     1 
ATOM   1472 C CB    . LEU A 1 218 ? 19.882  -17.551 14.401  1.00 54.46 ? 218 LEU A CB    1 
ATOM   1473 C CG    . LEU A 1 218 ? 19.176  -17.784 13.052  1.00 54.94 ? 218 LEU A CG    1 
ATOM   1474 C CD1   . LEU A 1 218 ? 19.915  -17.063 11.925  1.00 54.94 ? 218 LEU A CD1   1 
ATOM   1475 C CD2   . LEU A 1 218 ? 19.031  -19.276 12.724  1.00 55.53 ? 218 LEU A CD2   1 
ATOM   1476 N N     . LEU A 1 219 ? 20.506  -17.088 17.525  1.00 54.84 ? 219 LEU A N     1 
ATOM   1477 C CA    . LEU A 1 219 ? 21.423  -17.116 18.663  1.00 55.34 ? 219 LEU A CA    1 
ATOM   1478 C C     . LEU A 1 219 ? 20.817  -17.839 19.873  1.00 55.69 ? 219 LEU A C     1 
ATOM   1479 O O     . LEU A 1 219 ? 21.495  -18.644 20.513  1.00 55.75 ? 219 LEU A O     1 
ATOM   1480 C CB    . LEU A 1 219 ? 21.901  -15.706 19.041  1.00 55.38 ? 219 LEU A CB    1 
ATOM   1481 C CG    . LEU A 1 219 ? 22.942  -15.600 20.165  1.00 55.27 ? 219 LEU A CG    1 
ATOM   1482 C CD1   . LEU A 1 219 ? 24.202  -16.410 19.853  1.00 55.17 ? 219 LEU A CD1   1 
ATOM   1483 C CD2   . LEU A 1 219 ? 23.294  -14.147 20.449  1.00 55.56 ? 219 LEU A CD2   1 
ATOM   1484 N N     . ASN A 1 220 ? 19.549  -17.550 20.174  1.00 56.14 ? 220 ASN A N     1 
ATOM   1485 C CA    . ASN A 1 220 ? 18.805  -18.255 21.228  1.00 56.62 ? 220 ASN A CA    1 
ATOM   1486 C C     . ASN A 1 220 ? 18.785  -19.772 21.018  1.00 57.03 ? 220 ASN A C     1 
ATOM   1487 O O     . ASN A 1 220 ? 18.768  -20.544 21.984  1.00 57.07 ? 220 ASN A O     1 
ATOM   1488 C CB    . ASN A 1 220 ? 17.370  -17.724 21.329  1.00 56.65 ? 220 ASN A CB    1 
ATOM   1489 C CG    . ASN A 1 220 ? 17.299  -16.283 21.824  1.00 56.81 ? 220 ASN A CG    1 
ATOM   1490 O OD1   . ASN A 1 220 ? 18.260  -15.749 22.388  1.00 56.65 ? 220 ASN A OD1   1 
ATOM   1491 N ND2   . ASN A 1 220 ? 16.148  -15.648 21.618  1.00 56.59 ? 220 ASN A ND2   1 
ATOM   1492 N N     . THR A 1 221 ? 18.775  -20.180 19.746  1.00 57.37 ? 221 THR A N     1 
ATOM   1493 C CA    . THR A 1 221 ? 18.915  -21.582 19.354  1.00 57.76 ? 221 THR A CA    1 
ATOM   1494 C C     . THR A 1 221 ? 20.329  -22.084 19.672  1.00 58.00 ? 221 THR A C     1 
ATOM   1495 O O     . THR A 1 221 ? 20.488  -23.110 20.338  1.00 58.19 ? 221 THR A O     1 
ATOM   1496 C CB    . THR A 1 221 ? 18.576  -21.782 17.849  1.00 57.78 ? 221 THR A CB    1 
ATOM   1497 O OG1   . THR A 1 221 ? 17.182  -21.527 17.629  1.00 57.69 ? 221 THR A OG1   1 
ATOM   1498 C CG2   . THR A 1 221 ? 18.899  -23.197 17.384  1.00 58.04 ? 221 THR A CG2   1 
ATOM   1499 N N     . LYS A 1 222 ? 21.341  -21.346 19.206  1.00 58.17 ? 222 LYS A N     1 
ATOM   1500 C CA    . LYS A 1 222 ? 22.752  -21.673 19.458  1.00 58.30 ? 222 LYS A CA    1 
ATOM   1501 C C     . LYS A 1 222 ? 23.047  -21.862 20.947  1.00 58.46 ? 222 LYS A C     1 
ATOM   1502 O O     . LYS A 1 222 ? 23.729  -22.812 21.336  1.00 58.54 ? 222 LYS A O     1 
ATOM   1503 C CB    . LYS A 1 222 ? 23.672  -20.590 18.882  1.00 58.18 ? 222 LYS A CB    1 
ATOM   1504 C CG    . LYS A 1 222 ? 23.843  -20.640 17.370  1.00 58.44 ? 222 LYS A CG    1 
ATOM   1505 N N     . LEU A 1 223 ? 22.515  -20.957 21.766  1.00 58.62 ? 223 LEU A N     1 
ATOM   1506 C CA    . LEU A 1 223 ? 22.744  -20.974 23.208  1.00 58.75 ? 223 LEU A CA    1 
ATOM   1507 C C     . LEU A 1 223 ? 21.774  -21.929 23.902  1.00 58.78 ? 223 LEU A C     1 
ATOM   1508 O O     . LEU A 1 223 ? 22.081  -22.483 24.958  1.00 58.78 ? 223 LEU A O     1 
ATOM   1509 C CB    . LEU A 1 223 ? 22.606  -19.561 23.789  1.00 58.84 ? 223 LEU A CB    1 
ATOM   1510 C CG    . LEU A 1 223 ? 23.417  -18.417 23.162  1.00 59.02 ? 223 LEU A CG    1 
ATOM   1511 C CD1   . LEU A 1 223 ? 22.838  -17.071 23.565  1.00 59.33 ? 223 LEU A CD1   1 
ATOM   1512 C CD2   . LEU A 1 223 ? 24.896  -18.496 23.524  1.00 59.18 ? 223 LEU A CD2   1 
HETATM 1513 P PB    . GDP B 2 .   ? -6.920  4.344   -9.759  1.00 22.92 ? 229 GDP A PB    1 
HETATM 1514 O O1B   . GDP B 2 .   ? -7.990  3.649   -10.584 1.00 21.35 ? 229 GDP A O1B   1 
HETATM 1515 O O2B   . GDP B 2 .   ? -6.973  3.807   -8.355  1.00 20.98 ? 229 GDP A O2B   1 
HETATM 1516 O O3B   . GDP B 2 .   ? -5.606  3.991   -10.383 1.00 23.39 ? 229 GDP A O3B   1 
HETATM 1517 O O3A   . GDP B 2 .   ? -7.176  5.926   -9.736  1.00 22.47 ? 229 GDP A O3A   1 
HETATM 1518 P PA    . GDP B 2 .   ? -6.688  6.958   -10.886 1.00 22.99 ? 229 GDP A PA    1 
HETATM 1519 O O1A   . GDP B 2 .   ? -6.934  6.365   -12.261 1.00 22.60 ? 229 GDP A O1A   1 
HETATM 1520 O O2A   . GDP B 2 .   ? -5.245  7.317   -10.705 1.00 23.61 ? 229 GDP A O2A   1 
HETATM 1521 O "O5'" . GDP B 2 .   ? -7.668  8.187   -10.593 1.00 22.92 ? 229 GDP A "O5'" 1 
HETATM 1522 C "C5'" . GDP B 2 .   ? -9.073  8.061   -10.857 1.00 24.53 ? 229 GDP A "C5'" 1 
HETATM 1523 C "C4'" . GDP B 2 .   ? -9.682  9.425   -11.150 1.00 25.38 ? 229 GDP A "C4'" 1 
HETATM 1524 O "O4'" . GDP B 2 .   ? -9.415  10.306  -10.051 1.00 25.70 ? 229 GDP A "O4'" 1 
HETATM 1525 C "C3'" . GDP B 2 .   ? -9.048  10.082  -12.369 1.00 25.73 ? 229 GDP A "C3'" 1 
HETATM 1526 O "O3'" . GDP B 2 .   ? -10.045 10.826  -13.068 1.00 25.70 ? 229 GDP A "O3'" 1 
HETATM 1527 C "C2'" . GDP B 2 .   ? -8.026  11.022  -11.769 1.00 25.29 ? 229 GDP A "C2'" 1 
HETATM 1528 O "O2'" . GDP B 2 .   ? -7.693  12.093  -12.651 1.00 25.68 ? 229 GDP A "O2'" 1 
HETATM 1529 C "C1'" . GDP B 2 .   ? -8.734  11.477  -10.506 1.00 25.63 ? 229 GDP A "C1'" 1 
HETATM 1530 N N9    . GDP B 2 .   ? -7.843  11.896  -9.408  1.00 25.52 ? 229 GDP A N9    1 
HETATM 1531 C C8    . GDP B 2 .   ? -6.667  11.322  -9.080  1.00 25.79 ? 229 GDP A C8    1 
HETATM 1532 N N7    . GDP B 2 .   ? -6.121  11.938  -8.004  1.00 25.73 ? 229 GDP A N7    1 
HETATM 1533 C C5    . GDP B 2 .   ? -6.961  12.924  -7.630  1.00 25.35 ? 229 GDP A C5    1 
HETATM 1534 C C6    . GDP B 2 .   ? -6.990  13.949  -6.561  1.00 25.38 ? 229 GDP A C6    1 
HETATM 1535 O O6    . GDP B 2 .   ? -6.047  14.026  -5.740  1.00 25.62 ? 229 GDP A O6    1 
HETATM 1536 N N1    . GDP B 2 .   ? -8.040  14.790  -6.515  1.00 25.57 ? 229 GDP A N1    1 
HETATM 1537 C C2    . GDP B 2 .   ? -9.063  14.721  -7.393  1.00 26.22 ? 229 GDP A C2    1 
HETATM 1538 N N2    . GDP B 2 .   ? -10.091 15.600  -7.275  1.00 25.98 ? 229 GDP A N2    1 
HETATM 1539 N N3    . GDP B 2 .   ? -9.101  13.795  -8.391  1.00 26.31 ? 229 GDP A N3    1 
HETATM 1540 C C4    . GDP B 2 .   ? -8.100  12.886  -8.554  1.00 25.23 ? 229 GDP A C4    1 
HETATM 1541 O O     . HOH C 3 .   ? -8.097  -0.253  -9.322  1.00 25.03 ? 230 HOH A O     1 
HETATM 1542 O O     . HOH C 3 .   ? -9.882  2.456   -1.212  1.00 24.23 ? 231 HOH A O     1 
HETATM 1543 O O     . HOH C 3 .   ? 1.442   13.573  2.899   1.00 31.81 ? 232 HOH A O     1 
HETATM 1544 O O     . HOH C 3 .   ? -13.758 -2.562  -4.608  1.00 30.92 ? 233 HOH A O     1 
HETATM 1545 O O     . HOH C 3 .   ? -9.515  -9.032  -5.500  1.00 30.89 ? 234 HOH A O     1 
HETATM 1546 O O     . HOH C 3 .   ? -0.413  -3.781  -6.274  1.00 36.49 ? 235 HOH A O     1 
HETATM 1547 O O     . HOH C 3 .   ? -14.456 2.751   -6.464  1.00 25.92 ? 236 HOH A O     1 
HETATM 1548 O O     . HOH C 3 .   ? -21.856 -0.027  -3.210  1.00 39.19 ? 237 HOH A O     1 
HETATM 1549 O O     . HOH C 3 .   ? 7.085   -13.057 -4.704  1.00 42.11 ? 238 HOH A O     1 
HETATM 1550 O O     . HOH C 3 .   ? -5.270  -2.918  -7.313  1.00 37.48 ? 239 HOH A O     1 
HETATM 1551 O O     . HOH C 3 .   ? -2.952  13.934  -11.446 1.00 25.20 ? 240 HOH A O     1 
HETATM 1552 O O     . HOH C 3 .   ? -9.633  12.408  -15.189 1.00 51.20 ? 241 HOH A O     1 
HETATM 1553 O O     . HOH C 3 .   ? -3.078  -1.736  -6.992  1.00 26.79 ? 242 HOH A O     1 
HETATM 1554 O O     . HOH C 3 .   ? -18.378 12.582  -3.974  1.00 38.81 ? 243 HOH A O     1 
HETATM 1555 O O     . HOH C 3 .   ? -19.423 8.967   4.229   1.00 41.38 ? 244 HOH A O     1 
HETATM 1556 O O     . HOH C 3 .   ? 10.881  -5.545  -10.438 1.00 35.58 ? 245 HOH A O     1 
HETATM 1557 O O     . HOH C 3 .   ? -3.363  -5.802  -12.532 1.00 35.94 ? 246 HOH A O     1 
HETATM 1558 O O     . HOH C 3 .   ? 11.753  0.144   15.186  1.00 50.92 ? 247 HOH A O     1 
HETATM 1559 O O     . HOH C 3 .   ? -11.835 12.370  -8.621  1.00 27.40 ? 248 HOH A O     1 
HETATM 1560 O O     . HOH C 3 .   ? 12.099  7.484   -11.744 1.00 42.33 ? 249 HOH A O     1 
HETATM 1561 O O     . HOH C 3 .   ? -15.312 -2.153  -6.807  1.00 47.66 ? 250 HOH A O     1 
HETATM 1562 O O     . HOH C 3 .   ? 10.793  8.879   -16.444 1.00 45.16 ? 251 HOH A O     1 
HETATM 1563 O O     . HOH C 3 .   ? 13.199  -8.332  18.891  1.00 32.30 ? 252 HOH A O     1 
HETATM 1564 O O     . HOH C 3 .   ? -21.310 3.136   3.539   1.00 36.98 ? 253 HOH A O     1 
HETATM 1565 O O     . HOH C 3 .   ? -4.813  12.029  -12.181 1.00 23.29 ? 254 HOH A O     1 
HETATM 1566 O O     . HOH C 3 .   ? 11.600  9.820   10.673  1.00 46.66 ? 255 HOH A O     1 
HETATM 1567 O O     . HOH C 3 .   ? -2.336  -14.254 6.005   1.00 37.71 ? 256 HOH A O     1 
HETATM 1568 O O     . HOH C 3 .   ? 14.459  -9.476  0.441   1.00 53.54 ? 257 HOH A O     1 
HETATM 1569 O O     . HOH C 3 .   ? 4.375   16.905  -2.893  1.00 28.93 ? 258 HOH A O     1 
HETATM 1570 O O     . HOH C 3 .   ? -10.373 -8.673  -11.238 1.00 45.48 ? 259 HOH A O     1 
HETATM 1571 O O     . HOH C 3 .   ? 12.301  -7.271  16.658  1.00 52.65 ? 260 HOH A O     1 
HETATM 1572 O O     . HOH C 3 .   ? -2.774  -8.290  -17.971 1.00 58.79 ? 261 HOH A O     1 
HETATM 1573 O O     . HOH C 3 .   ? -5.954  -10.417 -17.701 1.00 57.75 ? 262 HOH A O     1 
HETATM 1574 O O     . HOH C 3 .   ? -4.917  1.548   -11.080 1.00 26.36 ? 263 HOH A O     1 
HETATM 1575 O O     . HOH C 3 .   ? -18.612 6.565   5.002   1.00 32.58 ? 264 HOH A O     1 
HETATM 1576 O O     . HOH C 3 .   ? 15.862  -1.880  -3.405  1.00 40.44 ? 265 HOH A O     1 
HETATM 1577 O O     . HOH C 3 .   ? 10.586  -3.900  19.129  1.00 35.17 ? 266 HOH A O     1 
HETATM 1578 O O     . HOH C 3 .   ? -0.342  -10.595 8.127   1.00 53.53 ? 267 HOH A O     1 
HETATM 1579 O O     . HOH C 3 .   ? 18.228  -4.858  12.468  1.00 35.81 ? 268 HOH A O     1 
HETATM 1580 O O     . HOH C 3 .   ? -15.779 0.934   -7.355  1.00 27.49 ? 269 HOH A O     1 
HETATM 1581 O O     . HOH C 3 .   ? 14.758  2.944   -9.319  1.00 58.06 ? 270 HOH A O     1 
HETATM 1582 O O     . HOH C 3 .   ? 10.252  -3.284  -14.241 1.00 44.45 ? 271 HOH A O     1 
HETATM 1583 O O     . HOH C 3 .   ? -8.808  1.209   -11.648 1.00 32.09 ? 272 HOH A O     1 
HETATM 1584 O O     . HOH C 3 .   ? -10.368 -21.342 -8.536  1.00 57.24 ? 273 HOH A O     1 
HETATM 1585 O O     . HOH C 3 .   ? -0.376  8.937   12.928  1.00 43.85 ? 274 HOH A O     1 
HETATM 1586 O O     . HOH C 3 .   ? -4.703  20.513  -2.862  1.00 43.87 ? 275 HOH A O     1 
HETATM 1587 O O     . HOH C 3 .   ? -6.024  1.309   -13.476 1.00 49.90 ? 276 HOH A O     1 
HETATM 1588 O O     . HOH C 3 .   ? 5.386   2.608   14.870  1.00 65.01 ? 277 HOH A O     1 
HETATM 1589 O O     . HOH C 3 .   ? 13.537  -14.241 18.506  1.00 47.62 ? 278 HOH A O     1 
HETATM 1590 O O     . HOH C 3 .   ? -8.908  4.619   -12.862 1.00 44.65 ? 279 HOH A O     1 
HETATM 1591 O O     . HOH C 3 .   ? -4.456  -7.568  -19.990 1.00 42.48 ? 280 HOH A O     1 
HETATM 1592 O O     . HOH C 3 .   ? 20.868  2.770   -5.477  1.00 55.20 ? 281 HOH A O     1 
HETATM 1593 O O     . HOH C 3 .   ? -12.463 11.785  -11.381 1.00 47.69 ? 282 HOH A O     1 
HETATM 1594 O O     . HOH C 3 .   ? 0.430   3.199   14.798  1.00 51.29 ? 283 HOH A O     1 
HETATM 1595 O O     . HOH C 3 .   ? 18.435  9.139   -4.249  1.00 47.19 ? 284 HOH A O     1 
HETATM 1596 O O     . HOH C 3 .   ? -14.952 -5.309  -3.262  1.00 37.10 ? 285 HOH A O     1 
HETATM 1597 O O     . HOH C 3 .   ? -13.039 9.336   -9.550  1.00 41.59 ? 286 HOH A O     1 
HETATM 1598 O O     . HOH C 3 .   ? -15.342 2.943   -11.244 1.00 54.54 ? 287 HOH A O     1 
HETATM 1599 O O     . HOH C 3 .   ? 12.678  0.827   -16.579 1.00 52.85 ? 288 HOH A O     1 
HETATM 1600 O O     . HOH C 3 .   ? -16.098 0.722   -9.858  1.00 58.09 ? 289 HOH A O     1 
HETATM 1601 O O     . HOH C 3 .   ? 12.797  -11.363 -0.552  1.00 56.00 ? 290 HOH A O     1 
HETATM 1602 O O     . HOH C 3 .   ? 0.775   8.196   11.189  1.00 46.93 ? 291 HOH A O     1 
HETATM 1603 O O     . HOH C 3 .   ? -6.516  -0.587  -15.510 1.00 52.27 ? 292 HOH A O     1 
HETATM 1604 O O     . HOH C 3 .   ? -2.051  -1.051  15.588  1.00 59.02 ? 293 HOH A O     1 
HETATM 1605 O O     . HOH C 3 .   ? -18.554 0.864   -7.606  1.00 50.30 ? 294 HOH A O     1 
HETATM 1606 O O     . HOH C 3 .   ? 6.982   -3.883  5.397   1.00 40.41 ? 295 HOH A O     1 
HETATM 1607 O O     . HOH C 3 .   ? -14.610 -8.882  -6.078  1.00 49.38 ? 296 HOH A O     1 
HETATM 1608 O O     . HOH C 3 .   ? -14.287 -6.294  5.602   1.00 38.45 ? 297 HOH A O     1 
HETATM 1609 O O     . HOH C 3 .   ? -10.985 -11.772 3.729   1.00 47.07 ? 298 HOH A O     1 
HETATM 1610 O O     . HOH C 3 .   ? -6.707  4.274   -14.142 1.00 41.86 ? 299 HOH A O     1 
HETATM 1611 O O     . HOH C 3 .   ? -20.230 3.070   -7.050  1.00 44.70 ? 300 HOH A O     1 
HETATM 1612 O O     . HOH C 3 .   ? 21.266  -25.711 20.298  1.00 50.15 ? 301 HOH A O     1 
# 
